data_5JRB
#
_entry.id   5JRB
#
_cell.length_a   110.955
_cell.length_b   98.516
_cell.length_c   116.367
_cell.angle_alpha   90.00
_cell.angle_beta   91.99
_cell.angle_gamma   90.00
#
_symmetry.space_group_name_H-M   'P 1 21 1'
#
loop_
_entity.id
_entity.type
_entity.pdbx_description
1 polymer 'DNA repair protein RAD52 homolog'
2 water water
#
_entity_poly.entity_id   1
_entity_poly.type   'polypeptide(L)'
_entity_poly.pdbx_seq_one_letter_code
;GSHMSGTEEAILGGRDSHPAAGGGSVLCFGQCQYTAEEYQAIQKALRQRLGPEYISSRMAGGGQKVCYIEGHRVINLANE
MFGYNGWAHSITQQNVDFVDLNNGAFYVGVCAFVRVQLKDGSYHEDVGYGVSEGLASKALSLEKARKEAVTDGLKRALRS
FGNALGNCILDKDYLRSLNKLPRQLPLEVDLTKAKRQDLEPSVEAARYNSCRPNM
;
_entity_poly.pdbx_strand_id   A,B,C,D,E,F,G,H,I,J,K
#
# COMPACT_ATOMS: atom_id res chain seq x y z
N CYS A 28 -23.11 10.55 5.50
CA CYS A 28 -22.17 10.87 6.58
C CYS A 28 -21.28 12.04 6.19
N PHE A 29 -20.39 12.47 7.10
CA PHE A 29 -19.55 13.63 6.86
C PHE A 29 -18.65 13.42 5.66
N GLY A 30 -18.58 14.43 4.80
CA GLY A 30 -17.87 14.32 3.56
C GLY A 30 -18.71 13.86 2.40
N GLN A 31 -19.91 13.35 2.66
CA GLN A 31 -20.81 12.82 1.64
C GLN A 31 -22.14 13.55 1.57
N CYS A 32 -22.29 14.67 2.26
CA CYS A 32 -23.59 15.30 2.47
C CYS A 32 -23.66 16.58 1.64
N GLN A 33 -24.42 16.55 0.55
CA GLN A 33 -24.59 17.70 -0.32
C GLN A 33 -25.31 18.85 0.39
N TYR A 34 -24.99 20.07 -0.01
CA TYR A 34 -25.73 21.21 0.51
C TYR A 34 -27.06 21.33 -0.22
N THR A 35 -28.13 21.55 0.53
CA THR A 35 -29.38 21.93 -0.10
C THR A 35 -29.27 23.33 -0.68
N ALA A 36 -30.17 23.63 -1.61
CA ALA A 36 -30.20 24.95 -2.22
C ALA A 36 -30.32 26.05 -1.16
N GLU A 37 -31.22 25.86 -0.19
CA GLU A 37 -31.46 26.88 0.81
C GLU A 37 -30.22 27.10 1.67
N GLU A 38 -29.58 26.00 2.12
CA GLU A 38 -28.39 26.17 2.94
C GLU A 38 -27.24 26.72 2.11
N TYR A 39 -27.06 26.21 0.89
CA TYR A 39 -26.00 26.77 0.03
C TYR A 39 -26.18 28.27 -0.09
N GLN A 40 -27.40 28.70 -0.38
CA GLN A 40 -27.68 30.11 -0.64
C GLN A 40 -27.39 30.95 0.59
N ALA A 41 -27.90 30.55 1.75
CA ALA A 41 -27.68 31.35 2.95
C ALA A 41 -26.20 31.45 3.27
N ILE A 42 -25.45 30.35 3.15
CA ILE A 42 -24.04 30.39 3.54
C ILE A 42 -23.23 31.22 2.56
N GLN A 43 -23.48 31.07 1.27
CA GLN A 43 -22.78 31.85 0.26
C GLN A 43 -22.94 33.34 0.53
N LYS A 44 -24.16 33.78 0.79
CA LYS A 44 -24.38 35.20 1.06
C LYS A 44 -23.78 35.58 2.42
N ALA A 45 -23.88 34.68 3.40
CA ALA A 45 -23.39 35.00 4.74
C ALA A 45 -21.87 35.13 4.77
N LEU A 46 -21.16 34.29 4.01
CA LEU A 46 -19.71 34.34 4.07
C LEU A 46 -19.14 35.64 3.51
N ARG A 47 -19.90 36.37 2.68
CA ARG A 47 -19.42 37.64 2.14
C ARG A 47 -19.28 38.73 3.19
N GLN A 48 -20.02 38.65 4.29
CA GLN A 48 -19.97 39.72 5.29
C GLN A 48 -18.55 39.98 5.76
N ARG A 49 -18.20 41.26 5.90
CA ARG A 49 -16.99 41.61 6.62
C ARG A 49 -17.27 41.66 8.13
N LEU A 50 -16.20 41.56 8.91
CA LEU A 50 -16.33 41.40 10.34
C LEU A 50 -16.26 42.74 11.06
N GLY A 51 -17.12 42.92 12.06
CA GLY A 51 -17.08 44.10 12.90
C GLY A 51 -15.92 44.12 13.87
N PRO A 52 -15.72 45.27 14.54
CA PRO A 52 -14.56 45.41 15.44
C PRO A 52 -14.58 44.50 16.63
N GLU A 53 -15.74 43.92 16.95
CA GLU A 53 -15.81 42.92 17.99
C GLU A 53 -14.88 41.73 17.71
N TYR A 54 -14.56 41.46 16.45
CA TYR A 54 -13.78 40.28 16.09
C TYR A 54 -12.28 40.54 16.05
N ILE A 55 -11.87 41.79 16.07
CA ILE A 55 -10.52 42.16 15.70
C ILE A 55 -9.71 42.44 16.95
N SER A 56 -8.51 41.90 16.98
CA SER A 56 -7.53 42.18 18.02
C SER A 56 -6.34 42.84 17.34
N SER A 57 -5.40 43.30 18.16
CA SER A 57 -4.23 43.98 17.63
C SER A 57 -3.07 43.66 18.54
N ARG A 58 -1.87 43.78 17.99
CA ARG A 58 -0.68 43.32 18.67
C ARG A 58 0.49 44.16 18.17
N MET A 59 1.50 44.29 19.02
CA MET A 59 2.72 44.98 18.62
C MET A 59 3.58 44.04 17.80
N ALA A 60 3.93 44.45 16.58
CA ALA A 60 4.92 43.71 15.83
C ALA A 60 6.31 44.13 16.29
N GLY A 61 7.26 43.20 16.19
CA GLY A 61 8.61 43.52 16.60
C GLY A 61 9.24 44.57 15.70
N GLY A 62 9.37 45.80 16.20
CA GLY A 62 9.97 46.83 15.37
C GLY A 62 9.02 47.45 14.36
N GLY A 63 7.74 47.13 14.39
CA GLY A 63 6.84 47.63 13.36
C GLY A 63 5.40 47.85 13.78
N GLN A 64 4.52 47.92 12.79
CA GLN A 64 3.20 48.49 12.96
C GLN A 64 2.29 47.59 13.79
N LYS A 65 1.13 48.14 14.13
CA LYS A 65 0.07 47.31 14.69
C LYS A 65 -0.32 46.24 13.68
N VAL A 66 -0.42 45.01 14.13
CA VAL A 66 -0.89 43.91 13.30
C VAL A 66 -2.26 43.50 13.83
N CYS A 67 -3.26 43.48 12.95
CA CYS A 67 -4.59 43.05 13.33
C CYS A 67 -4.77 41.57 13.03
N TYR A 68 -5.52 40.87 13.90
CA TYR A 68 -5.73 39.45 13.74
C TYR A 68 -7.03 39.08 14.42
N ILE A 69 -7.46 37.84 14.21
CA ILE A 69 -8.65 37.31 14.84
C ILE A 69 -8.19 36.20 15.77
N GLU A 70 -8.75 36.16 16.97
CA GLU A 70 -8.35 35.10 17.89
C GLU A 70 -8.96 33.77 17.49
N GLY A 71 -8.22 32.69 17.78
CA GLY A 71 -8.64 31.36 17.36
C GLY A 71 -10.04 31.02 17.83
N HIS A 72 -10.32 31.25 19.12
CA HIS A 72 -11.62 30.84 19.64
C HIS A 72 -12.74 31.58 18.94
N ARG A 73 -12.47 32.78 18.42
CA ARG A 73 -13.48 33.50 17.65
C ARG A 73 -13.70 32.87 16.28
N VAL A 74 -12.62 32.46 15.61
CA VAL A 74 -12.78 31.76 14.35
C VAL A 74 -13.52 30.45 14.54
N ILE A 75 -13.21 29.72 15.62
CA ILE A 75 -13.90 28.46 15.85
C ILE A 75 -15.40 28.71 15.96
N ASN A 76 -15.79 29.72 16.74
CA ASN A 76 -17.21 30.01 16.91
C ASN A 76 -17.82 30.47 15.60
N LEU A 77 -17.10 31.29 14.84
CA LEU A 77 -17.58 31.66 13.52
C LEU A 77 -17.86 30.42 12.68
N ALA A 78 -16.90 29.48 12.65
CA ALA A 78 -17.08 28.28 11.84
C ALA A 78 -18.24 27.42 12.32
N ASN A 79 -18.37 27.25 13.64
CA ASN A 79 -19.47 26.43 14.18
C ASN A 79 -20.84 27.01 13.86
N GLU A 80 -20.98 28.34 13.90
CA GLU A 80 -22.25 28.93 13.58
C GLU A 80 -22.50 28.93 12.08
N MET A 81 -21.46 29.20 11.29
CA MET A 81 -21.58 29.23 9.84
C MET A 81 -21.91 27.88 9.27
N PHE A 82 -21.23 26.82 9.75
CA PHE A 82 -21.35 25.52 9.13
C PHE A 82 -22.10 24.51 9.99
N GLY A 83 -22.37 24.84 11.26
CA GLY A 83 -22.82 23.78 12.15
C GLY A 83 -21.65 23.06 12.80
N TYR A 84 -21.88 22.57 14.03
CA TYR A 84 -20.80 21.87 14.73
C TYR A 84 -20.33 20.66 13.95
N ASN A 85 -21.20 20.04 13.14
CA ASN A 85 -20.80 18.90 12.34
C ASN A 85 -20.69 19.26 10.86
N GLY A 86 -20.55 20.55 10.55
CA GLY A 86 -20.54 20.95 9.15
C GLY A 86 -19.13 21.18 8.62
N TRP A 87 -18.15 21.27 9.51
CA TRP A 87 -16.76 21.51 9.15
C TRP A 87 -15.86 20.64 10.03
N ALA A 88 -14.63 20.47 9.61
CA ALA A 88 -13.71 19.56 10.28
C ALA A 88 -12.31 20.03 9.94
N HIS A 89 -11.34 19.62 10.75
CA HIS A 89 -9.97 19.94 10.39
C HIS A 89 -9.01 18.90 10.95
N SER A 90 -7.89 18.75 10.24
CA SER A 90 -6.86 17.83 10.66
C SER A 90 -5.52 18.50 10.42
N ILE A 91 -4.50 17.98 11.08
CA ILE A 91 -3.13 18.42 10.92
C ILE A 91 -2.46 17.46 9.95
N THR A 92 -2.25 17.90 8.71
CA THR A 92 -1.56 17.04 7.75
C THR A 92 -0.12 16.79 8.17
N GLN A 93 0.55 17.79 8.71
CA GLN A 93 1.95 17.62 9.11
C GLN A 93 2.34 18.82 9.97
N GLN A 94 3.26 18.61 10.89
CA GLN A 94 3.90 19.67 11.64
C GLN A 94 5.41 19.42 11.63
N ASN A 95 6.18 20.47 11.41
CA ASN A 95 7.63 20.32 11.45
C ASN A 95 8.22 21.41 12.31
N VAL A 96 9.16 21.01 13.18
CA VAL A 96 9.98 21.96 13.92
C VAL A 96 11.09 22.43 12.98
N ASP A 97 11.02 23.68 12.56
CA ASP A 97 12.09 24.17 11.69
C ASP A 97 13.42 24.28 12.43
N PHE A 98 13.41 24.73 13.69
CA PHE A 98 14.67 24.91 14.43
C PHE A 98 14.37 25.14 15.90
N VAL A 99 15.30 24.66 16.74
CA VAL A 99 15.41 25.02 18.14
C VAL A 99 16.83 25.53 18.34
N ASP A 100 16.96 26.85 18.46
CA ASP A 100 18.24 27.55 18.63
C ASP A 100 18.32 28.15 20.03
N LEU A 101 19.48 27.98 20.69
CA LEU A 101 19.74 28.55 22.02
C LEU A 101 20.80 29.66 21.87
N ASN A 102 20.41 30.91 22.13
CA ASN A 102 21.32 32.04 22.02
C ASN A 102 21.17 32.94 23.24
N ASN A 103 22.23 33.05 24.05
CA ASN A 103 22.24 33.94 25.24
C ASN A 103 21.17 33.56 26.25
N GLY A 104 21.11 32.26 26.59
CA GLY A 104 20.18 31.74 27.59
C GLY A 104 18.70 31.76 27.23
N ALA A 105 18.36 32.01 25.97
CA ALA A 105 16.99 32.01 25.50
C ALA A 105 16.84 31.08 24.31
N PHE A 106 15.65 30.50 24.17
CA PHE A 106 15.38 29.58 23.07
C PHE A 106 14.65 30.30 21.96
N TYR A 107 15.01 29.95 20.73
CA TYR A 107 14.34 30.44 19.54
C TYR A 107 13.83 29.24 18.75
N VAL A 108 12.52 29.21 18.54
CA VAL A 108 11.83 28.08 17.92
C VAL A 108 10.87 28.60 16.84
N GLY A 109 10.94 27.99 15.67
CA GLY A 109 9.93 28.16 14.62
C GLY A 109 9.33 26.81 14.26
N VAL A 110 8.01 26.79 14.10
CA VAL A 110 7.28 25.55 13.80
C VAL A 110 6.23 25.86 12.74
N CYS A 111 6.13 25.01 11.72
CA CYS A 111 5.06 25.10 10.75
C CYS A 111 4.07 23.96 10.93
N ALA A 112 2.85 24.21 10.50
CA ALA A 112 1.81 23.20 10.56
C ALA A 112 1.03 23.27 9.27
N PHE A 113 0.63 22.13 8.75
CA PHE A 113 -0.25 22.13 7.60
C PHE A 113 -1.61 21.64 8.06
N VAL A 114 -2.60 22.50 7.92
CA VAL A 114 -3.93 22.31 8.47
C VAL A 114 -4.91 22.30 7.31
N ARG A 115 -5.71 21.24 7.24
CA ARG A 115 -6.69 21.05 6.19
C ARG A 115 -8.08 21.06 6.78
N VAL A 116 -8.90 21.99 6.31
CA VAL A 116 -10.28 22.11 6.74
C VAL A 116 -11.16 21.53 5.65
N GLN A 117 -12.18 20.79 6.06
CA GLN A 117 -13.12 20.19 5.14
C GLN A 117 -14.53 20.47 5.60
N LEU A 118 -15.42 20.71 4.64
CA LEU A 118 -16.85 20.82 4.93
C LEU A 118 -17.51 19.47 4.72
N LYS A 119 -18.76 19.36 5.19
CA LYS A 119 -19.46 18.08 5.20
C LYS A 119 -19.72 17.53 3.80
N ASP A 120 -19.60 18.36 2.78
CA ASP A 120 -19.85 17.91 1.43
C ASP A 120 -18.58 17.50 0.73
N GLY A 121 -17.45 17.59 1.42
CA GLY A 121 -16.17 17.20 0.87
C GLY A 121 -15.30 18.34 0.42
N SER A 122 -15.84 19.54 0.24
CA SER A 122 -15.00 20.67 -0.13
C SER A 122 -13.96 20.96 0.96
N TYR A 123 -12.84 21.57 0.56
CA TYR A 123 -11.74 21.62 1.51
C TYR A 123 -10.78 22.75 1.17
N HIS A 124 -10.01 23.15 2.18
CA HIS A 124 -8.92 24.07 1.99
C HIS A 124 -7.84 23.72 2.99
N GLU A 125 -6.62 23.84 2.57
CA GLU A 125 -5.48 23.52 3.39
C GLU A 125 -4.57 24.71 3.30
N ASP A 126 -3.90 25.04 4.39
CA ASP A 126 -2.95 26.13 4.38
C ASP A 126 -1.90 25.86 5.44
N VAL A 127 -0.85 26.63 5.40
CA VAL A 127 0.23 26.48 6.38
C VAL A 127 0.07 27.54 7.44
N GLY A 128 0.41 27.18 8.68
CA GLY A 128 0.46 28.12 9.77
C GLY A 128 1.85 28.03 10.39
N TYR A 129 2.23 29.08 11.11
CA TYR A 129 3.55 29.12 11.69
C TYR A 129 3.45 29.52 13.15
N GLY A 130 4.36 29.00 13.93
CA GLY A 130 4.36 29.24 15.35
C GLY A 130 5.78 29.61 15.78
N VAL A 131 5.84 30.64 16.61
CA VAL A 131 7.12 31.26 16.93
C VAL A 131 7.21 31.38 18.44
N SER A 132 8.37 31.06 18.99
CA SER A 132 8.65 31.38 20.38
C SER A 132 10.05 31.93 20.43
N GLU A 133 10.19 33.16 20.91
CA GLU A 133 11.48 33.83 21.01
C GLU A 133 11.68 34.36 22.42
N GLY A 134 12.82 34.01 23.01
CA GLY A 134 13.27 34.56 24.28
C GLY A 134 12.98 33.75 25.53
N LEU A 135 12.16 32.71 25.49
CA LEU A 135 11.93 31.99 26.74
C LEU A 135 13.13 31.13 27.10
N ALA A 136 13.30 30.87 28.40
CA ALA A 136 14.44 30.06 28.84
C ALA A 136 14.12 28.58 28.93
N SER A 137 12.84 28.21 28.99
CA SER A 137 12.43 26.82 28.95
C SER A 137 12.26 26.38 27.50
N LYS A 138 13.06 25.40 27.09
CA LYS A 138 12.84 24.78 25.79
C LYS A 138 11.45 24.16 25.74
N ALA A 139 11.01 23.58 26.86
CA ALA A 139 9.68 22.98 26.89
C ALA A 139 8.61 24.01 26.53
N LEU A 140 8.57 25.15 27.25
CA LEU A 140 7.49 26.10 26.97
C LEU A 140 7.63 26.75 25.60
N SER A 141 8.85 26.87 25.10
CA SER A 141 9.06 27.38 23.75
C SER A 141 8.40 26.48 22.72
N LEU A 142 8.72 25.17 22.78
CA LEU A 142 8.13 24.20 21.85
C LEU A 142 6.62 24.10 22.02
N GLU A 143 6.12 24.08 23.27
CA GLU A 143 4.68 24.02 23.45
C GLU A 143 4.00 25.20 22.74
N LYS A 144 4.50 26.42 22.96
CA LYS A 144 3.89 27.62 22.40
C LYS A 144 3.91 27.59 20.88
N ALA A 145 5.07 27.32 20.29
CA ALA A 145 5.17 27.32 18.84
C ALA A 145 4.34 26.19 18.22
N ARG A 146 4.38 24.97 18.82
CA ARG A 146 3.62 23.89 18.20
C ARG A 146 2.13 24.21 18.21
N LYS A 147 1.60 24.72 19.31
CA LYS A 147 0.17 24.99 19.34
C LYS A 147 -0.18 26.20 18.48
N GLU A 148 0.63 27.24 18.53
CA GLU A 148 0.35 28.44 17.74
C GLU A 148 0.38 28.11 16.25
N ALA A 149 1.29 27.24 15.83
CA ALA A 149 1.32 26.83 14.42
C ALA A 149 0.00 26.22 13.97
N VAL A 150 -0.58 25.35 14.80
CA VAL A 150 -1.83 24.69 14.44
C VAL A 150 -2.95 25.71 14.33
N THR A 151 -3.09 26.54 15.38
CA THR A 151 -4.16 27.53 15.38
C THR A 151 -4.01 28.49 14.22
N ASP A 152 -2.79 28.94 13.97
CA ASP A 152 -2.52 29.84 12.84
C ASP A 152 -2.91 29.18 11.52
N GLY A 153 -2.54 27.90 11.35
CA GLY A 153 -2.91 27.19 10.14
C GLY A 153 -4.41 26.97 10.04
N LEU A 154 -5.06 26.68 11.15
CA LEU A 154 -6.50 26.57 11.09
C LEU A 154 -7.13 27.90 10.64
N LYS A 155 -6.66 29.03 11.18
CA LYS A 155 -7.21 30.33 10.79
C LYS A 155 -6.97 30.59 9.31
N ARG A 156 -5.76 30.32 8.81
CA ARG A 156 -5.50 30.57 7.40
C ARG A 156 -6.34 29.67 6.50
N ALA A 157 -6.59 28.43 6.92
CA ALA A 157 -7.41 27.54 6.08
C ALA A 157 -8.85 28.00 6.04
N LEU A 158 -9.44 28.33 7.19
CA LEU A 158 -10.84 28.72 7.19
C LEU A 158 -11.08 30.04 6.42
N ARG A 159 -10.12 30.96 6.46
CA ARG A 159 -10.32 32.25 5.81
C ARG A 159 -10.56 32.10 4.31
N SER A 160 -10.19 30.95 3.72
CA SER A 160 -10.36 30.76 2.28
C SER A 160 -11.82 30.62 1.89
N PHE A 161 -12.70 30.34 2.86
CA PHE A 161 -14.11 30.25 2.55
C PHE A 161 -14.79 31.60 2.39
N GLY A 162 -14.18 32.68 2.86
CA GLY A 162 -14.74 34.00 2.60
C GLY A 162 -14.44 35.00 3.70
N ASN A 163 -15.00 36.21 3.49
CA ASN A 163 -14.76 37.33 4.39
C ASN A 163 -15.15 37.01 5.82
N ALA A 164 -16.30 36.36 6.00
CA ALA A 164 -16.83 36.20 7.34
C ALA A 164 -15.95 35.35 8.24
N LEU A 165 -15.07 34.53 7.65
CA LEU A 165 -14.17 33.68 8.40
C LEU A 165 -12.74 34.20 8.40
N GLY A 166 -12.53 35.46 8.02
CA GLY A 166 -11.22 36.09 8.15
C GLY A 166 -10.56 36.55 6.87
N ASN A 167 -11.15 36.34 5.70
CA ASN A 167 -10.49 36.80 4.49
C ASN A 167 -10.41 38.32 4.41
N CYS A 168 -11.23 39.04 5.18
CA CYS A 168 -11.18 40.50 5.14
C CYS A 168 -9.95 41.08 5.84
N ILE A 169 -9.29 40.33 6.73
CA ILE A 169 -8.25 40.90 7.58
C ILE A 169 -7.07 41.46 6.79
N LEU A 170 -6.80 40.93 5.60
CA LEU A 170 -5.65 41.38 4.83
C LEU A 170 -6.00 42.49 3.85
N ASP A 171 -7.28 42.81 3.71
CA ASP A 171 -7.77 43.86 2.85
C ASP A 171 -7.41 45.22 3.43
N LYS A 172 -6.39 45.86 2.86
CA LYS A 172 -5.94 47.12 3.42
C LYS A 172 -7.03 48.21 3.38
N ASP A 173 -8.04 48.07 2.50
CA ASP A 173 -9.18 48.98 2.59
C ASP A 173 -10.07 48.65 3.76
N TYR A 174 -10.33 47.35 3.99
CA TYR A 174 -11.08 46.95 5.17
C TYR A 174 -10.42 47.47 6.44
N LEU A 175 -9.09 47.40 6.49
CA LEU A 175 -8.40 47.81 7.70
C LEU A 175 -8.50 49.31 7.92
N ARG A 176 -8.63 50.07 6.83
CA ARG A 176 -8.76 51.52 6.95
C ARG A 176 -10.12 51.89 7.54
N SER A 177 -11.19 51.28 7.02
CA SER A 177 -12.50 51.56 7.60
C SER A 177 -12.57 51.16 9.07
N LEU A 178 -11.88 50.10 9.47
CA LEU A 178 -11.90 49.70 10.88
C LEU A 178 -11.32 50.79 11.77
N ASN A 179 -10.26 51.44 11.29
CA ASN A 179 -9.65 52.52 12.05
C ASN A 179 -10.59 53.72 12.17
N LYS A 180 -11.50 53.91 11.23
CA LYS A 180 -12.45 55.01 11.29
C LYS A 180 -13.68 54.69 12.13
N LEU A 181 -13.63 53.66 13.01
CA LEU A 181 -14.77 53.45 13.87
C LEU A 181 -14.45 53.83 15.29
N PRO A 182 -15.42 54.38 16.02
CA PRO A 182 -15.22 54.66 17.44
C PRO A 182 -14.75 53.40 18.15
N ARG A 183 -13.65 53.51 18.87
CA ARG A 183 -13.17 52.37 19.66
C ARG A 183 -14.13 52.13 20.83
N GLN A 184 -14.78 50.97 20.84
CA GLN A 184 -15.89 50.70 21.75
C GLN A 184 -15.44 49.87 22.94
N LEU A 185 -16.39 49.61 23.85
CA LEU A 185 -16.14 48.84 25.06
C LEU A 185 -15.91 47.37 24.73
N PRO A 186 -15.50 46.57 25.72
CA PRO A 186 -15.68 45.13 25.62
C PRO A 186 -17.08 44.74 26.05
N LEU A 187 -17.54 43.61 25.50
CA LEU A 187 -18.86 43.10 25.82
C LEU A 187 -18.87 42.51 27.23
N GLU A 188 -20.02 42.52 27.88
CA GLU A 188 -20.20 41.84 29.15
C GLU A 188 -20.97 40.55 28.90
N VAL A 189 -20.44 39.47 29.44
CA VAL A 189 -21.07 38.17 29.28
C VAL A 189 -21.99 37.95 30.46
N ASP A 190 -23.22 37.55 30.17
CA ASP A 190 -24.23 37.28 31.18
C ASP A 190 -24.23 35.78 31.46
N LEU A 191 -23.62 35.40 32.57
CA LEU A 191 -23.51 33.98 32.89
C LEU A 191 -24.74 33.43 33.57
N THR A 192 -25.87 34.13 33.50
CA THR A 192 -27.03 33.63 34.23
C THR A 192 -27.51 32.31 33.64
N LYS A 193 -27.43 32.16 32.32
CA LYS A 193 -27.80 30.90 31.69
C LYS A 193 -26.60 29.99 31.36
N ALA A 194 -25.51 30.10 32.12
CA ALA A 194 -24.33 29.26 31.88
C ALA A 194 -24.62 27.81 32.27
N LYS A 195 -24.01 26.89 31.54
CA LYS A 195 -24.16 25.48 31.89
C LYS A 195 -23.50 25.23 33.24
N ARG A 196 -24.24 24.56 34.13
CA ARG A 196 -23.73 24.22 35.46
C ARG A 196 -23.77 22.73 35.75
N GLN A 197 -24.28 21.92 34.83
CA GLN A 197 -24.44 20.50 35.05
C GLN A 197 -24.13 19.81 33.73
N ASP A 198 -23.62 18.57 33.80
CA ASP A 198 -23.26 17.85 32.58
C ASP A 198 -24.49 17.49 31.76
N LEU A 199 -25.58 17.12 32.42
CA LEU A 199 -26.74 16.54 31.74
C LEU A 199 -27.38 17.51 30.76
N GLU A 200 -27.84 16.98 29.63
CA GLU A 200 -28.50 17.73 28.57
C GLU A 200 -29.78 17.00 28.18
N PRO A 201 -30.89 17.28 28.86
CA PRO A 201 -32.12 16.51 28.58
C PRO A 201 -32.56 16.61 27.14
N SER A 202 -32.44 17.79 26.53
CA SER A 202 -32.87 17.96 25.14
C SER A 202 -32.02 17.13 24.21
N VAL A 203 -30.71 17.06 24.47
CA VAL A 203 -29.86 16.19 23.67
C VAL A 203 -30.19 14.73 23.92
N GLU A 204 -30.35 14.36 25.20
CA GLU A 204 -30.65 12.97 25.53
C GLU A 204 -31.99 12.54 24.94
N ALA A 205 -32.99 13.43 24.96
CA ALA A 205 -34.26 13.12 24.33
C ALA A 205 -34.08 12.92 22.84
N ALA A 206 -33.46 13.87 22.18
CA ALA A 206 -33.28 13.78 20.73
C ALA A 206 -32.44 12.57 20.34
N ARG A 207 -31.44 12.23 21.16
CA ARG A 207 -30.58 11.09 20.82
C ARG A 207 -31.30 9.77 21.05
N TYR A 208 -32.11 9.69 22.11
CA TYR A 208 -32.86 8.46 22.36
C TYR A 208 -33.83 8.18 21.22
N ASN A 209 -34.55 9.21 20.79
CA ASN A 209 -35.59 9.09 19.78
C ASN A 209 -35.01 8.79 18.40
N SER A 210 -33.69 8.56 18.33
CA SER A 210 -33.01 8.40 17.06
C SER A 210 -32.45 7.00 16.84
N CYS A 211 -32.78 6.04 17.69
CA CYS A 211 -32.24 4.70 17.51
C CYS A 211 -33.28 3.67 17.04
N CYS B 28 -22.70 2.27 11.25
CA CYS B 28 -21.77 2.18 12.39
C CYS B 28 -21.07 3.53 12.59
N PHE B 29 -20.17 3.59 13.59
CA PHE B 29 -19.51 4.83 13.95
C PHE B 29 -18.76 5.39 12.75
N GLY B 30 -18.93 6.67 12.49
CA GLY B 30 -18.38 7.26 11.28
C GLY B 30 -19.33 7.23 10.11
N GLN B 31 -20.40 6.45 10.20
CA GLN B 31 -21.42 6.43 9.19
C GLN B 31 -22.80 6.78 9.75
N CYS B 32 -22.90 7.19 11.01
CA CYS B 32 -24.21 7.43 11.61
C CYS B 32 -24.52 8.92 11.48
N GLN B 33 -25.04 9.31 10.32
CA GLN B 33 -25.57 10.65 10.14
C GLN B 33 -26.43 11.09 11.32
N TYR B 34 -26.28 12.35 11.73
CA TYR B 34 -27.15 12.92 12.76
C TYR B 34 -28.53 13.19 12.21
N THR B 35 -29.56 12.85 12.99
CA THR B 35 -30.88 13.33 12.68
C THR B 35 -30.99 14.81 13.01
N ALA B 36 -31.95 15.47 12.35
CA ALA B 36 -32.19 16.88 12.59
C ALA B 36 -32.45 17.15 14.06
N GLU B 37 -33.25 16.30 14.71
CA GLU B 37 -33.63 16.56 16.09
C GLU B 37 -32.40 16.58 17.00
N GLU B 38 -31.45 15.67 16.76
CA GLU B 38 -30.24 15.64 17.58
C GLU B 38 -29.27 16.74 17.16
N TYR B 39 -29.12 16.99 15.85
CA TYR B 39 -28.27 18.07 15.40
C TYR B 39 -28.66 19.38 16.07
N GLN B 40 -29.94 19.75 15.93
CA GLN B 40 -30.42 21.03 16.47
C GLN B 40 -30.25 21.10 17.97
N ALA B 41 -30.46 19.98 18.66
CA ALA B 41 -30.28 20.00 20.11
C ALA B 41 -28.82 20.24 20.46
N ILE B 42 -27.88 19.58 19.74
CA ILE B 42 -26.46 19.68 20.10
C ILE B 42 -25.90 21.04 19.71
N GLN B 43 -26.26 21.54 18.53
CA GLN B 43 -25.80 22.87 18.09
C GLN B 43 -26.20 23.95 19.07
N LYS B 44 -27.45 23.92 19.52
CA LYS B 44 -27.87 24.86 20.55
C LYS B 44 -27.08 24.63 21.84
N ALA B 45 -26.92 23.36 22.22
CA ALA B 45 -26.28 23.03 23.49
C ALA B 45 -24.80 23.41 23.51
N LEU B 46 -24.09 23.27 22.39
CA LEU B 46 -22.67 23.58 22.39
C LEU B 46 -22.39 25.07 22.53
N ARG B 47 -23.38 25.94 22.24
CA ARG B 47 -23.20 27.39 22.39
C ARG B 47 -22.99 27.81 23.83
N GLN B 48 -23.58 27.08 24.78
CA GLN B 48 -23.59 27.50 26.17
C GLN B 48 -22.18 27.70 26.71
N ARG B 49 -22.02 28.73 27.53
CA ARG B 49 -20.81 28.89 28.32
C ARG B 49 -20.90 28.03 29.57
N LEU B 50 -19.73 27.72 30.13
CA LEU B 50 -19.68 26.85 31.29
C LEU B 50 -19.69 27.74 32.53
N GLY B 51 -20.43 27.31 33.55
CA GLY B 51 -20.45 27.99 34.82
C GLY B 51 -19.18 27.76 35.62
N PRO B 52 -19.05 28.44 36.75
CA PRO B 52 -17.82 28.33 37.55
C PRO B 52 -17.61 26.95 38.11
N GLU B 53 -18.63 26.09 38.11
CA GLU B 53 -18.47 24.70 38.52
C GLU B 53 -17.45 23.96 37.67
N TYR B 54 -17.23 24.39 36.43
CA TYR B 54 -16.31 23.69 35.55
C TYR B 54 -14.90 24.24 35.58
N ILE B 55 -14.68 25.42 36.12
CA ILE B 55 -13.43 26.13 35.86
C ILE B 55 -12.50 26.00 37.06
N SER B 56 -11.23 25.72 36.79
CA SER B 56 -10.20 25.68 37.81
C SER B 56 -9.22 26.81 37.54
N SER B 57 -8.31 27.02 38.50
CA SER B 57 -7.38 28.12 38.38
C SER B 57 -6.05 27.76 39.01
N ARG B 58 -4.98 28.28 38.43
CA ARG B 58 -3.68 28.34 39.07
C ARG B 58 -3.10 29.71 38.75
N MET B 59 -2.25 30.21 39.66
CA MET B 59 -1.51 31.44 39.36
C MET B 59 -0.39 31.13 38.38
N ALA B 60 -0.30 31.91 37.31
CA ALA B 60 0.71 31.70 36.28
C ALA B 60 1.82 32.73 36.40
N GLY B 61 3.02 32.30 35.99
CA GLY B 61 4.22 33.12 35.99
C GLY B 61 4.21 34.28 35.02
N GLY B 62 4.23 35.50 35.53
CA GLY B 62 4.24 36.64 34.62
C GLY B 62 2.89 37.07 34.10
N GLY B 63 1.80 36.48 34.59
CA GLY B 63 0.48 36.79 34.10
C GLY B 63 -0.52 36.61 35.23
N GLN B 64 -1.80 36.79 34.90
CA GLN B 64 -2.85 36.65 35.89
C GLN B 64 -3.05 35.16 36.20
N LYS B 65 -4.03 34.85 37.03
CA LYS B 65 -4.46 33.47 37.17
C LYS B 65 -4.80 32.91 35.80
N VAL B 66 -4.42 31.65 35.56
CA VAL B 66 -4.78 30.95 34.34
C VAL B 66 -5.94 30.02 34.65
N CYS B 67 -7.00 30.10 33.86
CA CYS B 67 -8.15 29.24 34.02
C CYS B 67 -8.03 28.03 33.10
N TYR B 68 -8.56 26.90 33.56
CA TYR B 68 -8.49 25.68 32.78
C TYR B 68 -9.62 24.75 33.23
N ILE B 69 -9.86 23.72 32.43
CA ILE B 69 -10.86 22.72 32.77
C ILE B 69 -10.14 21.38 32.90
N GLU B 70 -10.45 20.66 33.97
CA GLU B 70 -9.79 19.38 34.20
C GLU B 70 -10.31 18.33 33.23
N GLY B 71 -9.42 17.39 32.90
CA GLY B 71 -9.73 16.39 31.89
C GLY B 71 -11.02 15.63 32.16
N HIS B 72 -11.20 15.18 33.40
CA HIS B 72 -12.34 14.34 33.69
C HIS B 72 -13.66 15.09 33.49
N ARG B 73 -13.64 16.42 33.60
CA ARG B 73 -14.83 17.22 33.29
C ARG B 73 -15.07 17.30 31.79
N VAL B 74 -14.02 17.51 31.00
CA VAL B 74 -14.22 17.51 29.56
C VAL B 74 -14.79 16.17 29.10
N ILE B 75 -14.26 15.07 29.63
CA ILE B 75 -14.76 13.75 29.24
C ILE B 75 -16.25 13.59 29.56
N ASN B 76 -16.66 14.00 30.77
CA ASN B 76 -18.08 13.91 31.08
C ASN B 76 -18.92 14.85 30.22
N LEU B 77 -18.43 16.07 29.96
CA LEU B 77 -19.12 16.94 29.01
C LEU B 77 -19.30 16.25 27.66
N ALA B 78 -18.21 15.67 27.13
CA ALA B 78 -18.28 15.00 25.83
C ALA B 78 -19.25 13.81 25.89
N ASN B 79 -19.22 13.05 26.97
CA ASN B 79 -20.13 11.91 27.10
C ASN B 79 -21.59 12.32 27.16
N GLU B 80 -21.87 13.41 27.89
CA GLU B 80 -23.26 13.81 27.94
C GLU B 80 -23.69 14.49 26.64
N MET B 81 -22.79 15.27 26.02
CA MET B 81 -23.12 15.97 24.78
C MET B 81 -23.38 15.00 23.63
N PHE B 82 -22.53 13.98 23.47
CA PHE B 82 -22.58 13.12 22.31
C PHE B 82 -23.03 11.69 22.59
N GLY B 83 -23.13 11.31 23.85
CA GLY B 83 -23.32 9.90 24.14
C GLY B 83 -21.99 9.19 24.29
N TYR B 84 -22.00 8.13 25.12
CA TYR B 84 -20.78 7.38 25.36
C TYR B 84 -20.22 6.81 24.07
N ASN B 85 -21.10 6.54 23.11
CA ASN B 85 -20.75 6.02 21.81
C ASN B 85 -20.88 7.05 20.69
N GLY B 86 -20.96 8.32 21.02
CA GLY B 86 -21.14 9.31 19.97
C GLY B 86 -19.88 10.04 19.56
N TRP B 87 -18.82 9.93 20.37
CA TRP B 87 -17.55 10.61 20.10
C TRP B 87 -16.44 9.61 20.38
N ALA B 88 -15.29 9.87 19.77
CA ALA B 88 -14.16 8.93 19.79
C ALA B 88 -12.87 9.71 19.66
N HIS B 89 -11.77 9.12 20.12
CA HIS B 89 -10.50 9.79 19.88
C HIS B 89 -9.38 8.78 19.74
N SER B 90 -8.38 9.18 18.98
CA SER B 90 -7.18 8.40 18.77
C SER B 90 -5.99 9.34 18.82
N ILE B 91 -4.82 8.75 19.01
CA ILE B 91 -3.57 9.47 19.03
C ILE B 91 -2.95 9.28 17.65
N THR B 92 -2.99 10.32 16.81
CA THR B 92 -2.33 10.23 15.51
C THR B 92 -0.84 10.01 15.64
N GLN B 93 -0.22 10.67 16.61
CA GLN B 93 1.20 10.59 16.82
C GLN B 93 1.55 11.24 18.16
N GLN B 94 2.58 10.70 18.78
CA GLN B 94 3.20 11.28 19.96
C GLN B 94 4.70 11.32 19.74
N ASN B 95 5.32 12.42 20.12
CA ASN B 95 6.74 12.64 19.85
C ASN B 95 7.36 13.20 21.12
N VAL B 96 8.40 12.54 21.60
CA VAL B 96 9.22 13.06 22.69
C VAL B 96 10.20 14.04 22.07
N ASP B 97 10.01 15.33 22.34
CA ASP B 97 10.88 16.35 21.78
C ASP B 97 12.30 16.25 22.36
N PHE B 98 12.42 15.97 23.66
CA PHE B 98 13.73 15.92 24.28
C PHE B 98 13.61 15.35 25.69
N VAL B 99 14.68 14.67 26.09
CA VAL B 99 14.97 14.31 27.48
C VAL B 99 16.35 14.85 27.78
N ASP B 100 16.41 15.88 28.63
CA ASP B 100 17.64 16.57 29.00
C ASP B 100 17.96 16.30 30.46
N LEU B 101 19.22 15.97 30.73
CA LEU B 101 19.68 15.75 32.09
C LEU B 101 20.59 16.92 32.45
N ASN B 102 20.15 17.73 33.42
CA ASN B 102 20.92 18.87 33.90
C ASN B 102 20.84 18.90 35.41
N ASN B 103 22.00 18.79 36.07
CA ASN B 103 22.08 18.87 37.53
C ASN B 103 21.26 17.75 38.18
N GLY B 104 21.45 16.53 37.68
CA GLY B 104 20.77 15.38 38.23
C GLY B 104 19.26 15.45 38.10
N ALA B 105 18.78 16.41 37.31
CA ALA B 105 17.36 16.62 37.09
C ALA B 105 17.03 16.50 35.61
N PHE B 106 15.83 16.00 35.33
CA PHE B 106 15.39 15.75 33.96
C PHE B 106 14.41 16.82 33.49
N TYR B 107 14.59 17.23 32.24
CA TYR B 107 13.68 18.13 31.55
C TYR B 107 13.16 17.40 30.31
N VAL B 108 11.84 17.20 30.26
CA VAL B 108 11.20 16.40 29.22
C VAL B 108 10.05 17.19 28.59
N GLY B 109 10.06 17.30 27.27
CA GLY B 109 8.91 17.82 26.57
C GLY B 109 8.38 16.85 25.54
N VAL B 110 7.07 16.66 25.52
CA VAL B 110 6.40 15.70 24.66
C VAL B 110 5.18 16.37 24.02
N CYS B 111 5.00 16.15 22.73
CA CYS B 111 3.77 16.58 22.08
C CYS B 111 2.97 15.38 21.63
N ALA B 112 1.65 15.57 21.51
CA ALA B 112 0.76 14.54 21.01
C ALA B 112 -0.24 15.18 20.06
N PHE B 113 -0.57 14.46 18.99
CA PHE B 113 -1.59 14.90 18.05
C PHE B 113 -2.79 13.96 18.24
N VAL B 114 -3.92 14.54 18.61
CA VAL B 114 -5.11 13.81 19.01
C VAL B 114 -6.25 14.21 18.06
N ARG B 115 -6.91 13.20 17.50
CA ARG B 115 -7.99 13.40 16.55
C ARG B 115 -9.27 12.91 17.21
N VAL B 116 -10.25 13.80 17.35
CA VAL B 116 -11.57 13.46 17.88
C VAL B 116 -12.54 13.35 16.71
N GLN B 117 -13.39 12.33 16.74
CA GLN B 117 -14.38 12.10 15.72
C GLN B 117 -15.75 11.87 16.34
N LEU B 118 -16.80 12.36 15.69
CA LEU B 118 -18.16 12.05 16.09
C LEU B 118 -18.69 10.89 15.26
N LYS B 119 -19.83 10.36 15.67
CA LYS B 119 -20.37 9.17 15.02
C LYS B 119 -20.70 9.39 13.55
N ASP B 120 -20.81 10.62 13.09
CA ASP B 120 -21.13 10.88 11.69
C ASP B 120 -19.88 11.14 10.86
N GLY B 121 -18.71 11.08 11.47
CA GLY B 121 -17.49 11.30 10.73
C GLY B 121 -16.88 12.67 10.90
N SER B 122 -17.60 13.63 11.51
CA SER B 122 -17.02 14.94 11.80
C SER B 122 -15.77 14.78 12.67
N TYR B 123 -14.84 15.74 12.55
CA TYR B 123 -13.59 15.53 13.27
C TYR B 123 -12.83 16.83 13.46
N HIS B 124 -11.98 16.82 14.49
CA HIS B 124 -11.05 17.89 14.77
C HIS B 124 -9.82 17.27 15.39
N GLU B 125 -8.67 17.81 15.03
CA GLU B 125 -7.42 17.27 15.52
C GLU B 125 -6.60 18.43 16.07
N ASP B 126 -5.83 18.17 17.12
CA ASP B 126 -5.03 19.24 17.65
C ASP B 126 -3.81 18.64 18.29
N VAL B 127 -2.90 19.51 18.70
CA VAL B 127 -1.71 19.10 19.39
C VAL B 127 -1.85 19.39 20.88
N GLY B 128 -1.32 18.49 21.71
CA GLY B 128 -1.24 18.76 23.13
C GLY B 128 0.21 18.71 23.53
N TYR B 129 0.57 19.30 24.66
CA TYR B 129 1.97 19.28 25.05
C TYR B 129 2.09 18.86 26.50
N GLY B 130 3.18 18.15 26.78
CA GLY B 130 3.43 17.62 28.11
C GLY B 130 4.84 17.92 28.53
N VAL B 131 4.98 18.34 29.77
CA VAL B 131 6.21 18.91 30.28
C VAL B 131 6.51 18.26 31.60
N SER B 132 7.77 17.88 31.79
CA SER B 132 8.28 17.55 33.11
C SER B 132 9.65 18.16 33.22
N GLU B 133 9.80 19.06 34.18
CA GLU B 133 11.03 19.80 34.43
C GLU B 133 11.37 19.62 35.90
N GLY B 134 12.61 19.27 36.19
CA GLY B 134 13.08 19.23 37.56
C GLY B 134 13.01 17.89 38.27
N LEU B 135 12.37 16.89 37.71
CA LEU B 135 12.38 15.59 38.38
C LEU B 135 13.71 14.87 38.16
N ALA B 136 14.05 14.00 39.13
CA ALA B 136 15.28 13.23 39.01
C ALA B 136 15.07 11.85 38.42
N SER B 137 13.85 11.32 38.47
CA SER B 137 13.53 10.04 37.82
C SER B 137 13.19 10.28 36.36
N LYS B 138 14.00 9.75 35.46
CA LYS B 138 13.68 9.83 34.04
C LYS B 138 12.36 9.11 33.75
N ALA B 139 12.13 7.97 34.42
CA ALA B 139 10.89 7.24 34.21
C ALA B 139 9.68 8.12 34.49
N LEU B 140 9.65 8.75 35.67
CA LEU B 140 8.47 9.53 36.01
C LEU B 140 8.38 10.82 35.21
N SER B 141 9.51 11.34 34.73
CA SER B 141 9.43 12.48 33.83
C SER B 141 8.71 12.08 32.54
N LEU B 142 9.18 11.01 31.89
CA LEU B 142 8.54 10.57 30.65
C LEU B 142 7.08 10.19 30.89
N GLU B 143 6.79 9.48 31.98
CA GLU B 143 5.38 9.17 32.25
C GLU B 143 4.54 10.44 32.34
N LYS B 144 5.00 11.43 33.11
CA LYS B 144 4.20 12.65 33.27
C LYS B 144 4.01 13.37 31.94
N ALA B 145 5.08 13.59 31.21
CA ALA B 145 4.96 14.36 29.98
C ALA B 145 4.12 13.60 28.95
N ARG B 146 4.33 12.27 28.81
CA ARG B 146 3.60 11.53 27.78
C ARG B 146 2.10 11.56 28.03
N LYS B 147 1.67 11.39 29.26
CA LYS B 147 0.25 11.33 29.57
C LYS B 147 -0.40 12.70 29.48
N GLU B 148 0.27 13.71 30.01
CA GLU B 148 -0.30 15.05 29.98
C GLU B 148 -0.49 15.51 28.55
N ALA B 149 0.44 15.15 27.67
CA ALA B 149 0.35 15.52 26.27
C ALA B 149 -0.91 14.97 25.62
N VAL B 150 -1.28 13.72 25.93
CA VAL B 150 -2.47 13.13 25.32
C VAL B 150 -3.71 13.85 25.81
N THR B 151 -3.86 13.97 27.13
CA THR B 151 -5.03 14.65 27.70
C THR B 151 -5.10 16.12 27.28
N ASP B 152 -3.96 16.80 27.26
CA ASP B 152 -3.95 18.17 26.77
C ASP B 152 -4.44 18.21 25.32
N GLY B 153 -3.98 17.26 24.49
CA GLY B 153 -4.40 17.23 23.10
C GLY B 153 -5.87 16.91 22.95
N LEU B 154 -6.40 16.01 23.78
CA LEU B 154 -7.82 15.70 23.74
C LEU B 154 -8.67 16.93 24.09
N LYS B 155 -8.26 17.68 25.11
CA LYS B 155 -9.00 18.90 25.49
C LYS B 155 -9.00 19.92 24.35
N ARG B 156 -7.85 20.13 23.72
CA ARG B 156 -7.78 21.12 22.64
C ARG B 156 -8.61 20.69 21.44
N ALA B 157 -8.65 19.38 21.16
CA ALA B 157 -9.46 18.90 20.04
C ALA B 157 -10.97 19.05 20.32
N LEU B 158 -11.42 18.66 21.52
CA LEU B 158 -12.85 18.71 21.82
C LEU B 158 -13.37 20.14 21.83
N ARG B 159 -12.54 21.12 22.22
CA ARG B 159 -13.09 22.47 22.32
C ARG B 159 -13.38 23.07 20.95
N SER B 160 -12.85 22.50 19.88
CA SER B 160 -13.23 23.02 18.57
C SER B 160 -14.71 22.81 18.27
N PHE B 161 -15.37 21.90 18.97
CA PHE B 161 -16.80 21.70 18.74
C PHE B 161 -17.68 22.78 19.37
N GLY B 162 -17.16 23.56 20.31
CA GLY B 162 -17.93 24.69 20.79
C GLY B 162 -17.62 25.07 22.24
N ASN B 163 -18.32 26.13 22.67
CA ASN B 163 -18.10 26.74 23.99
C ASN B 163 -18.28 25.73 25.12
N ALA B 164 -19.31 24.89 25.06
CA ALA B 164 -19.62 23.98 26.16
C ALA B 164 -18.55 22.92 26.33
N LEU B 165 -17.73 22.69 25.32
CA LEU B 165 -16.65 21.73 25.46
C LEU B 165 -15.33 22.43 25.68
N GLY B 166 -15.36 23.71 26.04
CA GLY B 166 -14.18 24.40 26.49
C GLY B 166 -13.75 25.57 25.63
N ASN B 167 -14.40 25.85 24.50
CA ASN B 167 -13.94 26.96 23.68
C ASN B 167 -14.16 28.32 24.37
N CYS B 168 -15.03 28.40 25.38
CA CYS B 168 -15.21 29.68 26.06
C CYS B 168 -14.01 30.07 26.92
N ILE B 169 -13.18 29.11 27.33
CA ILE B 169 -12.11 29.36 28.29
C ILE B 169 -11.11 30.39 27.78
N LEU B 170 -11.04 30.61 26.49
CA LEU B 170 -10.09 31.56 25.95
C LEU B 170 -10.69 32.95 25.75
N ASP B 171 -12.01 33.11 25.90
CA ASP B 171 -12.65 34.42 25.75
C ASP B 171 -12.43 35.28 27.00
N LYS B 172 -11.54 36.27 26.90
CA LYS B 172 -11.22 37.13 28.05
C LYS B 172 -12.45 37.81 28.65
N ASP B 173 -13.47 38.10 27.84
CA ASP B 173 -14.67 38.73 28.40
C ASP B 173 -15.43 37.76 29.28
N TYR B 174 -15.56 36.49 28.84
CA TYR B 174 -16.15 35.43 29.66
C TYR B 174 -15.38 35.28 30.96
N LEU B 175 -14.05 35.36 30.89
CA LEU B 175 -13.22 35.16 32.07
C LEU B 175 -13.45 36.25 33.08
N ARG B 176 -13.43 37.51 32.62
CA ARG B 176 -13.73 38.65 33.48
C ARG B 176 -15.07 38.48 34.18
N SER B 177 -16.09 38.06 33.43
CA SER B 177 -17.41 37.84 34.00
C SER B 177 -17.41 36.71 35.03
N LEU B 178 -16.56 35.69 34.83
CA LEU B 178 -16.43 34.62 35.81
C LEU B 178 -15.88 35.14 37.12
N ASN B 179 -14.92 36.07 37.03
CA ASN B 179 -14.29 36.59 38.24
C ASN B 179 -15.31 37.31 39.10
N LYS B 180 -16.18 38.10 38.48
CA LYS B 180 -17.26 38.76 39.21
C LYS B 180 -18.26 37.79 39.80
N LEU B 181 -18.14 36.52 39.52
CA LEU B 181 -19.14 35.60 40.02
C LEU B 181 -18.83 35.18 41.46
N PRO B 182 -19.85 34.99 42.30
CA PRO B 182 -19.61 34.51 43.66
C PRO B 182 -18.82 33.21 43.69
N ARG B 183 -17.76 33.20 44.51
CA ARG B 183 -16.96 32.01 44.70
C ARG B 183 -17.72 31.02 45.58
N GLN B 184 -17.75 29.75 45.15
CA GLN B 184 -18.54 28.70 45.77
C GLN B 184 -17.63 27.62 46.36
N LEU B 185 -18.03 27.07 47.50
CA LEU B 185 -17.30 25.96 48.11
C LEU B 185 -17.52 24.70 47.27
N PRO B 186 -16.56 23.77 47.27
CA PRO B 186 -16.70 22.59 46.40
C PRO B 186 -17.99 21.83 46.67
N LEU B 187 -18.47 21.16 45.62
CA LEU B 187 -19.62 20.28 45.75
C LEU B 187 -19.27 19.08 46.62
N GLU B 188 -20.18 18.74 47.52
CA GLU B 188 -20.10 17.49 48.28
C GLU B 188 -20.64 16.39 47.38
N VAL B 189 -19.89 15.31 47.23
CA VAL B 189 -20.36 14.24 46.37
C VAL B 189 -21.09 13.24 47.22
N ASP B 190 -22.30 12.86 46.81
CA ASP B 190 -23.16 11.93 47.53
C ASP B 190 -22.96 10.54 46.95
N LEU B 191 -22.22 9.70 47.66
CA LEU B 191 -21.91 8.34 47.24
C LEU B 191 -23.01 7.35 47.62
N THR B 192 -24.23 7.82 47.82
CA THR B 192 -25.28 6.93 48.32
C THR B 192 -25.56 5.79 47.36
N LYS B 193 -25.67 6.09 46.08
CA LYS B 193 -25.99 5.07 45.09
C LYS B 193 -24.82 4.81 44.13
N ALA B 194 -23.60 5.09 44.60
CA ALA B 194 -22.40 4.70 43.87
C ALA B 194 -22.49 3.24 43.45
N LYS B 195 -21.91 2.91 42.30
CA LYS B 195 -21.90 1.52 41.86
C LYS B 195 -21.08 0.68 42.81
N ARG B 196 -21.62 -0.47 43.20
CA ARG B 196 -20.96 -1.34 44.17
C ARG B 196 -20.75 -2.76 43.68
N GLN B 197 -21.45 -3.21 42.65
CA GLN B 197 -21.28 -4.53 42.09
C GLN B 197 -21.13 -4.40 40.58
N ASP B 198 -20.52 -5.42 39.97
CA ASP B 198 -20.23 -5.33 38.54
C ASP B 198 -21.50 -5.44 37.70
N LEU B 199 -22.44 -6.30 38.11
CA LEU B 199 -23.59 -6.57 37.27
C LEU B 199 -24.41 -5.31 37.04
N GLU B 200 -25.01 -5.23 35.85
CA GLU B 200 -25.87 -4.12 35.45
C GLU B 200 -27.14 -4.75 34.88
N PRO B 201 -28.15 -4.99 35.74
CA PRO B 201 -29.30 -5.79 35.29
C PRO B 201 -30.06 -5.15 34.15
N SER B 202 -30.30 -3.84 34.21
CA SER B 202 -30.99 -3.18 33.12
C SER B 202 -30.17 -3.26 31.84
N VAL B 203 -28.86 -3.07 31.96
CA VAL B 203 -28.00 -3.23 30.80
C VAL B 203 -28.04 -4.66 30.29
N GLU B 204 -27.93 -5.64 31.20
CA GLU B 204 -27.91 -7.02 30.73
C GLU B 204 -29.22 -7.39 30.04
N ALA B 205 -30.34 -6.92 30.58
CA ALA B 205 -31.63 -7.18 29.95
C ALA B 205 -31.67 -6.59 28.55
N ALA B 206 -31.34 -5.31 28.44
CA ALA B 206 -31.38 -4.63 27.15
C ALA B 206 -30.44 -5.28 26.15
N ARG B 207 -29.26 -5.72 26.61
CA ARG B 207 -28.31 -6.33 25.70
C ARG B 207 -28.83 -7.67 25.20
N TYR B 208 -29.49 -8.44 26.09
CA TYR B 208 -30.04 -9.73 25.71
C TYR B 208 -31.10 -9.58 24.64
N ASN B 209 -32.08 -8.70 24.88
CA ASN B 209 -33.17 -8.46 23.94
C ASN B 209 -32.66 -8.20 22.53
N SER B 210 -31.50 -7.56 22.41
CA SER B 210 -31.04 -7.03 21.13
C SER B 210 -30.43 -8.09 20.22
N CYS B 211 -30.18 -9.30 20.71
CA CYS B 211 -29.46 -10.29 19.90
C CYS B 211 -30.37 -11.08 18.97
N CYS C 28 -21.14 -7.91 12.31
CA CYS C 28 -19.98 -8.30 13.09
C CYS C 28 -19.42 -7.16 13.96
N PHE C 29 -18.34 -7.45 14.70
CA PHE C 29 -17.79 -6.47 15.62
C PHE C 29 -17.33 -5.22 14.86
N GLY C 30 -17.65 -4.05 15.38
CA GLY C 30 -17.37 -2.82 14.69
C GLY C 30 -18.46 -2.35 13.77
N GLN C 31 -19.25 -3.27 13.24
CA GLN C 31 -20.35 -2.98 12.34
C GLN C 31 -21.72 -3.08 13.02
N CYS C 32 -21.80 -3.35 14.32
CA CYS C 32 -23.10 -3.35 14.98
C CYS C 32 -23.61 -1.93 15.13
N GLN C 33 -24.69 -1.83 15.90
CA GLN C 33 -25.31 -0.56 16.22
C GLN C 33 -26.16 -0.81 17.46
N TYR C 34 -25.96 -0.02 18.49
CA TYR C 34 -26.71 -0.19 19.72
C TYR C 34 -28.19 0.01 19.49
N THR C 35 -28.99 -0.86 20.08
CA THR C 35 -30.41 -0.53 20.15
C THR C 35 -30.59 0.63 21.12
N ALA C 36 -31.73 1.31 20.98
CA ALA C 36 -32.04 2.38 21.92
C ALA C 36 -32.04 1.87 23.35
N GLU C 37 -32.53 0.64 23.57
CA GLU C 37 -32.62 0.12 24.93
C GLU C 37 -31.23 -0.07 25.53
N GLU C 38 -30.33 -0.70 24.78
CA GLU C 38 -29.00 -0.92 25.33
C GLU C 38 -28.24 0.40 25.44
N TYR C 39 -28.36 1.26 24.43
CA TYR C 39 -27.72 2.58 24.50
C TYR C 39 -28.14 3.29 25.77
N GLN C 40 -29.45 3.36 26.01
CA GLN C 40 -29.98 4.13 27.14
C GLN C 40 -29.54 3.56 28.48
N ALA C 41 -29.61 2.23 28.63
CA ALA C 41 -29.17 1.62 29.88
C ALA C 41 -27.68 1.89 30.13
N ILE C 42 -26.85 1.73 29.10
CA ILE C 42 -25.41 1.91 29.27
C ILE C 42 -25.06 3.38 29.55
N GLN C 43 -25.69 4.31 28.81
CA GLN C 43 -25.45 5.74 29.05
C GLN C 43 -25.78 6.11 30.50
N LYS C 44 -26.89 5.59 31.03
CA LYS C 44 -27.22 5.80 32.43
C LYS C 44 -26.21 5.13 33.35
N ALA C 45 -25.90 3.87 33.09
CA ALA C 45 -25.00 3.16 34.00
C ALA C 45 -23.62 3.79 34.05
N LEU C 46 -23.12 4.31 32.92
CA LEU C 46 -21.74 4.82 32.93
C LEU C 46 -21.60 6.08 33.77
N ARG C 47 -22.70 6.82 34.01
CA ARG C 47 -22.65 8.01 34.87
C ARG C 47 -22.36 7.68 36.32
N GLN C 48 -22.70 6.46 36.78
CA GLN C 48 -22.53 6.10 38.19
C GLN C 48 -21.09 6.26 38.64
N ARG C 49 -20.88 6.77 39.85
CA ARG C 49 -19.56 6.78 40.45
C ARG C 49 -19.29 5.46 41.17
N LEU C 50 -18.01 5.18 41.41
CA LEU C 50 -17.63 3.89 41.98
C LEU C 50 -17.52 3.99 43.49
N GLY C 51 -18.03 2.95 44.17
CA GLY C 51 -17.93 2.85 45.61
C GLY C 51 -16.52 2.51 46.06
N PRO C 52 -16.28 2.51 47.38
CA PRO C 52 -14.92 2.21 47.86
C PRO C 52 -14.50 0.77 47.61
N GLU C 53 -15.44 -0.12 47.28
CA GLU C 53 -15.09 -1.48 46.92
C GLU C 53 -14.11 -1.53 45.76
N TYR C 54 -14.17 -0.56 44.87
CA TYR C 54 -13.35 -0.57 43.68
C TYR C 54 -12.01 0.12 43.86
N ILE C 55 -11.82 0.88 44.93
CA ILE C 55 -10.73 1.83 45.01
C ILE C 55 -9.61 1.27 45.87
N SER C 56 -8.38 1.33 45.37
CA SER C 56 -7.17 0.98 46.09
C SER C 56 -6.31 2.23 46.18
N SER C 57 -5.24 2.16 46.98
CA SER C 57 -4.37 3.33 47.13
C SER C 57 -2.94 2.91 47.44
N ARG C 58 -2.00 3.75 47.03
CA ARG C 58 -0.58 3.59 47.28
C ARG C 58 0.02 4.97 47.50
N MET C 59 1.08 5.03 48.32
CA MET C 59 1.81 6.27 48.53
C MET C 59 2.87 6.43 47.45
N ALA C 60 2.74 7.48 46.64
CA ALA C 60 3.74 7.80 45.64
C ALA C 60 5.07 8.15 46.30
N GLY C 61 6.15 7.93 45.56
CA GLY C 61 7.48 8.19 46.07
C GLY C 61 7.69 9.64 46.42
N GLY C 62 7.77 9.95 47.73
CA GLY C 62 7.95 11.31 48.17
C GLY C 62 6.67 12.12 48.28
N GLY C 63 5.50 11.51 48.13
CA GLY C 63 4.27 12.27 48.15
C GLY C 63 3.07 11.52 48.69
N GLN C 64 1.89 12.12 48.57
CA GLN C 64 0.70 11.67 49.28
C GLN C 64 0.13 10.41 48.61
N LYS C 65 -1.05 9.99 49.06
CA LYS C 65 -1.65 8.76 48.57
C LYS C 65 -2.24 8.97 47.18
N VAL C 66 -2.04 7.97 46.32
CA VAL C 66 -2.63 7.94 44.99
C VAL C 66 -3.67 6.82 44.97
N CYS C 67 -4.89 7.16 44.58
CA CYS C 67 -5.96 6.18 44.48
C CYS C 67 -6.00 5.63 43.06
N TYR C 68 -6.39 4.37 42.93
CA TYR C 68 -6.43 3.74 41.61
C TYR C 68 -7.43 2.58 41.65
N ILE C 69 -7.71 2.04 40.47
CA ILE C 69 -8.55 0.86 40.33
C ILE C 69 -7.66 -0.23 39.76
N GLU C 70 -7.75 -1.43 40.32
CA GLU C 70 -6.91 -2.52 39.83
C GLU C 70 -7.40 -3.00 38.48
N GLY C 71 -6.45 -3.42 37.65
CA GLY C 71 -6.78 -3.79 36.27
C GLY C 71 -7.90 -4.79 36.19
N HIS C 72 -7.81 -5.85 36.99
CA HIS C 72 -8.79 -6.93 36.89
C HIS C 72 -10.18 -6.43 37.23
N ARG C 73 -10.26 -5.38 38.04
CA ARG C 73 -11.57 -4.76 38.29
C ARG C 73 -12.06 -4.01 37.06
N VAL C 74 -11.19 -3.21 36.44
CA VAL C 74 -11.57 -2.52 35.21
C VAL C 74 -12.05 -3.51 34.16
N ILE C 75 -11.36 -4.65 34.02
CA ILE C 75 -11.77 -5.63 33.02
C ILE C 75 -13.20 -6.11 33.26
N ASN C 76 -13.52 -6.48 34.52
CA ASN C 76 -14.86 -6.97 34.82
C ASN C 76 -15.92 -5.88 34.66
N LEU C 77 -15.61 -4.64 35.06
CA LEU C 77 -16.53 -3.53 34.79
C LEU C 77 -16.84 -3.44 33.30
N ALA C 78 -15.81 -3.47 32.46
CA ALA C 78 -16.04 -3.38 31.02
C ALA C 78 -16.87 -4.55 30.51
N ASN C 79 -16.53 -5.78 30.95
CA ASN C 79 -17.27 -6.95 30.51
C ASN C 79 -18.73 -6.89 30.96
N GLU C 80 -18.97 -6.41 32.17
CA GLU C 80 -20.36 -6.32 32.61
C GLU C 80 -21.04 -5.13 31.95
N MET C 81 -20.33 -4.01 31.80
CA MET C 81 -20.92 -2.87 31.11
C MET C 81 -21.25 -3.22 29.66
N PHE C 82 -20.33 -3.85 28.94
CA PHE C 82 -20.54 -3.94 27.50
C PHE C 82 -20.80 -5.33 26.98
N GLY C 83 -20.68 -6.37 27.82
CA GLY C 83 -20.70 -7.73 27.32
C GLY C 83 -19.30 -8.21 26.95
N TYR C 84 -19.08 -9.52 27.07
CA TYR C 84 -17.76 -10.05 26.75
C TYR C 84 -17.42 -9.80 25.29
N ASN C 85 -18.43 -9.71 24.44
CA ASN C 85 -18.18 -9.48 23.02
C ASN C 85 -18.54 -8.06 22.61
N GLY C 86 -18.68 -7.16 23.57
CA GLY C 86 -19.15 -5.82 23.28
C GLY C 86 -18.06 -4.76 23.26
N TRP C 87 -16.88 -5.08 23.79
CA TRP C 87 -15.76 -4.16 23.79
C TRP C 87 -14.53 -4.94 23.42
N ALA C 88 -13.50 -4.22 22.97
CA ALA C 88 -12.27 -4.86 22.52
C ALA C 88 -11.11 -3.89 22.73
N HIS C 89 -9.90 -4.42 22.78
CA HIS C 89 -8.75 -3.53 22.82
C HIS C 89 -7.57 -4.12 22.08
N SER C 90 -6.74 -3.23 21.53
CA SER C 90 -5.52 -3.62 20.85
C SER C 90 -4.41 -2.67 21.28
N ILE C 91 -3.19 -3.09 21.01
CA ILE C 91 -2.01 -2.31 21.31
C ILE C 91 -1.54 -1.70 20.00
N THR C 92 -1.78 -0.41 19.81
CA THR C 92 -1.29 0.25 18.61
C THR C 92 0.22 0.22 18.56
N GLN C 93 0.86 0.38 19.71
CA GLN C 93 2.31 0.44 19.71
C GLN C 93 2.81 0.32 21.14
N GLN C 94 3.98 -0.24 21.31
CA GLN C 94 4.69 -0.22 22.59
C GLN C 94 6.13 0.16 22.32
N ASN C 95 6.66 1.03 23.18
CA ASN C 95 8.01 1.54 23.00
C ASN C 95 8.75 1.49 24.33
N VAL C 96 9.94 0.90 24.32
CA VAL C 96 10.83 0.95 25.47
C VAL C 96 11.57 2.28 25.41
N ASP C 97 11.26 3.19 26.36
CA ASP C 97 11.92 4.51 26.33
C ASP C 97 13.39 4.41 26.66
N PHE C 98 13.76 3.55 27.61
CA PHE C 98 15.15 3.44 28.04
C PHE C 98 15.29 2.23 28.95
N VAL C 99 16.47 1.61 28.88
CA VAL C 99 16.93 0.62 29.86
C VAL C 99 18.29 1.10 30.32
N ASP C 100 18.34 1.62 31.54
CA ASP C 100 19.55 2.18 32.11
C ASP C 100 20.04 1.29 33.24
N LEU C 101 21.35 1.04 33.24
CA LEU C 101 22.02 0.27 34.30
C LEU C 101 22.82 1.24 35.15
N ASN C 102 22.45 1.37 36.42
CA ASN C 102 23.12 2.30 37.33
C ASN C 102 23.47 1.57 38.61
N ASN C 103 24.77 1.32 38.81
CA ASN C 103 25.26 0.67 40.02
C ASN C 103 24.58 -0.67 40.24
N GLY C 104 24.59 -1.48 39.18
CA GLY C 104 24.00 -2.81 39.25
C GLY C 104 22.49 -2.86 39.39
N ALA C 105 21.82 -1.72 39.21
CA ALA C 105 20.36 -1.66 39.26
C ALA C 105 19.83 -1.12 37.93
N PHE C 106 18.67 -1.64 37.52
CA PHE C 106 18.09 -1.27 36.24
C PHE C 106 16.94 -0.27 36.41
N TYR C 107 16.92 0.70 35.52
CA TYR C 107 15.83 1.68 35.46
C TYR C 107 15.22 1.59 34.06
N VAL C 108 13.92 1.29 34.02
CA VAL C 108 13.20 1.02 32.78
C VAL C 108 11.93 1.84 32.73
N GLY C 109 11.71 2.52 31.61
CA GLY C 109 10.45 3.16 31.30
C GLY C 109 9.89 2.66 29.98
N VAL C 110 8.60 2.34 29.97
CA VAL C 110 7.95 1.80 28.80
C VAL C 110 6.59 2.47 28.62
N CYS C 111 6.27 2.83 27.39
CA CYS C 111 4.93 3.29 27.12
C CYS C 111 4.23 2.32 26.16
N ALA C 112 2.91 2.34 26.25
CA ALA C 112 2.05 1.60 25.34
C ALA C 112 0.91 2.51 24.91
N PHE C 113 0.49 2.37 23.68
CA PHE C 113 -0.69 3.05 23.19
C PHE C 113 -1.78 1.99 23.01
N VAL C 114 -2.88 2.17 23.71
CA VAL C 114 -3.93 1.17 23.79
C VAL C 114 -5.23 1.79 23.31
N ARG C 115 -5.85 1.13 22.34
CA ARG C 115 -7.08 1.60 21.73
C ARG C 115 -8.18 0.60 22.08
N VAL C 116 -9.21 1.09 22.73
CA VAL C 116 -10.39 0.31 23.06
C VAL C 116 -11.46 0.65 22.04
N GLN C 117 -12.15 -0.36 21.56
CA GLN C 117 -13.24 -0.18 20.60
C GLN C 117 -14.45 -0.94 21.10
N LEU C 118 -15.63 -0.34 20.91
CA LEU C 118 -16.92 -0.97 21.22
C LEU C 118 -17.46 -1.60 19.95
N LYS C 119 -18.50 -2.44 20.11
CA LYS C 119 -19.01 -3.23 19.00
C LYS C 119 -19.59 -2.39 17.87
N ASP C 120 -19.96 -1.13 18.10
CA ASP C 120 -20.49 -0.27 17.06
C ASP C 120 -19.42 0.58 16.40
N GLY C 121 -18.16 0.40 16.78
CA GLY C 121 -17.06 1.10 16.15
C GLY C 121 -16.53 2.29 16.91
N SER C 122 -17.25 2.80 17.91
CA SER C 122 -16.70 3.87 18.72
C SER C 122 -15.44 3.38 19.43
N TYR C 123 -14.56 4.33 19.76
CA TYR C 123 -13.22 3.96 20.22
C TYR C 123 -12.64 5.10 21.03
N HIS C 124 -11.65 4.75 21.85
CA HIS C 124 -10.82 5.72 22.56
C HIS C 124 -9.42 5.13 22.69
N GLU C 125 -8.42 5.97 22.56
CA GLU C 125 -7.06 5.48 22.64
C GLU C 125 -6.31 6.36 23.64
N ASP C 126 -5.42 5.75 24.41
CA ASP C 126 -4.68 6.54 25.37
C ASP C 126 -3.31 5.93 25.52
N VAL C 127 -2.46 6.60 26.26
CA VAL C 127 -1.12 6.11 26.53
C VAL C 127 -1.06 5.57 27.96
N GLY C 128 -0.31 4.48 28.13
CA GLY C 128 -0.07 3.95 29.45
C GLY C 128 1.41 3.93 29.71
N TYR C 129 1.82 3.88 30.97
CA TYR C 129 3.23 3.90 31.23
C TYR C 129 3.60 2.83 32.25
N GLY C 130 4.78 2.28 32.05
CA GLY C 130 5.27 1.21 32.89
C GLY C 130 6.68 1.56 33.34
N VAL C 131 6.93 1.31 34.62
CA VAL C 131 8.13 1.76 35.28
C VAL C 131 8.68 0.59 36.08
N SER C 132 9.98 0.36 35.96
CA SER C 132 10.69 -0.52 36.89
C SER C 132 12.00 0.17 37.22
N GLU C 133 12.18 0.47 38.50
CA GLU C 133 13.37 1.18 38.97
C GLU C 133 14.00 0.43 40.14
N GLY C 134 15.30 0.19 40.04
CA GLY C 134 16.07 -0.32 41.15
C GLY C 134 16.28 -1.82 41.20
N LEU C 135 15.56 -2.62 40.42
CA LEU C 135 15.78 -4.06 40.47
C LEU C 135 17.10 -4.44 39.80
N ALA C 136 17.60 -5.61 40.18
CA ALA C 136 18.85 -6.12 39.62
C ALA C 136 18.66 -7.04 38.43
N SER C 137 17.47 -7.60 38.26
CA SER C 137 17.17 -8.44 37.10
C SER C 137 16.69 -7.56 35.94
N LYS C 138 17.45 -7.57 34.84
CA LYS C 138 16.98 -6.87 33.63
C LYS C 138 15.71 -7.51 33.09
N ALA C 139 15.64 -8.85 33.12
CA ALA C 139 14.47 -9.56 32.61
C ALA C 139 13.19 -9.11 33.32
N LEU C 140 13.22 -9.09 34.65
CA LEU C 140 12.03 -8.75 35.41
C LEU C 140 11.71 -7.27 35.33
N SER C 141 12.72 -6.43 35.10
CA SER C 141 12.46 -5.01 34.90
C SER C 141 11.65 -4.80 33.63
N LEU C 142 12.14 -5.35 32.51
CA LEU C 142 11.41 -5.20 31.25
C LEU C 142 10.02 -5.83 31.35
N GLU C 143 9.91 -7.01 31.96
CA GLU C 143 8.61 -7.66 32.08
C GLU C 143 7.62 -6.77 32.82
N LYS C 144 8.03 -6.22 33.96
CA LYS C 144 7.14 -5.39 34.76
C LYS C 144 6.72 -4.13 34.01
N ALA C 145 7.69 -3.43 33.44
CA ALA C 145 7.39 -2.20 32.73
C ALA C 145 6.53 -2.46 31.49
N ARG C 146 6.89 -3.45 30.68
CA ARG C 146 6.12 -3.71 29.46
C ARG C 146 4.68 -4.07 29.78
N LYS C 147 4.45 -4.91 30.81
CA LYS C 147 3.09 -5.34 31.10
C LYS C 147 2.28 -4.25 31.79
N GLU C 148 2.89 -3.53 32.71
CA GLU C 148 2.14 -2.49 33.40
C GLU C 148 1.76 -1.36 32.44
N ALA C 149 2.64 -1.04 31.48
CA ALA C 149 2.31 -0.03 30.48
C ALA C 149 1.03 -0.39 29.73
N VAL C 150 0.85 -1.67 29.37
CA VAL C 150 -0.34 -2.09 28.65
C VAL C 150 -1.57 -1.96 29.55
N THR C 151 -1.50 -2.50 30.76
CA THR C 151 -2.64 -2.38 31.67
C THR C 151 -2.97 -0.93 31.99
N ASP C 152 -1.94 -0.11 32.20
CA ASP C 152 -2.15 1.31 32.47
C ASP C 152 -2.87 2.01 31.30
N GLY C 153 -2.44 1.73 30.06
CA GLY C 153 -3.08 2.34 28.91
C GLY C 153 -4.51 1.86 28.71
N LEU C 154 -4.76 0.59 28.96
CA LEU C 154 -6.11 0.07 28.89
C LEU C 154 -7.03 0.76 29.89
N LYS C 155 -6.53 0.97 31.11
CA LYS C 155 -7.32 1.63 32.14
C LYS C 155 -7.65 3.04 31.71
N ARG C 156 -6.65 3.77 31.20
CA ARG C 156 -6.85 5.15 30.77
C ARG C 156 -7.78 5.24 29.57
N ALA C 157 -7.71 4.27 28.65
CA ALA C 157 -8.62 4.33 27.50
C ALA C 157 -10.05 4.07 27.92
N LEU C 158 -10.26 3.04 28.73
CA LEU C 158 -11.63 2.70 29.12
C LEU C 158 -12.29 3.79 29.93
N ARG C 159 -11.52 4.55 30.71
CA ARG C 159 -12.15 5.54 31.56
C ARG C 159 -12.73 6.71 30.77
N SER C 160 -12.30 6.91 29.51
CA SER C 160 -12.93 7.92 28.65
C SER C 160 -14.39 7.61 28.38
N PHE C 161 -14.82 6.39 28.61
CA PHE C 161 -16.22 6.06 28.42
C PHE C 161 -17.10 6.56 29.54
N GLY C 162 -16.54 6.91 30.70
CA GLY C 162 -17.36 7.52 31.75
C GLY C 162 -16.91 7.18 33.18
N ASN C 163 -17.67 7.73 34.13
CA ASN C 163 -17.35 7.58 35.55
C ASN C 163 -17.25 6.12 35.97
N ALA C 164 -18.18 5.28 35.51
CA ALA C 164 -18.24 3.90 35.94
C ALA C 164 -17.03 3.08 35.50
N LEU C 165 -16.28 3.57 34.52
CA LEU C 165 -15.06 2.89 34.09
C LEU C 165 -13.80 3.63 34.56
N GLY C 166 -13.95 4.51 35.54
CA GLY C 166 -12.78 5.08 36.19
C GLY C 166 -12.63 6.57 36.05
N ASN C 167 -13.48 7.26 35.29
CA ASN C 167 -13.29 8.69 35.14
C ASN C 167 -13.54 9.45 36.43
N CYS C 168 -14.29 8.86 37.38
CA CYS C 168 -14.57 9.55 38.63
C CYS C 168 -13.33 9.68 39.51
N ILE C 169 -12.33 8.84 39.28
CA ILE C 169 -11.14 8.76 40.13
C ILE C 169 -10.40 10.09 40.17
N LEU C 170 -10.60 10.92 39.15
CA LEU C 170 -9.90 12.20 39.10
C LEU C 170 -10.71 13.32 39.72
N ASP C 171 -11.96 13.05 40.05
CA ASP C 171 -12.79 14.04 40.73
C ASP C 171 -12.29 14.15 42.16
N LYS C 172 -11.52 15.20 42.45
CA LYS C 172 -11.01 15.35 43.81
C LYS C 172 -12.13 15.46 44.83
N ASP C 173 -13.29 16.02 44.44
CA ASP C 173 -14.44 16.00 45.34
C ASP C 173 -14.92 14.58 45.57
N TYR C 174 -14.99 13.77 44.51
CA TYR C 174 -15.31 12.36 44.69
C TYR C 174 -14.33 11.71 45.67
N LEU C 175 -13.05 12.05 45.57
CA LEU C 175 -12.06 11.39 46.42
C LEU C 175 -12.27 11.78 47.89
N ARG C 176 -12.43 13.07 48.18
CA ARG C 176 -12.68 13.52 49.55
C ARG C 176 -13.95 12.88 50.11
N SER C 177 -14.99 12.78 49.31
CA SER C 177 -16.19 12.07 49.74
C SER C 177 -15.89 10.62 50.09
N LEU C 178 -14.93 9.97 49.40
CA LEU C 178 -14.55 8.61 49.74
C LEU C 178 -13.89 8.52 51.10
N ASN C 179 -13.06 9.51 51.44
CA ASN C 179 -12.37 9.54 52.71
C ASN C 179 -13.31 9.67 53.90
N LYS C 180 -14.51 10.21 53.68
CA LYS C 180 -15.52 10.29 54.72
C LYS C 180 -16.22 8.95 54.95
N LEU C 181 -15.62 7.85 54.51
CA LEU C 181 -16.20 6.52 54.62
C LEU C 181 -15.20 5.58 55.29
N PRO C 182 -15.44 5.12 56.51
CA PRO C 182 -14.55 4.12 57.12
C PRO C 182 -14.42 2.90 56.23
N ARG C 183 -13.16 2.48 56.00
CA ARG C 183 -12.90 1.41 55.04
C ARG C 183 -13.42 0.09 55.57
N GLN C 184 -14.32 -0.55 54.80
CA GLN C 184 -14.85 -1.85 55.17
C GLN C 184 -13.78 -2.93 55.01
N LEU C 185 -14.03 -4.06 55.64
CA LEU C 185 -13.11 -5.19 55.56
C LEU C 185 -13.10 -5.76 54.15
N PRO C 186 -12.00 -6.40 53.74
CA PRO C 186 -11.97 -7.04 52.44
C PRO C 186 -13.07 -8.10 52.31
N LEU C 187 -13.79 -8.03 51.20
CA LEU C 187 -14.82 -9.00 50.88
C LEU C 187 -14.26 -10.43 50.96
N GLU C 188 -15.13 -11.37 51.31
CA GLU C 188 -14.82 -12.80 51.28
C GLU C 188 -15.48 -13.46 50.07
N VAL C 189 -14.69 -14.20 49.32
CA VAL C 189 -15.14 -14.82 48.07
C VAL C 189 -15.63 -16.23 48.35
N ASP C 190 -16.83 -16.55 47.87
CA ASP C 190 -17.44 -17.85 48.12
C ASP C 190 -17.10 -18.76 46.94
N LEU C 191 -16.11 -19.63 47.14
CA LEU C 191 -15.64 -20.50 46.07
C LEU C 191 -16.46 -21.77 45.93
N THR C 192 -17.70 -21.78 46.43
CA THR C 192 -18.51 -22.99 46.39
C THR C 192 -18.86 -23.36 44.97
N LYS C 193 -19.49 -22.44 44.24
CA LYS C 193 -19.95 -22.74 42.88
C LYS C 193 -18.83 -22.44 41.88
N ALA C 194 -17.58 -22.55 42.33
CA ALA C 194 -16.43 -22.34 41.46
C ALA C 194 -16.44 -23.34 40.31
N LYS C 195 -15.98 -22.87 39.15
CA LYS C 195 -15.86 -23.75 38.00
C LYS C 195 -14.77 -24.79 38.27
N ARG C 196 -15.08 -26.06 37.99
CA ARG C 196 -14.17 -27.12 38.36
C ARG C 196 -13.79 -28.02 37.20
N GLN C 197 -14.52 -27.94 36.09
CA GLN C 197 -14.13 -28.66 34.88
C GLN C 197 -14.30 -27.73 33.69
N ASP C 198 -13.62 -28.07 32.61
CA ASP C 198 -13.65 -27.25 31.41
C ASP C 198 -15.05 -27.12 30.85
N LEU C 199 -15.81 -28.23 30.86
CA LEU C 199 -17.07 -28.29 30.13
C LEU C 199 -18.06 -27.26 30.63
N GLU C 200 -18.82 -26.71 29.68
CA GLU C 200 -19.85 -25.70 29.95
C GLU C 200 -21.12 -26.14 29.25
N PRO C 201 -21.96 -26.94 29.93
CA PRO C 201 -23.13 -27.52 29.24
C PRO C 201 -24.10 -26.48 28.70
N SER C 202 -24.37 -25.42 29.48
CA SER C 202 -25.29 -24.39 29.01
C SER C 202 -24.77 -23.76 27.73
N VAL C 203 -23.46 -23.48 27.70
CA VAL C 203 -22.84 -22.92 26.50
C VAL C 203 -22.88 -23.93 25.35
N GLU C 204 -22.52 -25.18 25.62
CA GLU C 204 -22.46 -26.18 24.56
C GLU C 204 -23.84 -26.43 23.95
N ALA C 205 -24.88 -26.43 24.77
CA ALA C 205 -26.23 -26.56 24.23
C ALA C 205 -26.56 -25.40 23.29
N ALA C 206 -26.37 -24.17 23.76
CA ALA C 206 -26.71 -23.02 22.91
C ALA C 206 -25.89 -22.99 21.64
N ARG C 207 -24.62 -23.38 21.71
CA ARG C 207 -23.77 -23.26 20.54
C ARG C 207 -24.20 -24.22 19.43
N TYR C 208 -24.67 -25.42 19.80
CA TYR C 208 -25.12 -26.39 18.81
C TYR C 208 -26.30 -25.85 18.02
N ASN C 209 -27.29 -25.28 18.72
CA ASN C 209 -28.47 -24.75 18.05
C ASN C 209 -28.10 -23.62 17.09
N SER C 210 -27.04 -22.88 17.36
CA SER C 210 -26.69 -21.71 16.57
C SER C 210 -26.03 -22.04 15.25
N CYS C 211 -25.81 -23.31 14.93
CA CYS C 211 -25.20 -23.66 13.64
C CYS C 211 -26.27 -24.00 12.61
N CYS D 28 -18.46 -16.87 8.10
CA CYS D 28 -17.13 -17.39 8.45
C CYS D 28 -16.55 -16.65 9.65
N PHE D 29 -15.33 -17.03 10.05
CA PHE D 29 -14.74 -16.50 11.28
C PHE D 29 -14.53 -14.99 11.21
N GLY D 30 -14.92 -14.30 12.28
CA GLY D 30 -14.94 -12.87 12.26
C GLY D 30 -16.25 -12.25 11.81
N GLN D 31 -17.13 -13.04 11.20
CA GLN D 31 -18.41 -12.56 10.71
C GLN D 31 -19.60 -13.16 11.45
N CYS D 32 -19.39 -13.96 12.49
CA CYS D 32 -20.45 -14.78 13.06
C CYS D 32 -20.99 -14.09 14.30
N GLN D 33 -22.05 -13.30 14.11
CA GLN D 33 -22.76 -12.71 15.24
C GLN D 33 -23.26 -13.80 16.20
N TYR D 34 -23.19 -13.51 17.50
CA TYR D 34 -23.69 -14.41 18.53
C TYR D 34 -25.21 -14.36 18.61
N THR D 35 -25.82 -15.54 18.69
CA THR D 35 -27.24 -15.62 19.02
C THR D 35 -27.45 -15.22 20.48
N ALA D 36 -28.68 -14.85 20.79
CA ALA D 36 -29.02 -14.51 22.17
C ALA D 36 -28.68 -15.63 23.12
N GLU D 37 -28.96 -16.88 22.74
CA GLU D 37 -28.71 -17.99 23.66
C GLU D 37 -27.20 -18.17 23.89
N GLU D 38 -26.41 -18.24 22.82
CA GLU D 38 -24.98 -18.43 23.04
C GLU D 38 -24.36 -17.24 23.75
N TYR D 39 -24.74 -16.00 23.40
CA TYR D 39 -24.23 -14.84 24.10
C TYR D 39 -24.49 -14.97 25.60
N GLN D 40 -25.72 -15.34 25.96
CA GLN D 40 -26.13 -15.24 27.36
C GLN D 40 -25.49 -16.34 28.20
N ALA D 41 -25.38 -17.55 27.66
CA ALA D 41 -24.68 -18.60 28.38
C ALA D 41 -23.24 -18.19 28.64
N ILE D 42 -22.58 -17.66 27.61
CA ILE D 42 -21.18 -17.32 27.74
C ILE D 42 -21.00 -16.16 28.71
N GLN D 43 -21.87 -15.16 28.63
CA GLN D 43 -21.73 -14.05 29.57
C GLN D 43 -21.79 -14.56 30.99
N LYS D 44 -22.78 -15.41 31.30
CA LYS D 44 -22.86 -15.99 32.64
C LYS D 44 -21.67 -16.89 32.94
N ALA D 45 -21.20 -17.67 31.97
CA ALA D 45 -20.13 -18.62 32.26
C ALA D 45 -18.82 -17.91 32.58
N LEU D 46 -18.53 -16.79 31.91
CA LEU D 46 -17.26 -16.10 32.11
C LEU D 46 -17.15 -15.46 33.48
N ARG D 47 -18.27 -15.18 34.16
CA ARG D 47 -18.20 -14.64 35.52
C ARG D 47 -17.64 -15.62 36.53
N GLN D 48 -17.74 -16.94 36.30
CA GLN D 48 -17.32 -17.93 37.30
C GLN D 48 -15.86 -17.76 37.67
N ARG D 49 -15.57 -17.87 38.96
CA ARG D 49 -14.17 -17.99 39.37
C ARG D 49 -13.71 -19.45 39.28
N LEU D 50 -12.39 -19.62 39.20
CA LEU D 50 -11.83 -20.95 38.95
C LEU D 50 -11.57 -21.68 40.25
N GLY D 51 -11.83 -22.98 40.24
CA GLY D 51 -11.52 -23.84 41.35
C GLY D 51 -10.03 -24.11 41.45
N PRO D 52 -9.62 -24.74 42.56
CA PRO D 52 -8.19 -25.01 42.76
C PRO D 52 -7.62 -26.02 41.78
N GLU D 53 -8.47 -26.76 41.08
CA GLU D 53 -8.01 -27.65 40.03
C GLU D 53 -7.26 -26.89 38.93
N TYR D 54 -7.57 -25.61 38.75
CA TYR D 54 -6.96 -24.84 37.67
C TYR D 54 -5.72 -24.10 38.11
N ILE D 55 -5.49 -23.95 39.41
CA ILE D 55 -4.51 -22.97 39.91
C ILE D 55 -3.23 -23.69 40.30
N SER D 56 -2.11 -23.15 39.85
CA SER D 56 -0.77 -23.63 40.18
C SER D 56 -0.01 -22.53 40.91
N SER D 57 1.17 -22.88 41.40
CA SER D 57 1.97 -21.90 42.12
C SER D 57 3.45 -22.17 41.93
N ARG D 58 4.23 -21.11 42.15
CA ARG D 58 5.68 -21.12 42.17
C ARG D 58 6.10 -20.12 43.25
N MET D 59 7.40 -19.95 43.42
CA MET D 59 7.94 -18.92 44.31
C MET D 59 8.61 -17.85 43.47
N ALA D 60 8.27 -16.58 43.75
CA ALA D 60 8.96 -15.47 43.10
C ALA D 60 10.36 -15.34 43.67
N GLY D 61 11.26 -14.79 42.85
CA GLY D 61 12.64 -14.60 43.28
C GLY D 61 12.76 -13.65 44.45
N GLY D 62 13.07 -14.19 45.64
CA GLY D 62 13.18 -13.36 46.81
C GLY D 62 11.88 -13.04 47.52
N GLY D 63 10.76 -13.64 47.11
CA GLY D 63 9.48 -13.29 47.69
C GLY D 63 8.49 -14.44 47.74
N GLN D 64 7.22 -14.10 47.94
CA GLN D 64 6.21 -15.05 48.38
C GLN D 64 5.62 -15.82 47.19
N LYS D 65 4.48 -16.47 47.44
CA LYS D 65 3.87 -17.39 46.48
C LYS D 65 3.17 -16.63 45.35
N VAL D 66 3.34 -17.10 44.13
CA VAL D 66 2.68 -16.54 42.97
C VAL D 66 1.85 -17.63 42.29
N CYS D 67 0.57 -17.38 42.11
CA CYS D 67 -0.31 -18.33 41.46
C CYS D 67 -0.41 -18.03 39.98
N TYR D 68 -0.62 -19.08 39.19
CA TYR D 68 -0.74 -18.96 37.75
C TYR D 68 -1.57 -20.11 37.23
N ILE D 69 -1.96 -20.02 35.98
CA ILE D 69 -2.71 -21.07 35.32
C ILE D 69 -1.85 -21.57 34.17
N GLU D 70 -1.75 -22.90 34.03
CA GLU D 70 -0.92 -23.43 32.97
C GLU D 70 -1.58 -23.21 31.61
N GLY D 71 -0.73 -23.02 30.60
CA GLY D 71 -1.22 -22.70 29.26
C GLY D 71 -2.23 -23.72 28.75
N HIS D 72 -1.89 -25.01 28.85
CA HIS D 72 -2.76 -26.05 28.31
C HIS D 72 -4.12 -26.05 28.97
N ARG D 73 -4.22 -25.50 30.18
CA ARG D 73 -5.52 -25.34 30.83
C ARG D 73 -6.24 -24.10 30.32
N VAL D 74 -5.51 -23.02 30.02
CA VAL D 74 -6.19 -21.87 29.44
C VAL D 74 -6.67 -22.23 28.03
N ILE D 75 -5.87 -22.97 27.27
CA ILE D 75 -6.30 -23.40 25.94
C ILE D 75 -7.60 -24.22 26.03
N ASN D 76 -7.67 -25.16 26.97
CA ASN D 76 -8.88 -25.97 27.12
C ASN D 76 -10.06 -25.14 27.62
N LEU D 77 -9.84 -24.21 28.54
CA LEU D 77 -10.92 -23.31 28.91
C LEU D 77 -11.46 -22.59 27.68
N ALA D 78 -10.58 -22.03 26.85
CA ALA D 78 -11.03 -21.28 25.68
C ALA D 78 -11.79 -22.17 24.72
N ASN D 79 -11.27 -23.37 24.46
CA ASN D 79 -11.92 -24.29 23.55
C ASN D 79 -13.30 -24.71 24.06
N GLU D 80 -13.45 -24.90 25.37
CA GLU D 80 -14.77 -25.26 25.86
C GLU D 80 -15.69 -24.05 25.95
N MET D 81 -15.15 -22.88 26.33
CA MET D 81 -15.98 -21.69 26.41
C MET D 81 -16.49 -21.26 25.05
N PHE D 82 -15.64 -21.26 24.03
CA PHE D 82 -16.02 -20.69 22.75
C PHE D 82 -16.14 -21.71 21.63
N GLY D 83 -15.75 -22.94 21.85
CA GLY D 83 -15.71 -23.86 20.73
C GLY D 83 -14.39 -23.81 20.00
N TYR D 84 -13.99 -24.95 19.47
CA TYR D 84 -12.69 -25.04 18.84
C TYR D 84 -12.56 -24.05 17.70
N ASN D 85 -13.68 -23.66 17.12
CA ASN D 85 -13.67 -22.71 16.02
C ASN D 85 -14.22 -21.34 16.44
N GLY D 86 -14.30 -21.08 17.73
CA GLY D 86 -14.92 -19.88 18.25
C GLY D 86 -13.95 -18.80 18.65
N TRP D 87 -12.67 -19.14 18.79
CA TRP D 87 -11.65 -18.18 19.19
C TRP D 87 -10.43 -18.44 18.34
N ALA D 88 -9.56 -17.44 18.26
CA ALA D 88 -8.37 -17.55 17.42
C ALA D 88 -7.31 -16.65 18.03
N HIS D 89 -6.05 -16.91 17.68
CA HIS D 89 -5.03 -15.99 18.15
C HIS D 89 -3.89 -15.93 17.14
N SER D 90 -3.25 -14.78 17.14
CA SER D 90 -2.12 -14.50 16.26
C SER D 90 -1.05 -13.79 17.06
N ILE D 91 0.16 -13.83 16.53
CA ILE D 91 1.32 -13.16 17.12
C ILE D 91 1.50 -11.87 16.33
N THR D 92 1.10 -10.75 16.92
CA THR D 92 1.33 -9.48 16.25
C THR D 92 2.82 -9.22 16.11
N GLN D 93 3.60 -9.58 17.12
CA GLN D 93 5.03 -9.31 17.08
C GLN D 93 5.73 -10.02 18.23
N GLN D 94 6.98 -10.41 18.00
CA GLN D 94 7.85 -10.91 19.05
C GLN D 94 9.17 -10.16 18.97
N ASN D 95 9.67 -9.70 20.12
CA ASN D 95 10.98 -9.05 20.15
C ASN D 95 11.87 -9.72 21.19
N VAL D 96 13.09 -10.05 20.78
CA VAL D 96 14.10 -10.42 21.74
C VAL D 96 14.72 -9.15 22.31
N ASP D 97 14.41 -8.86 23.58
CA ASP D 97 14.95 -7.67 24.21
C ASP D 97 16.46 -7.77 24.45
N PHE D 98 16.98 -8.97 24.78
CA PHE D 98 18.40 -9.09 25.08
C PHE D 98 18.80 -10.56 25.15
N VAL D 99 20.03 -10.82 24.71
CA VAL D 99 20.76 -12.07 24.94
C VAL D 99 22.08 -11.66 25.58
N ASP D 100 22.21 -11.90 26.88
CA ASP D 100 23.38 -11.53 27.66
C ASP D 100 24.14 -12.78 28.10
N LEU D 101 25.46 -12.74 27.98
CA LEU D 101 26.35 -13.82 28.42
C LEU D 101 27.07 -13.40 29.68
N ASN D 102 26.84 -14.12 30.78
CA ASN D 102 27.51 -13.81 32.05
C ASN D 102 28.14 -15.08 32.61
N ASN D 103 29.47 -15.12 32.57
CA ASN D 103 30.27 -16.23 33.12
C ASN D 103 29.75 -17.57 32.59
N GLY D 104 29.65 -17.67 31.27
CA GLY D 104 29.18 -18.87 30.59
C GLY D 104 27.71 -19.19 30.74
N ALA D 105 26.92 -18.27 31.31
CA ALA D 105 25.48 -18.44 31.41
C ALA D 105 24.76 -17.32 30.64
N PHE D 106 23.65 -17.69 30.00
CA PHE D 106 22.92 -16.75 29.15
C PHE D 106 21.69 -16.23 29.88
N TYR D 107 21.45 -14.93 29.75
CA TYR D 107 20.27 -14.25 30.29
C TYR D 107 19.52 -13.66 29.10
N VAL D 108 18.26 -14.08 28.94
CA VAL D 108 17.44 -13.80 27.75
C VAL D 108 16.07 -13.32 28.21
N GLY D 109 15.64 -12.18 27.66
CA GLY D 109 14.29 -11.70 27.80
C GLY D 109 13.64 -11.48 26.46
N VAL D 110 12.40 -11.94 26.33
CA VAL D 110 11.67 -11.88 25.08
C VAL D 110 10.26 -11.47 25.40
N CYS D 111 9.71 -10.59 24.56
CA CYS D 111 8.29 -10.26 24.66
C CYS D 111 7.56 -10.73 23.41
N ALA D 112 6.26 -10.96 23.58
CA ALA D 112 5.39 -11.28 22.46
C ALA D 112 4.08 -10.50 22.59
N PHE D 113 3.54 -10.04 21.47
CA PHE D 113 2.24 -9.39 21.48
C PHE D 113 1.24 -10.33 20.81
N VAL D 114 0.20 -10.70 21.55
CA VAL D 114 -0.70 -11.77 21.15
C VAL D 114 -2.11 -11.21 21.13
N ARG D 115 -2.78 -11.40 20.01
CA ARG D 115 -4.13 -10.91 19.79
C ARG D 115 -5.09 -12.10 19.67
N VAL D 116 -6.05 -12.14 20.56
CA VAL D 116 -7.10 -13.15 20.56
C VAL D 116 -8.33 -12.53 19.95
N GLN D 117 -9.01 -13.26 19.07
CA GLN D 117 -10.23 -12.80 18.43
C GLN D 117 -11.31 -13.87 18.61
N LEU D 118 -12.55 -13.45 18.81
CA LEU D 118 -13.68 -14.37 18.82
C LEU D 118 -14.31 -14.41 17.43
N LYS D 119 -15.23 -15.35 17.23
CA LYS D 119 -15.78 -15.59 15.90
C LYS D 119 -16.58 -14.40 15.38
N ASP D 120 -17.00 -13.49 16.26
CA ASP D 120 -17.77 -12.31 15.84
C ASP D 120 -16.90 -11.07 15.63
N GLY D 121 -15.58 -11.20 15.79
CA GLY D 121 -14.66 -10.12 15.54
C GLY D 121 -14.15 -9.38 16.76
N SER D 122 -14.81 -9.53 17.92
CA SER D 122 -14.27 -8.91 19.12
C SER D 122 -12.88 -9.48 19.41
N TYR D 123 -12.07 -8.69 20.13
CA TYR D 123 -10.67 -9.09 20.24
C TYR D 123 -10.05 -8.47 21.48
N HIS D 124 -8.95 -9.08 21.91
CA HIS D 124 -8.12 -8.49 22.94
C HIS D 124 -6.67 -8.86 22.64
N GLU D 125 -5.78 -7.91 22.87
CA GLU D 125 -4.35 -8.12 22.62
C GLU D 125 -3.60 -7.73 23.88
N ASP D 126 -2.53 -8.47 24.16
CA ASP D 126 -1.73 -8.16 25.34
C ASP D 126 -0.29 -8.54 25.08
N VAL D 127 0.56 -8.19 26.02
CA VAL D 127 1.96 -8.54 25.92
C VAL D 127 2.25 -9.66 26.89
N GLY D 128 3.10 -10.59 26.46
CA GLY D 128 3.60 -11.63 27.34
C GLY D 128 5.10 -11.55 27.38
N TYR D 129 5.72 -12.13 28.41
CA TYR D 129 7.17 -12.06 28.53
C TYR D 129 7.74 -13.44 28.80
N GLY D 130 8.91 -13.67 28.27
CA GLY D 130 9.56 -14.96 28.42
C GLY D 130 11.00 -14.74 28.84
N VAL D 131 11.43 -15.53 29.82
CA VAL D 131 12.70 -15.31 30.46
C VAL D 131 13.43 -16.64 30.50
N SER D 132 14.72 -16.63 30.21
CA SER D 132 15.59 -17.78 30.49
C SER D 132 16.87 -17.25 31.10
N GLU D 133 17.19 -17.72 32.29
CA GLU D 133 18.39 -17.30 33.00
C GLU D 133 19.18 -18.51 33.46
N GLY D 134 20.46 -18.56 33.13
CA GLY D 134 21.38 -19.54 33.67
C GLY D 134 21.70 -20.77 32.84
N LEU D 135 20.96 -21.05 31.78
CA LEU D 135 21.33 -22.22 31.00
C LEU D 135 22.64 -21.92 30.31
N ALA D 136 23.36 -22.97 29.93
CA ALA D 136 24.62 -22.76 29.24
C ALA D 136 24.47 -22.77 27.73
N SER D 137 23.36 -23.31 27.23
CA SER D 137 23.04 -23.30 25.79
C SER D 137 22.33 -22.01 25.42
N LYS D 138 22.92 -21.25 24.49
CA LYS D 138 22.22 -20.08 23.99
C LYS D 138 20.93 -20.48 23.28
N ALA D 139 20.99 -21.58 22.52
CA ALA D 139 19.81 -22.05 21.78
C ALA D 139 18.64 -22.36 22.72
N LEU D 140 18.89 -23.16 23.76
CA LEU D 140 17.78 -23.51 24.63
C LEU D 140 17.31 -22.30 25.41
N SER D 141 18.19 -21.33 25.66
CA SER D 141 17.73 -20.11 26.31
C SER D 141 16.73 -19.38 25.43
N LEU D 142 17.07 -19.16 24.16
CA LEU D 142 16.14 -18.50 23.25
C LEU D 142 14.86 -19.31 23.07
N GLU D 143 14.98 -20.63 22.90
CA GLU D 143 13.77 -21.42 22.71
C GLU D 143 12.81 -21.24 23.87
N LYS D 144 13.29 -21.41 25.10
CA LYS D 144 12.43 -21.28 26.26
C LYS D 144 11.81 -19.89 26.33
N ALA D 145 12.64 -18.85 26.18
CA ALA D 145 12.12 -17.49 26.27
C ALA D 145 11.12 -17.20 25.17
N ARG D 146 11.42 -17.58 23.92
CA ARG D 146 10.51 -17.27 22.82
C ARG D 146 9.17 -17.93 23.01
N LYS D 147 9.16 -19.20 23.42
CA LYS D 147 7.90 -19.92 23.55
C LYS D 147 7.10 -19.45 24.75
N GLU D 148 7.78 -19.19 25.87
CA GLU D 148 7.04 -18.76 27.05
C GLU D 148 6.42 -17.38 26.83
N ALA D 149 7.14 -16.46 26.15
CA ALA D 149 6.55 -15.15 25.87
C ALA D 149 5.24 -15.30 25.10
N VAL D 150 5.19 -16.20 24.11
CA VAL D 150 3.95 -16.38 23.35
C VAL D 150 2.85 -16.94 24.24
N THR D 151 3.12 -18.03 24.98
CA THR D 151 2.08 -18.58 25.85
C THR D 151 1.63 -17.57 26.90
N ASP D 152 2.59 -16.87 27.51
CA ASP D 152 2.27 -15.83 28.47
C ASP D 152 1.37 -14.75 27.85
N GLY D 153 1.66 -14.34 26.62
CA GLY D 153 0.82 -13.34 25.98
C GLY D 153 -0.57 -13.85 25.71
N LEU D 154 -0.68 -15.11 25.32
CA LEU D 154 -1.99 -15.72 25.10
C LEU D 154 -2.79 -15.72 26.39
N LYS D 155 -2.16 -16.07 27.51
CA LYS D 155 -2.86 -16.09 28.79
C LYS D 155 -3.36 -14.69 29.14
N ARG D 156 -2.51 -13.68 28.97
CA ARG D 156 -2.89 -12.33 29.34
C ARG D 156 -4.00 -11.81 28.45
N ALA D 157 -3.97 -12.14 27.16
CA ALA D 157 -5.03 -11.70 26.26
C ALA D 157 -6.36 -12.37 26.57
N LEU D 158 -6.35 -13.70 26.79
CA LEU D 158 -7.60 -14.42 27.05
C LEU D 158 -8.25 -13.98 28.35
N ARG D 159 -7.46 -13.71 29.38
CA ARG D 159 -8.02 -13.28 30.67
C ARG D 159 -8.89 -12.01 30.55
N SER D 160 -8.72 -11.18 29.51
CA SER D 160 -9.60 -10.02 29.40
C SER D 160 -11.04 -10.39 29.14
N PHE D 161 -11.31 -11.63 28.69
CA PHE D 161 -12.69 -12.03 28.45
C PHE D 161 -13.45 -12.34 29.74
N GLY D 162 -12.78 -12.57 30.87
CA GLY D 162 -13.51 -12.72 32.11
C GLY D 162 -12.85 -13.66 33.09
N ASN D 163 -13.52 -13.83 34.23
CA ASN D 163 -12.99 -14.64 35.34
C ASN D 163 -12.64 -16.05 34.90
N ALA D 164 -13.50 -16.68 34.10
CA ALA D 164 -13.29 -18.08 33.75
C ALA D 164 -12.03 -18.31 32.93
N LEU D 165 -11.52 -17.27 32.27
CA LEU D 165 -10.31 -17.39 31.46
C LEU D 165 -9.11 -16.80 32.17
N GLY D 166 -9.22 -16.55 33.47
CA GLY D 166 -8.07 -16.18 34.27
C GLY D 166 -8.12 -14.82 34.92
N ASN D 167 -9.15 -13.99 34.72
CA ASN D 167 -9.13 -12.67 35.33
C ASN D 167 -9.20 -12.74 36.84
N CYS D 168 -9.69 -13.86 37.40
CA CYS D 168 -9.81 -13.96 38.86
C CYS D 168 -8.46 -14.10 39.56
N ILE D 169 -7.43 -14.60 38.88
CA ILE D 169 -6.20 -14.92 39.61
C ILE D 169 -5.57 -13.70 40.26
N LEU D 170 -5.89 -12.50 39.77
CA LEU D 170 -5.30 -11.29 40.33
C LEU D 170 -6.15 -10.68 41.45
N ASP D 171 -7.34 -11.22 41.66
CA ASP D 171 -8.18 -10.79 42.77
C ASP D 171 -7.54 -11.28 44.05
N LYS D 172 -7.06 -10.35 44.88
CA LYS D 172 -6.40 -10.73 46.12
C LYS D 172 -7.35 -11.41 47.09
N ASP D 173 -8.65 -11.11 47.01
CA ASP D 173 -9.63 -11.77 47.87
C ASP D 173 -9.87 -13.19 47.41
N TYR D 174 -10.01 -13.39 46.09
CA TYR D 174 -10.15 -14.73 45.55
C TYR D 174 -9.00 -15.63 45.97
N LEU D 175 -7.77 -15.10 45.96
CA LEU D 175 -6.61 -15.91 46.32
C LEU D 175 -6.65 -16.28 47.80
N ARG D 176 -7.08 -15.33 48.65
CA ARG D 176 -7.23 -15.62 50.07
C ARG D 176 -8.25 -16.72 50.30
N SER D 177 -9.40 -16.63 49.64
CA SER D 177 -10.38 -17.70 49.77
C SER D 177 -9.85 -19.01 49.20
N LEU D 178 -9.03 -18.95 48.15
CA LEU D 178 -8.53 -20.17 47.53
C LEU D 178 -7.58 -20.91 48.47
N ASN D 179 -6.66 -20.19 49.13
CA ASN D 179 -5.74 -20.84 50.06
C ASN D 179 -6.42 -21.40 51.30
N LYS D 180 -7.67 -21.04 51.57
CA LYS D 180 -8.39 -21.58 52.71
C LYS D 180 -9.14 -22.88 52.40
N LEU D 181 -9.20 -23.29 51.11
CA LEU D 181 -9.78 -24.57 50.68
C LEU D 181 -8.79 -25.71 50.83
N PRO D 182 -9.29 -26.93 51.07
CA PRO D 182 -8.41 -28.09 51.12
C PRO D 182 -7.52 -28.19 49.89
N ARG D 183 -6.23 -28.30 50.11
CA ARG D 183 -5.32 -28.70 49.04
C ARG D 183 -5.54 -30.18 48.76
N GLN D 184 -5.96 -30.50 47.53
CA GLN D 184 -6.47 -31.83 47.21
C GLN D 184 -5.53 -32.58 46.26
N LEU D 185 -5.81 -33.87 46.11
CA LEU D 185 -4.91 -34.80 45.45
C LEU D 185 -4.73 -34.44 43.99
N PRO D 186 -3.55 -34.75 43.41
CA PRO D 186 -3.40 -34.63 41.96
C PRO D 186 -4.44 -35.49 41.25
N LEU D 187 -5.11 -34.89 40.27
CA LEU D 187 -6.10 -35.62 39.50
C LEU D 187 -5.47 -36.83 38.81
N GLU D 188 -6.31 -37.82 38.48
CA GLU D 188 -5.90 -39.01 37.74
C GLU D 188 -6.61 -39.06 36.41
N VAL D 189 -5.85 -39.26 35.35
CA VAL D 189 -6.38 -39.29 33.99
C VAL D 189 -6.64 -40.73 33.61
N ASP D 190 -7.84 -40.98 33.09
CA ASP D 190 -8.26 -42.32 32.69
C ASP D 190 -8.04 -42.45 31.19
N LEU D 191 -6.98 -43.14 30.81
CA LEU D 191 -6.65 -43.28 29.40
C LEU D 191 -7.33 -44.48 28.75
N THR D 192 -8.39 -45.02 29.36
CA THR D 192 -9.07 -46.16 28.74
C THR D 192 -9.74 -45.74 27.45
N LYS D 193 -10.32 -44.55 27.43
CA LYS D 193 -11.06 -44.03 26.29
C LYS D 193 -10.20 -43.11 25.44
N ALA D 194 -8.89 -43.34 25.44
CA ALA D 194 -7.98 -42.46 24.73
C ALA D 194 -7.99 -42.79 23.24
N LYS D 195 -7.82 -41.75 22.43
CA LYS D 195 -7.71 -41.95 20.99
C LYS D 195 -6.45 -42.75 20.71
N ARG D 196 -6.56 -43.72 19.81
CA ARG D 196 -5.44 -44.60 19.50
C ARG D 196 -5.23 -44.78 18.00
N GLN D 197 -6.09 -44.20 17.18
CA GLN D 197 -5.99 -44.25 15.73
C GLN D 197 -6.43 -42.90 15.19
N ASP D 198 -5.97 -42.57 13.97
CA ASP D 198 -6.26 -41.25 13.44
C ASP D 198 -7.73 -41.07 13.11
N LEU D 199 -8.36 -42.07 12.49
CA LEU D 199 -9.70 -41.89 11.95
C LEU D 199 -10.73 -41.57 13.02
N GLU D 200 -11.68 -40.71 12.67
CA GLU D 200 -12.74 -40.27 13.56
C GLU D 200 -14.05 -40.44 12.80
N PRO D 201 -14.65 -41.64 12.86
CA PRO D 201 -15.83 -41.91 12.02
C PRO D 201 -16.99 -40.96 12.28
N SER D 202 -17.21 -40.56 13.54
CA SER D 202 -18.29 -39.63 13.82
C SER D 202 -18.06 -38.32 13.06
N VAL D 203 -16.81 -37.83 13.05
CA VAL D 203 -16.44 -36.63 12.31
C VAL D 203 -16.51 -36.87 10.81
N GLU D 204 -15.94 -37.98 10.35
CA GLU D 204 -15.92 -38.22 8.91
C GLU D 204 -17.33 -38.34 8.37
N ALA D 205 -18.25 -38.85 9.19
CA ALA D 205 -19.65 -38.91 8.80
C ALA D 205 -20.19 -37.50 8.57
N ALA D 206 -20.07 -36.64 9.58
CA ALA D 206 -20.64 -35.31 9.51
C ALA D 206 -20.04 -34.50 8.37
N ARG D 207 -18.73 -34.66 8.13
CA ARG D 207 -18.09 -33.83 7.10
C ARG D 207 -18.55 -34.22 5.71
N TYR D 208 -18.77 -35.53 5.47
CA TYR D 208 -19.22 -35.94 4.15
C TYR D 208 -20.61 -35.38 3.84
N ASN D 209 -21.49 -35.35 4.85
CA ASN D 209 -22.84 -34.83 4.68
C ASN D 209 -22.88 -33.31 4.63
N SER D 210 -21.81 -32.67 4.15
CA SER D 210 -21.77 -31.21 4.16
C SER D 210 -21.20 -30.63 2.88
N CYS D 211 -20.98 -31.43 1.84
CA CYS D 211 -20.47 -30.89 0.58
C CYS D 211 -21.49 -31.06 -0.58
N CYS E 28 -15.27 -21.65 -0.52
CA CYS E 28 -13.86 -21.98 -0.68
C CYS E 28 -13.12 -21.85 0.65
N PHE E 29 -11.82 -22.14 0.65
CA PHE E 29 -11.06 -22.18 1.89
C PHE E 29 -10.99 -20.81 2.57
N GLY E 30 -11.24 -20.79 3.87
CA GLY E 30 -11.36 -19.55 4.61
C GLY E 30 -12.77 -19.01 4.66
N GLN E 31 -13.66 -19.56 3.85
CA GLN E 31 -15.04 -19.10 3.79
C GLN E 31 -16.07 -20.13 4.23
N CYS E 32 -15.70 -21.40 4.34
CA CYS E 32 -16.69 -22.45 4.48
C CYS E 32 -17.03 -22.66 5.96
N GLN E 33 -18.19 -22.16 6.37
CA GLN E 33 -18.67 -22.33 7.73
C GLN E 33 -18.85 -23.81 8.09
N TYR E 34 -18.80 -24.12 9.38
CA TYR E 34 -19.04 -25.47 9.84
C TYR E 34 -20.53 -25.72 10.00
N THR E 35 -20.96 -26.89 9.55
CA THR E 35 -22.30 -27.36 9.83
C THR E 35 -22.43 -27.72 11.31
N ALA E 36 -23.67 -27.74 11.79
CA ALA E 36 -23.93 -28.13 13.17
C ALA E 36 -23.38 -29.51 13.49
N GLU E 37 -23.51 -30.44 12.55
CA GLU E 37 -23.05 -31.80 12.81
C GLU E 37 -21.53 -31.86 12.83
N GLU E 38 -20.88 -31.34 11.79
CA GLU E 38 -19.41 -31.39 11.76
C GLU E 38 -18.80 -30.65 12.94
N TYR E 39 -19.39 -29.52 13.33
CA TYR E 39 -18.91 -28.80 14.49
C TYR E 39 -18.93 -29.70 15.71
N GLN E 40 -20.08 -30.29 16.04
CA GLN E 40 -20.16 -31.00 17.31
C GLN E 40 -19.37 -32.30 17.26
N ALA E 41 -19.23 -32.89 16.09
CA ALA E 41 -18.34 -34.04 15.96
C ALA E 41 -16.91 -33.65 16.32
N ILE E 42 -16.39 -32.58 15.73
CA ILE E 42 -15.00 -32.20 15.96
C ILE E 42 -14.79 -31.69 17.37
N GLN E 43 -15.73 -30.92 17.88
CA GLN E 43 -15.60 -30.43 19.24
C GLN E 43 -15.42 -31.58 20.21
N LYS E 44 -16.32 -32.57 20.16
CA LYS E 44 -16.19 -33.75 21.02
C LYS E 44 -14.87 -34.47 20.77
N ALA E 45 -14.59 -34.78 19.51
CA ALA E 45 -13.42 -35.57 19.17
C ALA E 45 -12.13 -34.92 19.65
N LEU E 46 -12.04 -33.58 19.63
CA LEU E 46 -10.79 -32.89 20.00
C LEU E 46 -10.52 -32.99 21.49
N ARG E 47 -11.54 -33.27 22.31
CA ARG E 47 -11.34 -33.47 23.74
C ARG E 47 -10.48 -34.69 24.05
N GLN E 48 -10.45 -35.69 23.15
CA GLN E 48 -9.76 -36.94 23.48
C GLN E 48 -8.27 -36.71 23.74
N ARG E 49 -7.76 -37.35 24.77
CA ARG E 49 -6.32 -37.36 24.95
C ARG E 49 -5.72 -38.47 24.09
N LEU E 50 -4.44 -38.37 23.82
CA LEU E 50 -3.86 -39.33 22.90
C LEU E 50 -3.36 -40.55 23.67
N GLY E 51 -3.49 -41.72 23.03
CA GLY E 51 -2.93 -42.96 23.53
C GLY E 51 -1.45 -43.03 23.28
N PRO E 52 -0.81 -44.05 23.88
CA PRO E 52 0.67 -44.14 23.81
C PRO E 52 1.20 -44.41 22.42
N GLU E 53 0.35 -44.81 21.49
CA GLU E 53 0.78 -44.94 20.11
C GLU E 53 1.32 -43.64 19.56
N TYR E 54 0.86 -42.49 20.07
CA TYR E 54 1.25 -41.19 19.53
C TYR E 54 2.50 -40.62 20.17
N ILE E 55 2.92 -41.12 21.32
CA ILE E 55 3.88 -40.42 22.16
C ILE E 55 5.28 -41.00 22.01
N SER E 56 6.25 -40.13 21.82
CA SER E 56 7.67 -40.44 21.78
C SER E 56 8.38 -39.76 22.94
N SER E 57 9.64 -40.12 23.13
CA SER E 57 10.44 -39.55 24.19
C SER E 57 11.89 -39.58 23.76
N ARG E 58 12.60 -38.52 24.11
CA ARG E 58 14.03 -38.39 23.96
C ARG E 58 14.60 -38.05 25.33
N MET E 59 15.90 -38.24 25.49
CA MET E 59 16.54 -37.73 26.68
C MET E 59 17.04 -36.32 26.43
N ALA E 60 16.99 -35.50 27.47
CA ALA E 60 17.30 -34.09 27.42
C ALA E 60 18.35 -33.79 28.49
N GLY E 61 19.03 -32.66 28.34
CA GLY E 61 20.06 -32.31 29.30
C GLY E 61 19.49 -32.23 30.70
N GLY E 62 20.31 -32.64 31.67
CA GLY E 62 19.91 -32.68 33.06
C GLY E 62 19.17 -33.92 33.51
N GLY E 63 18.99 -34.92 32.65
CA GLY E 63 18.36 -36.18 33.03
C GLY E 63 16.87 -36.32 32.79
N GLN E 64 16.15 -35.28 32.37
CA GLN E 64 14.71 -35.41 32.22
C GLN E 64 14.36 -36.27 31.01
N LYS E 65 13.21 -36.96 31.10
CA LYS E 65 12.60 -37.61 29.94
C LYS E 65 11.58 -36.67 29.32
N VAL E 66 11.80 -36.28 28.08
CA VAL E 66 10.98 -35.30 27.40
C VAL E 66 10.05 -36.05 26.44
N CYS E 67 8.74 -35.87 26.60
CA CYS E 67 7.76 -36.49 25.72
C CYS E 67 7.34 -35.53 24.60
N TYR E 68 7.09 -36.09 23.43
CA TYR E 68 6.69 -35.29 22.30
C TYR E 68 5.93 -36.16 21.32
N ILE E 69 5.28 -35.51 20.35
CA ILE E 69 4.59 -36.20 19.26
C ILE E 69 5.34 -35.89 17.98
N GLU E 70 5.57 -36.92 17.17
CA GLU E 70 6.32 -36.71 15.92
C GLU E 70 5.48 -35.94 14.92
N GLY E 71 6.16 -35.20 14.05
CA GLY E 71 5.46 -34.35 13.10
C GLY E 71 4.46 -35.11 12.23
N HIS E 72 4.90 -36.22 11.63
CA HIS E 72 4.03 -36.92 10.68
C HIS E 72 2.76 -37.43 11.35
N ARG E 73 2.81 -37.69 12.65
CA ARG E 73 1.59 -38.06 13.37
C ARG E 73 0.66 -36.86 13.58
N VAL E 74 1.22 -35.66 13.77
CA VAL E 74 0.39 -34.49 13.94
C VAL E 74 -0.30 -34.14 12.63
N ILE E 75 0.45 -34.21 11.52
CA ILE E 75 -0.13 -33.95 10.22
C ILE E 75 -1.32 -34.89 9.97
N ASN E 76 -1.12 -36.19 10.22
CA ASN E 76 -2.20 -37.16 9.99
C ASN E 76 -3.37 -36.92 10.93
N LEU E 77 -3.09 -36.62 12.20
CA LEU E 77 -4.18 -36.24 13.10
C LEU E 77 -4.98 -35.08 12.53
N ALA E 78 -4.28 -34.04 12.04
CA ALA E 78 -4.98 -32.90 11.47
C ALA E 78 -5.77 -33.29 10.23
N ASN E 79 -5.16 -34.11 9.36
CA ASN E 79 -5.84 -34.53 8.13
C ASN E 79 -7.10 -35.34 8.42
N GLU E 80 -7.09 -36.16 9.46
CA GLU E 80 -8.29 -36.92 9.78
C GLU E 80 -9.30 -36.10 10.55
N MET E 81 -8.86 -35.22 11.44
CA MET E 81 -9.81 -34.39 12.16
C MET E 81 -10.51 -33.40 11.22
N PHE E 82 -9.76 -32.79 10.30
CA PHE E 82 -10.29 -31.68 9.49
C PHE E 82 -10.46 -32.03 8.03
N GLY E 83 -9.98 -33.17 7.58
CA GLY E 83 -10.01 -33.34 6.15
C GLY E 83 -8.77 -32.75 5.52
N TYR E 84 -8.33 -33.35 4.42
CA TYR E 84 -7.11 -32.88 3.80
C TYR E 84 -7.22 -31.43 3.38
N ASN E 85 -8.44 -30.94 3.15
CA ASN E 85 -8.68 -29.59 2.71
C ASN E 85 -9.35 -28.76 3.80
N GLY E 86 -9.30 -29.24 5.04
CA GLY E 86 -10.01 -28.58 6.12
C GLY E 86 -9.13 -27.70 6.99
N TRP E 87 -7.80 -27.83 6.82
CA TRP E 87 -6.82 -27.07 7.58
C TRP E 87 -5.68 -26.71 6.65
N ALA E 88 -4.91 -25.71 7.05
CA ALA E 88 -3.83 -25.18 6.22
C ALA E 88 -2.84 -24.52 7.15
N HIS E 89 -1.61 -24.33 6.66
CA HIS E 89 -0.66 -23.62 7.49
C HIS E 89 0.33 -22.87 6.58
N SER E 90 0.85 -21.77 7.12
CA SER E 90 1.84 -20.95 6.44
C SER E 90 2.89 -20.54 7.44
N ILE E 91 4.02 -20.09 6.92
CA ILE E 91 5.12 -19.59 7.71
C ILE E 91 5.07 -18.06 7.68
N THR E 92 4.63 -17.44 8.78
CA THR E 92 4.65 -15.97 8.83
C THR E 92 6.09 -15.47 8.76
N GLN E 93 7.00 -16.14 9.44
CA GLN E 93 8.38 -15.69 9.43
C GLN E 93 9.25 -16.78 10.04
N GLN E 94 10.49 -16.82 9.55
CA GLN E 94 11.53 -17.62 10.16
C GLN E 94 12.74 -16.74 10.32
N ASN E 95 13.34 -16.79 11.49
CA ASN E 95 14.55 -16.03 11.71
C ASN E 95 15.66 -16.92 12.27
N VAL E 96 16.86 -16.75 11.72
CA VAL E 96 18.03 -17.40 12.25
C VAL E 96 18.57 -16.55 13.40
N ASP E 97 18.45 -17.04 14.62
CA ASP E 97 18.92 -16.27 15.76
C ASP E 97 20.45 -16.17 15.77
N PHE E 98 21.15 -17.26 15.41
CA PHE E 98 22.60 -17.25 15.47
C PHE E 98 23.16 -18.50 14.80
N VAL E 99 24.34 -18.33 14.19
CA VAL E 99 25.21 -19.42 13.75
C VAL E 99 26.58 -19.21 14.34
N ASP E 100 26.92 -20.02 15.35
CA ASP E 100 28.17 -19.88 16.10
C ASP E 100 29.09 -21.06 15.90
N LEU E 101 30.38 -20.75 15.70
CA LEU E 101 31.44 -21.73 15.53
C LEU E 101 32.32 -21.78 16.76
N ASN E 102 32.36 -22.95 17.42
CA ASN E 102 33.24 -23.18 18.56
C ASN E 102 33.89 -24.55 18.39
N ASN E 103 35.22 -24.58 18.21
CA ASN E 103 36.00 -25.81 18.08
C ASN E 103 35.53 -26.67 16.91
N GLY E 104 35.37 -26.05 15.75
CA GLY E 104 34.96 -26.79 14.58
C GLY E 104 33.57 -27.37 14.63
N ALA E 105 32.77 -27.01 15.63
CA ALA E 105 31.38 -27.43 15.75
C ALA E 105 30.49 -26.20 15.73
N PHE E 106 29.32 -26.32 15.12
CA PHE E 106 28.42 -25.20 14.94
C PHE E 106 27.28 -25.25 15.94
N TYR E 107 26.87 -24.10 16.43
CA TYR E 107 25.69 -23.98 17.28
C TYR E 107 24.71 -23.03 16.61
N VAL E 108 23.52 -23.54 16.32
CA VAL E 108 22.53 -22.82 15.54
C VAL E 108 21.18 -22.90 16.25
N GLY E 109 20.54 -21.73 16.42
CA GLY E 109 19.15 -21.65 16.84
C GLY E 109 18.32 -20.88 15.80
N VAL E 110 17.15 -21.43 15.48
CA VAL E 110 16.26 -20.87 14.47
C VAL E 110 14.84 -20.90 15.01
N CYS E 111 14.12 -19.80 14.86
CA CYS E 111 12.71 -19.80 15.19
C CYS E 111 11.87 -19.66 13.93
N ALA E 112 10.64 -20.10 14.03
CA ALA E 112 9.65 -19.97 12.98
C ALA E 112 8.33 -19.57 13.61
N PHE E 113 7.59 -18.70 12.95
CA PHE E 113 6.25 -18.39 13.40
C PHE E 113 5.34 -19.04 12.37
N VAL E 114 4.46 -19.93 12.85
CA VAL E 114 3.66 -20.79 12.00
C VAL E 114 2.20 -20.55 12.32
N ARG E 115 1.40 -20.26 11.30
CA ARG E 115 0.01 -19.92 11.46
C ARG E 115 -0.82 -21.02 10.82
N VAL E 116 -1.72 -21.60 11.61
CA VAL E 116 -2.61 -22.65 11.13
C VAL E 116 -4.01 -22.06 10.97
N GLN E 117 -4.65 -22.34 9.85
CA GLN E 117 -6.00 -21.87 9.63
C GLN E 117 -6.89 -23.04 9.22
N LEU E 118 -8.12 -23.02 9.74
CA LEU E 118 -9.16 -23.95 9.35
C LEU E 118 -10.01 -23.33 8.24
N LYS E 119 -10.86 -24.16 7.61
CA LYS E 119 -11.59 -23.74 6.41
C LYS E 119 -12.61 -22.64 6.71
N ASP E 120 -13.00 -22.45 7.97
CA ASP E 120 -13.98 -21.43 8.30
C ASP E 120 -13.32 -20.10 8.71
N GLY E 121 -12.01 -20.03 8.67
CA GLY E 121 -11.26 -18.83 8.98
C GLY E 121 -10.63 -18.82 10.35
N SER E 122 -11.07 -19.70 11.26
CA SER E 122 -10.45 -19.77 12.57
C SER E 122 -8.97 -20.11 12.43
N TYR E 123 -8.17 -19.65 13.41
CA TYR E 123 -6.73 -19.77 13.20
C TYR E 123 -6.00 -19.75 14.53
N HIS E 124 -4.78 -20.28 14.51
CA HIS E 124 -3.87 -20.16 15.64
C HIS E 124 -2.46 -20.05 15.10
N GLU E 125 -1.65 -19.26 15.78
CA GLU E 125 -0.27 -19.06 15.38
C GLU E 125 0.60 -19.25 16.61
N ASP E 126 1.77 -19.84 16.42
CA ASP E 126 2.70 -20.01 17.52
C ASP E 126 4.11 -19.98 16.97
N VAL E 127 5.07 -19.97 17.88
CA VAL E 127 6.49 -19.99 17.50
C VAL E 127 7.02 -21.40 17.68
N GLY E 128 7.87 -21.83 16.78
CA GLY E 128 8.59 -23.07 16.99
C GLY E 128 10.07 -22.79 16.95
N TYR E 129 10.87 -23.67 17.53
CA TYR E 129 12.30 -23.44 17.60
C TYR E 129 13.02 -24.69 17.11
N GLY E 130 14.16 -24.45 16.48
CA GLY E 130 14.96 -25.51 15.91
C GLY E 130 16.39 -25.30 16.32
N VAL E 131 17.07 -26.39 16.67
CA VAL E 131 18.35 -26.34 17.33
C VAL E 131 19.27 -27.35 16.68
N SER E 132 20.50 -26.94 16.39
CA SER E 132 21.53 -27.89 16.00
C SER E 132 22.79 -27.48 16.73
N GLU E 133 23.31 -28.40 17.55
CA GLU E 133 24.52 -28.19 18.32
C GLU E 133 25.44 -29.38 18.09
N GLY E 134 26.71 -29.09 17.78
CA GLY E 134 27.77 -30.08 17.71
C GLY E 134 28.14 -30.57 16.33
N LEU E 135 27.36 -30.29 15.29
CA LEU E 135 27.75 -30.73 13.96
C LEU E 135 28.88 -29.87 13.44
N ALA E 136 29.69 -30.47 12.56
CA ALA E 136 30.82 -29.78 11.94
C ALA E 136 30.47 -29.20 10.58
N SER E 137 29.39 -29.66 9.95
CA SER E 137 28.90 -29.06 8.71
C SER E 137 27.98 -27.90 9.07
N LYS E 138 28.39 -26.68 8.72
CA LYS E 138 27.51 -25.53 8.91
C LYS E 138 26.23 -25.70 8.12
N ALA E 139 26.34 -26.21 6.89
CA ALA E 139 25.16 -26.41 6.06
C ALA E 139 24.15 -27.31 6.75
N LEU E 140 24.59 -28.48 7.20
CA LEU E 140 23.64 -29.44 7.76
C LEU E 140 23.06 -28.98 9.09
N SER E 141 23.81 -28.15 9.84
CA SER E 141 23.28 -27.54 11.05
C SER E 141 22.12 -26.61 10.73
N LEU E 142 22.31 -25.71 9.76
CA LEU E 142 21.23 -24.79 9.37
C LEU E 142 20.03 -25.56 8.82
N GLU E 143 20.27 -26.60 8.02
CA GLU E 143 19.17 -27.40 7.51
C GLU E 143 18.34 -27.99 8.63
N LYS E 144 18.99 -28.64 9.61
CA LYS E 144 18.22 -29.24 10.70
C LYS E 144 17.45 -28.17 11.46
N ALA E 145 18.11 -27.05 11.75
CA ALA E 145 17.48 -26.00 12.55
C ALA E 145 16.30 -25.36 11.84
N ARG E 146 16.46 -24.98 10.57
CA ARG E 146 15.34 -24.37 9.85
C ARG E 146 14.18 -25.34 9.75
N LYS E 147 14.48 -26.61 9.50
CA LYS E 147 13.41 -27.57 9.27
C LYS E 147 12.71 -27.94 10.57
N GLU E 148 13.44 -27.98 11.68
CA GLU E 148 12.83 -28.28 12.96
C GLU E 148 11.97 -27.14 13.48
N ALA E 149 12.41 -25.89 13.25
CA ALA E 149 11.61 -24.74 13.69
C ALA E 149 10.22 -24.77 13.07
N VAL E 150 10.15 -25.08 11.77
CA VAL E 150 8.85 -25.05 11.08
C VAL E 150 7.94 -26.13 11.65
N THR E 151 8.41 -27.38 11.67
CA THR E 151 7.59 -28.47 12.21
C THR E 151 7.21 -28.25 13.67
N ASP E 152 8.17 -27.80 14.49
CA ASP E 152 7.86 -27.49 15.87
C ASP E 152 6.76 -26.44 15.98
N GLY E 153 6.85 -25.39 15.16
CA GLY E 153 5.84 -24.34 15.20
C GLY E 153 4.48 -24.82 14.77
N LEU E 154 4.44 -25.69 13.76
CA LEU E 154 3.18 -26.29 13.34
C LEU E 154 2.57 -27.10 14.48
N LYS E 155 3.39 -27.88 15.18
CA LYS E 155 2.90 -28.68 16.29
C LYS E 155 2.33 -27.79 17.38
N ARG E 156 3.06 -26.72 17.73
CA ARG E 156 2.55 -25.83 18.76
C ARG E 156 1.27 -25.14 18.33
N ALA E 157 1.18 -24.78 17.05
CA ALA E 157 -0.01 -24.11 16.53
C ALA E 157 -1.23 -25.03 16.51
N LEU E 158 -1.06 -26.27 16.04
CA LEU E 158 -2.18 -27.20 15.97
C LEU E 158 -2.68 -27.56 17.37
N ARG E 159 -1.75 -27.73 18.31
CA ARG E 159 -2.03 -27.99 19.72
C ARG E 159 -3.14 -27.08 20.29
N SER E 160 -3.24 -25.82 19.82
CA SER E 160 -4.26 -24.94 20.37
C SER E 160 -5.68 -25.38 20.05
N PHE E 161 -5.90 -26.25 19.05
CA PHE E 161 -7.27 -26.67 18.79
C PHE E 161 -7.81 -27.67 19.81
N GLY E 162 -6.94 -28.35 20.57
CA GLY E 162 -7.43 -29.21 21.64
C GLY E 162 -6.51 -30.40 21.90
N ASN E 163 -6.94 -31.22 22.86
CA ASN E 163 -6.14 -32.35 23.32
C ASN E 163 -5.73 -33.27 22.18
N ALA E 164 -6.67 -33.61 21.30
CA ALA E 164 -6.40 -34.62 20.28
C ALA E 164 -5.31 -34.21 19.32
N LEU E 165 -4.98 -32.92 19.25
CA LEU E 165 -3.89 -32.46 18.39
C LEU E 165 -2.65 -32.10 19.20
N GLY E 166 -2.59 -32.51 20.46
CA GLY E 166 -1.39 -32.38 21.26
C GLY E 166 -1.53 -31.55 22.52
N ASN E 167 -2.67 -30.95 22.84
CA ASN E 167 -2.70 -30.13 24.04
C ASN E 167 -2.54 -30.97 25.30
N CYS E 168 -2.81 -32.27 25.23
CA CYS E 168 -2.66 -33.12 26.41
C CYS E 168 -1.19 -33.31 26.75
N ILE E 169 -0.30 -33.09 25.79
CA ILE E 169 1.09 -33.47 25.98
C ILE E 169 1.71 -32.75 27.17
N LEU E 170 1.22 -31.56 27.52
CA LEU E 170 1.81 -30.81 28.61
C LEU E 170 1.13 -31.07 29.95
N ASP E 171 0.00 -31.76 29.97
CA ASP E 171 -0.68 -32.07 31.21
C ASP E 171 0.14 -33.10 32.01
N LYS E 172 0.61 -32.70 33.19
CA LYS E 172 1.42 -33.62 33.98
C LYS E 172 0.61 -34.80 34.48
N ASP E 173 -0.69 -34.61 34.72
CA ASP E 173 -1.53 -35.74 35.08
C ASP E 173 -1.66 -36.71 33.93
N TYR E 174 -1.86 -36.20 32.72
CA TYR E 174 -1.87 -37.08 31.55
C TYR E 174 -0.57 -37.85 31.42
N LEU E 175 0.57 -37.21 31.68
CA LEU E 175 1.86 -37.86 31.48
C LEU E 175 2.08 -38.97 32.50
N ARG E 176 1.85 -38.65 33.77
CA ARG E 176 1.86 -39.66 34.83
C ARG E 176 1.06 -40.89 34.43
N SER E 177 -0.17 -40.68 33.91
CA SER E 177 -1.02 -41.80 33.54
C SER E 177 -0.46 -42.59 32.38
N LEU E 178 0.26 -41.95 31.46
CA LEU E 178 0.84 -42.69 30.36
C LEU E 178 1.87 -43.70 30.84
N ASN E 179 2.70 -43.32 31.82
CA ASN E 179 3.70 -44.27 32.31
C ASN E 179 3.07 -45.47 33.02
N LYS E 180 1.97 -45.26 33.74
CA LYS E 180 1.29 -46.35 34.41
C LYS E 180 0.64 -47.32 33.43
N LEU E 181 0.97 -47.21 32.14
CA LEU E 181 0.40 -48.12 31.16
C LEU E 181 1.46 -49.10 30.68
N PRO E 182 1.09 -50.36 30.47
CA PRO E 182 2.04 -51.32 29.89
C PRO E 182 2.53 -50.81 28.56
N ARG E 183 3.80 -51.09 28.25
CA ARG E 183 4.31 -50.66 26.95
C ARG E 183 3.87 -51.65 25.87
N GLN E 184 3.73 -51.13 24.65
CA GLN E 184 3.18 -51.86 23.52
C GLN E 184 4.19 -51.93 22.38
N LEU E 185 4.13 -53.03 21.65
CA LEU E 185 5.02 -53.21 20.51
C LEU E 185 4.68 -52.21 19.41
N PRO E 186 5.68 -51.72 18.67
CA PRO E 186 5.40 -50.86 17.52
C PRO E 186 4.54 -51.60 16.50
N LEU E 187 3.48 -50.93 16.06
CA LEU E 187 2.48 -51.60 15.22
C LEU E 187 3.05 -51.87 13.83
N GLU E 188 2.92 -53.12 13.38
CA GLU E 188 3.37 -53.49 12.06
C GLU E 188 2.44 -52.89 11.01
N VAL E 189 3.00 -52.20 10.03
CA VAL E 189 2.19 -51.61 8.97
C VAL E 189 2.16 -52.58 7.80
N ASP E 190 0.95 -52.84 7.30
CA ASP E 190 0.72 -53.82 6.25
C ASP E 190 0.68 -53.11 4.90
N LEU E 191 1.78 -53.22 4.15
CA LEU E 191 1.91 -52.58 2.85
C LEU E 191 1.28 -53.37 1.72
N THR E 192 0.36 -54.29 2.00
CA THR E 192 -0.20 -55.04 0.88
C THR E 192 -1.05 -54.14 0.01
N LYS E 193 -1.88 -53.30 0.62
CA LYS E 193 -2.73 -52.36 -0.10
C LYS E 193 -2.03 -51.03 -0.38
N ALA E 194 -0.72 -51.04 -0.57
CA ALA E 194 0.04 -49.81 -0.74
C ALA E 194 -0.05 -49.33 -2.17
N LYS E 195 -0.09 -48.01 -2.33
CA LYS E 195 -0.15 -47.41 -3.66
C LYS E 195 1.11 -47.77 -4.42
N ARG E 196 0.93 -48.32 -5.62
CA ARG E 196 2.06 -48.73 -6.44
C ARG E 196 2.08 -48.07 -7.81
N GLN E 197 0.98 -47.46 -8.25
CA GLN E 197 0.96 -46.63 -9.46
C GLN E 197 0.41 -45.25 -9.13
N ASP E 198 0.81 -44.25 -9.93
CA ASP E 198 0.33 -42.89 -9.71
C ASP E 198 -1.18 -42.77 -9.91
N LEU E 199 -1.70 -43.44 -10.94
CA LEU E 199 -3.08 -43.22 -11.37
C LEU E 199 -4.06 -43.58 -10.25
N GLU E 200 -5.14 -42.81 -10.15
CA GLU E 200 -6.14 -42.95 -9.08
C GLU E 200 -7.57 -42.95 -9.62
N PRO E 201 -8.11 -44.11 -9.95
CA PRO E 201 -9.39 -44.13 -10.69
C PRO E 201 -10.56 -43.56 -9.92
N SER E 202 -10.63 -43.84 -8.62
CA SER E 202 -11.80 -43.40 -7.86
C SER E 202 -11.90 -41.89 -7.87
N VAL E 203 -10.77 -41.18 -7.67
CA VAL E 203 -10.81 -39.72 -7.75
C VAL E 203 -11.02 -39.26 -9.18
N GLU E 204 -10.33 -39.86 -10.14
CA GLU E 204 -10.48 -39.40 -11.52
C GLU E 204 -11.92 -39.49 -11.98
N ALA E 205 -12.62 -40.55 -11.55
CA ALA E 205 -14.04 -40.63 -11.85
C ALA E 205 -14.79 -39.46 -11.23
N ALA E 206 -14.63 -39.29 -9.91
CA ALA E 206 -15.32 -38.23 -9.18
C ALA E 206 -14.93 -36.84 -9.66
N ARG E 207 -13.66 -36.65 -10.03
CA ARG E 207 -13.25 -35.32 -10.48
C ARG E 207 -13.87 -34.97 -11.82
N TYR E 208 -14.02 -35.95 -12.71
CA TYR E 208 -14.57 -35.66 -14.04
C TYR E 208 -16.00 -35.13 -13.92
N ASN E 209 -16.78 -35.69 -13.00
CA ASN E 209 -18.19 -35.34 -12.76
C ASN E 209 -18.38 -33.97 -12.15
N SER E 210 -17.32 -33.18 -11.99
CA SER E 210 -17.45 -31.89 -11.31
C SER E 210 -17.35 -30.71 -12.27
N CYS E 211 -16.67 -30.85 -13.40
CA CYS E 211 -16.38 -29.72 -14.27
C CYS E 211 -17.58 -29.26 -15.09
N CYS F 28 -12.77 -20.38 -10.62
CA CYS F 28 -11.36 -20.40 -11.02
C CYS F 28 -10.44 -20.88 -9.90
N PHE F 29 -9.14 -20.98 -10.19
CA PHE F 29 -8.20 -21.53 -9.23
C PHE F 29 -8.13 -20.67 -7.98
N GLY F 30 -8.11 -21.33 -6.83
CA GLY F 30 -8.22 -20.66 -5.56
C GLY F 30 -9.64 -20.53 -5.08
N GLN F 31 -10.61 -20.71 -5.98
CA GLN F 31 -12.01 -20.46 -5.65
C GLN F 31 -12.91 -21.65 -5.95
N CYS F 32 -12.35 -22.82 -6.22
CA CYS F 32 -13.13 -23.94 -6.76
C CYS F 32 -13.31 -24.99 -5.67
N GLN F 33 -14.49 -25.02 -5.05
CA GLN F 33 -14.76 -25.95 -3.97
C GLN F 33 -14.75 -27.40 -4.45
N TYR F 34 -14.32 -28.31 -3.57
CA TYR F 34 -14.35 -29.73 -3.89
C TYR F 34 -15.77 -30.25 -3.77
N THR F 35 -16.18 -31.07 -4.75
CA THR F 35 -17.45 -31.77 -4.65
C THR F 35 -17.42 -32.83 -3.57
N ALA F 36 -18.62 -33.19 -3.09
CA ALA F 36 -18.72 -34.22 -2.06
C ALA F 36 -18.05 -35.51 -2.50
N GLU F 37 -18.18 -35.87 -3.77
CA GLU F 37 -17.61 -37.12 -4.23
C GLU F 37 -16.10 -37.01 -4.41
N GLU F 38 -15.61 -35.91 -4.99
CA GLU F 38 -14.16 -35.81 -5.16
C GLU F 38 -13.46 -35.68 -3.82
N TYR F 39 -14.04 -34.91 -2.88
CA TYR F 39 -13.43 -34.82 -1.56
C TYR F 39 -13.26 -36.20 -0.95
N GLN F 40 -14.31 -37.01 -0.97
CA GLN F 40 -14.24 -38.34 -0.37
C GLN F 40 -13.15 -39.20 -1.02
N ALA F 41 -13.03 -39.12 -2.34
CA ALA F 41 -12.04 -39.93 -3.03
C ALA F 41 -10.62 -39.51 -2.66
N ILE F 42 -10.34 -38.21 -2.67
CA ILE F 42 -8.99 -37.75 -2.40
C ILE F 42 -8.64 -37.97 -0.93
N GLN F 43 -9.59 -37.76 -0.03
CA GLN F 43 -9.38 -38.02 1.39
C GLN F 43 -8.97 -39.47 1.63
N LYS F 44 -9.76 -40.42 1.11
CA LYS F 44 -9.37 -41.83 1.24
C LYS F 44 -8.09 -42.13 0.47
N ALA F 45 -7.93 -41.57 -0.72
CA ALA F 45 -6.74 -41.89 -1.50
C ALA F 45 -5.47 -41.48 -0.79
N LEU F 46 -5.48 -40.35 -0.09
CA LEU F 46 -4.25 -39.81 0.51
C LEU F 46 -3.74 -40.67 1.68
N ARG F 47 -4.59 -41.49 2.29
CA ARG F 47 -4.16 -42.35 3.38
C ARG F 47 -3.14 -43.38 2.93
N GLN F 48 -3.20 -43.78 1.67
CA GLN F 48 -2.37 -44.87 1.18
C GLN F 48 -0.90 -44.61 1.47
N ARG F 49 -0.19 -45.64 1.94
CA ARG F 49 1.25 -45.52 2.05
C ARG F 49 1.85 -45.86 0.69
N LEU F 50 3.09 -45.45 0.48
CA LEU F 50 3.70 -45.63 -0.82
C LEU F 50 4.47 -46.93 -0.87
N GLY F 51 4.37 -47.62 -2.01
CA GLY F 51 5.13 -48.82 -2.25
C GLY F 51 6.58 -48.52 -2.54
N PRO F 52 7.38 -49.58 -2.62
CA PRO F 52 8.83 -49.40 -2.81
C PRO F 52 9.20 -48.81 -4.14
N GLU F 53 8.27 -48.76 -5.10
CA GLU F 53 8.54 -48.08 -6.37
C GLU F 53 8.84 -46.60 -6.17
N TYR F 54 8.29 -46.00 -5.11
CA TYR F 54 8.47 -44.57 -4.88
C TYR F 54 9.67 -44.24 -4.04
N ILE F 55 10.24 -45.20 -3.31
CA ILE F 55 11.19 -44.91 -2.25
C ILE F 55 12.62 -45.10 -2.77
N SER F 56 13.48 -44.12 -2.50
CA SER F 56 14.90 -44.14 -2.75
C SER F 56 15.64 -44.09 -1.42
N SER F 57 16.96 -44.21 -1.46
CA SER F 57 17.77 -44.17 -0.25
C SER F 57 19.12 -43.55 -0.59
N ARG F 58 19.90 -43.27 0.45
CA ARG F 58 21.16 -42.56 0.28
C ARG F 58 21.96 -42.66 1.57
N MET F 59 23.26 -42.45 1.45
CA MET F 59 24.14 -42.33 2.61
C MET F 59 24.15 -40.88 3.09
N ALA F 60 23.90 -40.68 4.38
CA ALA F 60 24.25 -39.41 4.99
C ALA F 60 25.74 -39.44 5.33
N GLY F 61 26.37 -38.26 5.34
CA GLY F 61 27.79 -38.22 5.64
C GLY F 61 28.02 -38.69 7.05
N GLY F 62 28.49 -39.93 7.19
CA GLY F 62 28.66 -40.54 8.48
C GLY F 62 27.35 -40.98 9.12
N GLY F 63 26.24 -40.79 8.41
CA GLY F 63 24.93 -41.10 8.91
C GLY F 63 24.34 -42.36 8.30
N GLN F 64 23.09 -42.61 8.65
CA GLN F 64 22.44 -43.87 8.34
C GLN F 64 21.93 -43.87 6.90
N LYS F 65 21.08 -44.85 6.59
CA LYS F 65 20.32 -44.86 5.36
C LYS F 65 19.20 -43.83 5.49
N VAL F 66 19.19 -42.85 4.60
CA VAL F 66 18.11 -41.87 4.53
C VAL F 66 17.19 -42.25 3.37
N CYS F 67 15.91 -42.41 3.65
CA CYS F 67 14.92 -42.66 2.61
C CYS F 67 14.28 -41.36 2.16
N TYR F 68 13.95 -41.30 0.86
CA TYR F 68 13.37 -40.10 0.27
C TYR F 68 12.60 -40.49 -0.99
N ILE F 69 11.87 -39.51 -1.53
CA ILE F 69 11.17 -39.65 -2.80
C ILE F 69 11.78 -38.65 -3.76
N GLU F 70 12.05 -39.07 -4.99
CA GLU F 70 12.63 -38.15 -5.96
C GLU F 70 11.60 -37.12 -6.43
N GLY F 71 12.10 -35.96 -6.85
CA GLY F 71 11.22 -34.86 -7.18
C GLY F 71 10.13 -35.23 -8.18
N HIS F 72 10.52 -35.84 -9.31
CA HIS F 72 9.53 -36.07 -10.36
C HIS F 72 8.43 -36.99 -9.89
N ARG F 73 8.72 -37.85 -8.90
CA ARG F 73 7.70 -38.77 -8.43
C ARG F 73 6.62 -38.04 -7.65
N VAL F 74 7.01 -37.00 -6.91
CA VAL F 74 6.03 -36.22 -6.17
C VAL F 74 5.22 -35.37 -7.14
N ILE F 75 5.88 -34.80 -8.15
CA ILE F 75 5.18 -33.99 -9.14
C ILE F 75 4.06 -34.81 -9.79
N ASN F 76 4.38 -36.04 -10.19
CA ASN F 76 3.37 -36.90 -10.80
C ASN F 76 2.33 -37.35 -9.77
N LEU F 77 2.76 -37.64 -8.54
CA LEU F 77 1.79 -37.95 -7.49
C LEU F 77 0.77 -36.83 -7.32
N ALA F 78 1.25 -35.58 -7.23
CA ALA F 78 0.31 -34.46 -7.06
C ALA F 78 -0.58 -34.32 -8.28
N ASN F 79 0.01 -34.40 -9.48
CA ASN F 79 -0.78 -34.24 -10.70
C ASN F 79 -1.88 -35.27 -10.79
N GLU F 80 -1.60 -36.52 -10.36
CA GLU F 80 -2.61 -37.56 -10.38
C GLU F 80 -3.60 -37.41 -9.24
N MET F 81 -3.12 -37.05 -8.06
CA MET F 81 -4.02 -36.91 -6.92
C MET F 81 -5.02 -35.78 -7.12
N PHE F 82 -4.56 -34.62 -7.59
CA PHE F 82 -5.40 -33.42 -7.63
C PHE F 82 -5.78 -32.97 -9.03
N GLY F 83 -5.27 -33.60 -10.07
CA GLY F 83 -5.45 -33.00 -11.38
C GLY F 83 -4.32 -32.06 -11.66
N TYR F 84 -3.96 -31.93 -12.95
CA TYR F 84 -2.88 -31.03 -13.34
C TYR F 84 -3.19 -29.60 -12.95
N ASN F 85 -4.48 -29.25 -12.84
CA ASN F 85 -4.96 -27.92 -12.49
C ASN F 85 -5.56 -27.89 -11.10
N GLY F 86 -5.25 -28.89 -10.27
CA GLY F 86 -5.86 -29.00 -8.96
C GLY F 86 -4.98 -28.53 -7.82
N TRP F 87 -3.69 -28.36 -8.09
CA TRP F 87 -2.70 -27.94 -7.11
C TRP F 87 -1.72 -27.00 -7.77
N ALA F 88 -1.03 -26.20 -6.97
CA ALA F 88 -0.13 -25.18 -7.48
C ALA F 88 0.92 -24.87 -6.42
N HIS F 89 2.03 -24.28 -6.83
CA HIS F 89 3.03 -23.88 -5.84
C HIS F 89 3.81 -22.65 -6.26
N SER F 90 4.28 -21.90 -5.26
CA SER F 90 5.14 -20.74 -5.50
C SER F 90 6.25 -20.69 -4.48
N ILE F 91 7.29 -19.93 -4.80
CA ILE F 91 8.42 -19.72 -3.92
C ILE F 91 8.15 -18.39 -3.21
N THR F 92 7.69 -18.46 -1.96
CA THR F 92 7.47 -17.23 -1.21
C THR F 92 8.80 -16.50 -1.02
N GLN F 93 9.90 -17.24 -0.86
CA GLN F 93 11.22 -16.61 -0.69
C GLN F 93 12.31 -17.69 -0.80
N GLN F 94 13.48 -17.27 -1.28
CA GLN F 94 14.69 -18.07 -1.23
C GLN F 94 15.81 -17.21 -0.70
N ASN F 95 16.62 -17.76 0.21
CA ASN F 95 17.71 -17.01 0.78
C ASN F 95 18.97 -17.86 0.85
N VAL F 96 20.09 -17.30 0.42
CA VAL F 96 21.39 -17.97 0.46
C VAL F 96 22.03 -17.68 1.81
N ASP F 97 22.11 -18.71 2.66
CA ASP F 97 22.65 -18.53 4.01
C ASP F 97 24.13 -18.23 4.00
N PHE F 98 24.90 -18.87 3.10
CA PHE F 98 26.35 -18.68 3.07
C PHE F 98 26.93 -19.27 1.79
N VAL F 99 27.99 -18.64 1.31
CA VAL F 99 28.89 -19.21 0.31
C VAL F 99 30.28 -19.10 0.90
N ASP F 100 30.84 -20.22 1.33
CA ASP F 100 32.14 -20.26 1.99
C ASP F 100 33.14 -20.94 1.07
N LEU F 101 34.33 -20.37 0.97
CA LEU F 101 35.39 -20.94 0.15
C LEU F 101 36.34 -21.60 1.14
N ASN F 102 36.40 -22.94 1.09
CA ASN F 102 37.25 -23.71 1.99
C ASN F 102 38.05 -24.73 1.20
N ASN F 103 39.37 -24.53 1.19
CA ASN F 103 40.33 -25.42 0.56
C ASN F 103 40.05 -25.55 -0.94
N GLY F 104 39.84 -24.40 -1.59
CA GLY F 104 39.57 -24.41 -3.02
C GLY F 104 38.25 -25.06 -3.41
N ALA F 105 37.43 -25.38 -2.42
CA ALA F 105 36.10 -25.97 -2.60
C ALA F 105 35.06 -25.04 -1.99
N PHE F 106 33.87 -25.05 -2.57
CA PHE F 106 32.81 -24.17 -2.11
C PHE F 106 31.78 -24.91 -1.27
N TYR F 107 31.34 -24.25 -0.19
CA TYR F 107 30.29 -24.74 0.68
C TYR F 107 29.15 -23.72 0.68
N VAL F 108 27.98 -24.18 0.26
CA VAL F 108 26.83 -23.34 -0.01
C VAL F 108 25.65 -23.92 0.74
N GLY F 109 24.94 -23.06 1.48
CA GLY F 109 23.66 -23.46 2.03
C GLY F 109 22.59 -22.50 1.55
N VAL F 110 21.46 -23.03 1.11
CA VAL F 110 20.38 -22.20 0.60
C VAL F 110 19.08 -22.76 1.14
N CYS F 111 18.21 -21.90 1.65
CA CYS F 111 16.86 -22.31 2.01
C CYS F 111 15.89 -21.70 1.02
N ALA F 112 14.73 -22.34 0.92
CA ALA F 112 13.65 -21.84 0.11
C ALA F 112 12.37 -22.07 0.89
N PHE F 113 11.43 -21.13 0.79
CA PHE F 113 10.12 -21.29 1.40
C PHE F 113 9.12 -21.48 0.27
N VAL F 114 8.43 -22.60 0.29
CA VAL F 114 7.59 -23.05 -0.81
C VAL F 114 6.17 -23.22 -0.31
N ARG F 115 5.22 -22.60 -1.01
CA ARG F 115 3.81 -22.66 -0.63
C ARG F 115 3.03 -23.40 -1.72
N VAL F 116 2.35 -24.47 -1.33
CA VAL F 116 1.53 -25.26 -2.22
C VAL F 116 0.08 -24.95 -1.97
N GLN F 117 -0.69 -24.77 -3.04
CA GLN F 117 -2.11 -24.49 -2.92
C GLN F 117 -2.92 -25.43 -3.79
N LEU F 118 -4.08 -25.85 -3.27
CA LEU F 118 -5.07 -26.61 -4.00
C LEU F 118 -6.09 -25.65 -4.62
N LYS F 119 -6.87 -26.17 -5.57
CA LYS F 119 -7.77 -25.32 -6.33
C LYS F 119 -8.82 -24.68 -5.45
N ASP F 120 -9.06 -25.21 -4.24
CA ASP F 120 -10.10 -24.67 -3.37
C ASP F 120 -9.59 -23.64 -2.36
N GLY F 121 -8.31 -23.31 -2.40
CA GLY F 121 -7.74 -22.38 -1.46
C GLY F 121 -6.94 -23.01 -0.33
N SER F 122 -7.06 -24.33 -0.12
CA SER F 122 -6.24 -25.03 0.87
C SER F 122 -4.77 -24.83 0.55
N TYR F 123 -3.93 -24.84 1.58
CA TYR F 123 -2.52 -24.53 1.31
C TYR F 123 -1.64 -25.08 2.41
N HIS F 124 -0.39 -25.28 2.06
CA HIS F 124 0.63 -25.64 3.02
C HIS F 124 1.94 -25.04 2.55
N GLU F 125 2.72 -24.58 3.52
CA GLU F 125 3.99 -23.96 3.22
C GLU F 125 5.03 -24.62 4.12
N ASP F 126 6.23 -24.78 3.59
CA ASP F 126 7.29 -25.41 4.36
C ASP F 126 8.61 -24.90 3.81
N VAL F 127 9.68 -25.21 4.51
CA VAL F 127 11.01 -24.79 4.12
C VAL F 127 11.74 -25.97 3.48
N GLY F 128 12.55 -25.66 2.49
CA GLY F 128 13.42 -26.68 1.94
C GLY F 128 14.82 -26.17 1.98
N TYR F 129 15.78 -27.08 1.97
CA TYR F 129 17.17 -26.69 2.06
C TYR F 129 17.94 -27.34 0.94
N GLY F 130 18.98 -26.64 0.52
CA GLY F 130 19.82 -27.10 -0.56
C GLY F 130 21.27 -26.88 -0.21
N VAL F 131 22.09 -27.90 -0.51
CA VAL F 131 23.45 -27.98 -0.03
C VAL F 131 24.34 -28.37 -1.20
N SER F 132 25.50 -27.72 -1.30
CA SER F 132 26.57 -28.17 -2.17
C SER F 132 27.88 -28.00 -1.42
N GLU F 133 28.61 -29.10 -1.27
CA GLU F 133 29.89 -29.11 -0.59
C GLU F 133 30.91 -29.80 -1.49
N GLY F 134 32.07 -29.16 -1.66
CA GLY F 134 33.22 -29.77 -2.31
C GLY F 134 33.45 -29.46 -3.76
N LEU F 135 32.51 -28.84 -4.47
CA LEU F 135 32.79 -28.47 -5.86
C LEU F 135 33.74 -27.29 -5.90
N ALA F 136 34.50 -27.19 -7.00
CA ALA F 136 35.43 -26.08 -7.16
C ALA F 136 34.83 -24.91 -7.91
N SER F 137 33.72 -25.12 -8.62
CA SER F 137 33.02 -24.03 -9.29
C SER F 137 32.02 -23.37 -8.33
N LYS F 138 32.18 -22.07 -8.13
CA LYS F 138 31.18 -21.33 -7.37
C LYS F 138 29.82 -21.40 -8.04
N ALA F 139 29.78 -21.21 -9.36
CA ALA F 139 28.51 -21.16 -10.08
C ALA F 139 27.72 -22.44 -9.93
N LEU F 140 28.33 -23.59 -10.24
CA LEU F 140 27.59 -24.85 -10.20
C LEU F 140 27.22 -25.23 -8.78
N SER F 141 27.96 -24.75 -7.79
CA SER F 141 27.59 -24.96 -6.39
C SER F 141 26.26 -24.28 -6.05
N LEU F 142 26.16 -22.98 -6.33
CA LEU F 142 24.93 -22.25 -6.04
C LEU F 142 23.76 -22.84 -6.81
N GLU F 143 23.98 -23.17 -8.08
CA GLU F 143 22.92 -23.77 -8.89
C GLU F 143 22.36 -25.00 -8.20
N LYS F 144 23.23 -25.90 -7.75
CA LYS F 144 22.77 -27.12 -7.11
C LYS F 144 21.94 -26.80 -5.89
N ALA F 145 22.47 -25.92 -5.03
CA ALA F 145 21.80 -25.58 -3.79
C ALA F 145 20.46 -24.88 -4.05
N ARG F 146 20.47 -23.87 -4.94
CA ARG F 146 19.23 -23.14 -5.19
C ARG F 146 18.16 -24.05 -5.74
N LYS F 147 18.54 -24.97 -6.62
CA LYS F 147 17.55 -25.81 -7.25
C LYS F 147 16.99 -26.82 -6.25
N GLU F 148 17.85 -27.48 -5.48
CA GLU F 148 17.36 -28.54 -4.61
C GLU F 148 16.57 -28.00 -3.43
N ALA F 149 16.88 -26.78 -2.95
CA ALA F 149 16.05 -26.18 -1.92
C ALA F 149 14.60 -26.08 -2.37
N VAL F 150 14.39 -25.70 -3.63
CA VAL F 150 13.01 -25.54 -4.09
C VAL F 150 12.30 -26.88 -4.12
N THR F 151 12.92 -27.88 -4.77
CA THR F 151 12.31 -29.21 -4.82
C THR F 151 12.12 -29.76 -3.42
N ASP F 152 13.12 -29.61 -2.56
CA ASP F 152 13.00 -30.07 -1.17
C ASP F 152 11.80 -29.41 -0.49
N GLY F 153 11.65 -28.09 -0.66
CA GLY F 153 10.55 -27.40 -0.01
C GLY F 153 9.20 -27.81 -0.56
N LEU F 154 9.12 -27.98 -1.88
CA LEU F 154 7.90 -28.48 -2.50
C LEU F 154 7.53 -29.85 -1.96
N LYS F 155 8.51 -30.74 -1.84
CA LYS F 155 8.20 -32.06 -1.29
C LYS F 155 7.71 -31.93 0.13
N ARG F 156 8.41 -31.13 0.94
CA ARG F 156 8.01 -31.00 2.33
C ARG F 156 6.62 -30.36 2.45
N ALA F 157 6.29 -29.42 1.57
CA ALA F 157 4.95 -28.82 1.63
C ALA F 157 3.87 -29.81 1.21
N LEU F 158 4.13 -30.57 0.14
CA LEU F 158 3.13 -31.52 -0.33
C LEU F 158 2.83 -32.60 0.71
N ARG F 159 3.86 -33.10 1.39
CA ARG F 159 3.62 -34.26 2.27
C ARG F 159 2.61 -33.95 3.36
N SER F 160 2.34 -32.67 3.62
CA SER F 160 1.35 -32.34 4.63
C SER F 160 -0.05 -32.74 4.21
N PHE F 161 -0.28 -33.00 2.93
CA PHE F 161 -1.62 -33.44 2.52
C PHE F 161 -1.89 -34.91 2.83
N GLY F 162 -0.87 -35.73 3.06
CA GLY F 162 -1.13 -37.07 3.54
C GLY F 162 -0.05 -38.08 3.20
N ASN F 163 -0.31 -39.30 3.65
CA ASN F 163 0.68 -40.36 3.47
C ASN F 163 1.03 -40.51 2.00
N ALA F 164 0.02 -40.48 1.12
CA ALA F 164 0.26 -40.79 -0.28
C ALA F 164 1.16 -39.76 -0.95
N LEU F 165 1.26 -38.53 -0.43
CA LEU F 165 2.14 -37.52 -1.03
C LEU F 165 3.47 -37.38 -0.31
N GLY F 166 3.83 -38.35 0.52
CA GLY F 166 5.15 -38.38 1.12
C GLY F 166 5.17 -38.30 2.63
N ASN F 167 4.04 -38.18 3.31
CA ASN F 167 4.09 -38.08 4.77
C ASN F 167 4.47 -39.40 5.45
N CYS F 168 4.35 -40.55 4.77
CA CYS F 168 4.71 -41.81 5.40
C CYS F 168 6.23 -41.99 5.58
N ILE F 169 7.05 -41.26 4.83
CA ILE F 169 8.50 -41.52 4.83
C ILE F 169 9.13 -41.36 6.20
N LEU F 170 8.50 -40.60 7.10
CA LEU F 170 9.05 -40.37 8.43
C LEU F 170 8.53 -41.35 9.48
N ASP F 171 7.55 -42.18 9.14
CA ASP F 171 7.06 -43.24 10.04
C ASP F 171 8.09 -44.38 10.06
N LYS F 172 8.77 -44.56 11.19
CA LYS F 172 9.76 -45.64 11.29
C LYS F 172 9.12 -47.00 11.10
N ASP F 173 7.89 -47.20 11.59
CA ASP F 173 7.20 -48.47 11.38
C ASP F 173 6.92 -48.69 9.89
N TYR F 174 6.50 -47.65 9.19
CA TYR F 174 6.36 -47.77 7.74
C TYR F 174 7.68 -48.19 7.10
N LEU F 175 8.78 -47.59 7.57
CA LEU F 175 10.10 -47.87 7.01
C LEU F 175 10.56 -49.27 7.34
N ARG F 176 10.11 -49.83 8.48
CA ARG F 176 10.39 -51.22 8.78
C ARG F 176 9.74 -52.14 7.76
N SER F 177 8.48 -51.90 7.40
CA SER F 177 7.84 -52.77 6.41
C SER F 177 8.57 -52.69 5.07
N LEU F 178 9.14 -51.52 4.75
CA LEU F 178 9.85 -51.38 3.49
C LEU F 178 11.03 -52.34 3.40
N ASN F 179 11.74 -52.53 4.52
CA ASN F 179 12.87 -53.45 4.51
C ASN F 179 12.42 -54.87 4.26
N LYS F 180 11.34 -55.31 4.92
CA LYS F 180 10.82 -56.67 4.71
C LYS F 180 10.24 -56.90 3.32
N LEU F 181 9.99 -55.89 2.57
CA LEU F 181 9.51 -56.12 1.21
C LEU F 181 10.68 -56.38 0.26
N PRO F 182 10.51 -57.29 -0.69
CA PRO F 182 11.58 -57.58 -1.65
C PRO F 182 12.10 -56.33 -2.34
N ARG F 183 13.43 -56.20 -2.38
CA ARG F 183 14.06 -55.08 -3.09
C ARG F 183 13.70 -55.17 -4.57
N GLN F 184 12.70 -54.41 -4.99
CA GLN F 184 12.19 -54.48 -6.35
C GLN F 184 13.09 -53.70 -7.31
N LEU F 185 13.06 -54.12 -8.57
CA LEU F 185 13.93 -53.60 -9.60
C LEU F 185 13.45 -52.26 -10.15
N PRO F 186 14.34 -51.50 -10.79
CA PRO F 186 13.90 -50.33 -11.57
C PRO F 186 13.11 -50.79 -12.79
N LEU F 187 11.87 -50.32 -12.89
CA LEU F 187 10.96 -50.77 -13.94
C LEU F 187 11.45 -50.35 -15.33
N GLU F 188 11.21 -51.21 -16.32
CA GLU F 188 11.43 -50.85 -17.72
C GLU F 188 10.18 -50.13 -18.24
N VAL F 189 10.39 -48.94 -18.79
CA VAL F 189 9.30 -48.11 -19.30
C VAL F 189 9.16 -48.31 -20.81
N ASP F 190 7.92 -48.46 -21.27
CA ASP F 190 7.62 -48.78 -22.66
C ASP F 190 7.45 -47.48 -23.45
N LEU F 191 8.48 -47.13 -24.23
CA LEU F 191 8.52 -45.90 -25.02
C LEU F 191 7.84 -46.04 -26.36
N THR F 192 6.99 -47.05 -26.55
CA THR F 192 6.34 -47.22 -27.85
C THR F 192 5.30 -46.14 -28.10
N LYS F 193 4.47 -45.86 -27.10
CA LYS F 193 3.40 -44.87 -27.22
C LYS F 193 3.86 -43.46 -26.88
N ALA F 194 5.17 -43.21 -26.90
CA ALA F 194 5.70 -41.90 -26.53
C ALA F 194 5.16 -40.82 -27.46
N LYS F 195 4.93 -39.62 -26.90
CA LYS F 195 4.50 -38.50 -27.71
C LYS F 195 5.62 -38.14 -28.68
N ARG F 196 5.28 -38.04 -29.97
CA ARG F 196 6.27 -37.82 -31.00
C ARG F 196 6.15 -36.48 -31.71
N GLN F 197 4.99 -35.81 -31.64
CA GLN F 197 4.83 -34.50 -32.25
C GLN F 197 4.18 -33.54 -31.26
N ASP F 198 4.51 -32.25 -31.39
CA ASP F 198 3.88 -31.25 -30.52
C ASP F 198 2.38 -31.35 -30.58
N LEU F 199 1.83 -31.51 -31.77
CA LEU F 199 0.39 -31.39 -31.94
C LEU F 199 -0.36 -32.43 -31.11
N GLU F 200 -1.47 -32.00 -30.53
CA GLU F 200 -2.32 -32.89 -29.71
C GLU F 200 -3.76 -32.63 -30.15
N PRO F 201 -4.22 -33.30 -31.20
CA PRO F 201 -5.54 -32.95 -31.77
C PRO F 201 -6.72 -33.15 -30.85
N SER F 202 -6.71 -34.19 -30.02
CA SER F 202 -7.88 -34.48 -29.18
C SER F 202 -8.21 -33.33 -28.25
N VAL F 203 -7.19 -32.68 -27.70
CA VAL F 203 -7.42 -31.52 -26.85
C VAL F 203 -8.03 -30.39 -27.66
N GLU F 204 -7.53 -30.17 -28.88
CA GLU F 204 -7.99 -29.05 -29.68
C GLU F 204 -9.49 -29.09 -29.90
N ALA F 205 -10.05 -30.29 -30.04
CA ALA F 205 -11.49 -30.43 -30.21
C ALA F 205 -12.25 -29.88 -29.01
N ALA F 206 -11.89 -30.35 -27.81
CA ALA F 206 -12.62 -29.95 -26.60
C ALA F 206 -12.50 -28.46 -26.32
N ARG F 207 -11.32 -27.88 -26.57
CA ARG F 207 -11.17 -26.45 -26.30
C ARG F 207 -11.88 -25.60 -27.33
N TYR F 208 -11.87 -26.02 -28.60
CA TYR F 208 -12.60 -25.28 -29.62
C TYR F 208 -14.09 -25.30 -29.31
N ASN F 209 -14.58 -26.45 -28.84
CA ASN F 209 -15.96 -26.64 -28.41
C ASN F 209 -16.37 -25.69 -27.29
N SER F 210 -15.42 -25.02 -26.63
CA SER F 210 -15.69 -24.26 -25.43
C SER F 210 -15.82 -22.75 -25.63
N CYS F 211 -15.37 -22.21 -26.77
CA CYS F 211 -15.36 -20.76 -26.97
C CYS F 211 -16.54 -20.24 -27.78
N CYS G 28 -11.39 -13.63 -18.63
CA CYS G 28 -10.08 -13.38 -19.23
C CYS G 28 -9.04 -14.31 -18.60
N PHE G 29 -7.78 -14.17 -19.02
CA PHE G 29 -6.74 -15.09 -18.57
C PHE G 29 -6.60 -15.05 -17.06
N GLY G 30 -6.53 -16.23 -16.45
CA GLY G 30 -6.57 -16.36 -15.02
C GLY G 30 -7.97 -16.52 -14.44
N GLN G 31 -9.02 -16.35 -15.24
CA GLN G 31 -10.37 -16.47 -14.73
C GLN G 31 -11.21 -17.52 -15.45
N CYS G 32 -10.66 -18.18 -16.46
CA CYS G 32 -11.44 -19.09 -17.30
C CYS G 32 -11.28 -20.53 -16.79
N GLN G 33 -12.35 -21.09 -16.22
CA GLN G 33 -12.33 -22.47 -15.76
C GLN G 33 -12.26 -23.44 -16.94
N TYR G 34 -11.54 -24.54 -16.75
CA TYR G 34 -11.48 -25.59 -17.76
C TYR G 34 -12.82 -26.30 -17.89
N THR G 35 -13.21 -26.54 -19.14
CA THR G 35 -14.36 -27.39 -19.41
C THR G 35 -14.03 -28.85 -19.11
N ALA G 36 -15.07 -29.63 -18.82
CA ALA G 36 -14.87 -31.05 -18.54
C ALA G 36 -14.14 -31.72 -19.69
N GLU G 37 -14.57 -31.44 -20.92
CA GLU G 37 -13.92 -32.04 -22.08
C GLU G 37 -12.45 -31.64 -22.15
N GLU G 38 -12.14 -30.36 -21.92
CA GLU G 38 -10.76 -29.93 -22.10
C GLU G 38 -9.88 -30.43 -20.95
N TYR G 39 -10.40 -30.41 -19.72
CA TYR G 39 -9.63 -30.95 -18.60
C TYR G 39 -9.20 -32.38 -18.91
N GLN G 40 -10.17 -33.26 -19.20
CA GLN G 40 -9.87 -34.67 -19.38
C GLN G 40 -8.87 -34.91 -20.50
N ALA G 41 -8.90 -34.09 -21.54
CA ALA G 41 -7.94 -34.25 -22.64
C ALA G 41 -6.53 -33.89 -22.21
N ILE G 42 -6.39 -32.79 -21.46
CA ILE G 42 -5.07 -32.32 -21.03
C ILE G 42 -4.48 -33.23 -19.96
N GLN G 43 -5.32 -33.67 -19.02
CA GLN G 43 -4.87 -34.57 -17.98
C GLN G 43 -4.23 -35.81 -18.59
N LYS G 44 -5.00 -36.54 -19.40
CA LYS G 44 -4.50 -37.73 -20.08
C LYS G 44 -3.28 -37.41 -20.94
N ALA G 45 -3.30 -36.27 -21.64
CA ALA G 45 -2.20 -35.98 -22.55
C ALA G 45 -0.90 -35.72 -21.79
N LEU G 46 -0.96 -35.07 -20.62
CA LEU G 46 0.26 -34.69 -19.92
C LEU G 46 1.01 -35.91 -19.39
N ARG G 47 0.31 -37.03 -19.24
CA ARG G 47 0.92 -38.27 -18.77
C ARG G 47 1.99 -38.75 -19.72
N GLN G 48 1.82 -38.47 -21.01
CA GLN G 48 2.67 -39.04 -22.04
C GLN G 48 4.13 -38.73 -21.76
N ARG G 49 4.98 -39.71 -22.03
CA ARG G 49 6.40 -39.44 -22.07
C ARG G 49 6.79 -38.93 -23.45
N LEU G 50 7.92 -38.25 -23.52
CA LEU G 50 8.40 -37.58 -24.73
C LEU G 50 9.40 -38.46 -25.46
N GLY G 51 9.32 -38.49 -26.79
CA GLY G 51 10.26 -39.24 -27.60
C GLY G 51 11.63 -38.60 -27.71
N PRO G 52 12.58 -39.32 -28.32
CA PRO G 52 13.96 -38.80 -28.45
C PRO G 52 14.10 -37.62 -29.40
N GLU G 53 13.09 -37.34 -30.23
CA GLU G 53 13.11 -36.14 -31.06
C GLU G 53 13.23 -34.89 -30.21
N TYR G 54 12.75 -34.96 -28.96
CA TYR G 54 12.72 -33.83 -28.04
C TYR G 54 14.00 -33.68 -27.24
N ILE G 55 14.81 -34.72 -27.16
CA ILE G 55 15.88 -34.79 -26.17
C ILE G 55 17.24 -34.51 -26.83
N SER G 56 18.04 -33.69 -26.17
CA SER G 56 19.41 -33.40 -26.52
C SER G 56 20.31 -33.92 -25.41
N SER G 57 21.63 -33.82 -25.61
CA SER G 57 22.57 -34.30 -24.61
C SER G 57 23.86 -33.50 -24.71
N ARG G 58 24.42 -33.17 -23.55
CA ARG G 58 25.76 -32.58 -23.47
C ARG G 58 26.47 -33.15 -22.27
N MET G 59 27.73 -33.54 -22.46
CA MET G 59 28.50 -34.14 -21.37
C MET G 59 28.99 -33.06 -20.40
N ALA G 60 28.72 -33.27 -19.12
CA ALA G 60 29.27 -32.40 -18.09
C ALA G 60 30.77 -32.60 -17.98
N GLY G 61 31.46 -31.56 -17.52
CA GLY G 61 32.90 -31.59 -17.41
C GLY G 61 33.43 -32.67 -16.49
N GLY G 62 34.02 -33.72 -17.06
CA GLY G 62 34.57 -34.79 -16.28
C GLY G 62 33.57 -35.81 -15.79
N GLY G 63 32.30 -35.72 -16.21
CA GLY G 63 31.29 -36.61 -15.70
C GLY G 63 30.19 -36.91 -16.69
N GLN G 64 29.03 -37.29 -16.17
CA GLN G 64 27.99 -37.95 -16.95
C GLN G 64 27.46 -37.07 -18.07
N LYS G 65 26.95 -37.73 -19.11
CA LYS G 65 26.15 -37.08 -20.15
C LYS G 65 24.75 -36.81 -19.60
N VAL G 66 24.34 -35.54 -19.61
CA VAL G 66 23.09 -35.11 -19.00
C VAL G 66 22.12 -34.71 -20.11
N CYS G 67 20.91 -35.23 -20.02
CA CYS G 67 19.85 -34.96 -20.99
C CYS G 67 19.00 -33.76 -20.55
N TYR G 68 18.49 -33.04 -21.53
CA TYR G 68 17.67 -31.86 -21.29
C TYR G 68 16.78 -31.67 -22.52
N ILE G 69 15.83 -30.75 -22.41
CA ILE G 69 14.97 -30.38 -23.52
C ILE G 69 15.26 -28.93 -23.87
N GLU G 70 15.34 -28.63 -25.16
CA GLU G 70 15.65 -27.27 -25.57
C GLU G 70 14.45 -26.36 -25.31
N GLY G 71 14.76 -25.10 -24.98
CA GLY G 71 13.72 -24.17 -24.58
C GLY G 71 12.61 -24.04 -25.60
N HIS G 72 12.98 -23.86 -26.87
CA HIS G 72 11.98 -23.64 -27.91
C HIS G 72 11.06 -24.84 -28.06
N ARG G 73 11.55 -26.05 -27.78
CA ARG G 73 10.68 -27.21 -27.86
C ARG G 73 9.66 -27.21 -26.74
N VAL G 74 10.07 -26.78 -25.54
CA VAL G 74 9.12 -26.69 -24.43
C VAL G 74 8.04 -25.66 -24.74
N ILE G 75 8.47 -24.51 -25.30
CA ILE G 75 7.52 -23.46 -25.65
C ILE G 75 6.47 -24.01 -26.60
N ASN G 76 6.92 -24.74 -27.63
CA ASN G 76 5.98 -25.32 -28.59
C ASN G 76 5.14 -26.40 -27.93
N LEU G 77 5.75 -27.22 -27.07
CA LEU G 77 4.96 -28.15 -26.27
C LEU G 77 3.91 -27.40 -25.46
N ALA G 78 4.34 -26.35 -24.74
CA ALA G 78 3.39 -25.60 -23.92
C ALA G 78 2.32 -24.95 -24.79
N ASN G 79 2.77 -24.32 -25.88
CA ASN G 79 1.83 -23.65 -26.78
C ASN G 79 0.82 -24.65 -27.34
N GLU G 80 1.29 -25.85 -27.69
CA GLU G 80 0.37 -26.85 -28.21
C GLU G 80 -0.44 -27.52 -27.13
N MET G 81 0.19 -27.80 -25.98
CA MET G 81 -0.54 -28.43 -24.89
C MET G 81 -1.66 -27.51 -24.40
N PHE G 82 -1.36 -26.23 -24.22
CA PHE G 82 -2.32 -25.33 -23.60
C PHE G 82 -2.93 -24.30 -24.54
N GLY G 83 -2.41 -24.16 -25.75
CA GLY G 83 -2.85 -23.04 -26.55
C GLY G 83 -1.94 -21.84 -26.34
N TYR G 84 -1.83 -21.01 -27.38
CA TYR G 84 -1.02 -19.81 -27.29
C TYR G 84 -1.52 -18.88 -26.20
N ASN G 85 -2.82 -18.93 -25.91
CA ASN G 85 -3.47 -18.12 -24.90
C ASN G 85 -3.87 -18.95 -23.68
N GLY G 86 -3.30 -20.14 -23.53
CA GLY G 86 -3.71 -21.01 -22.44
C GLY G 86 -2.73 -21.02 -21.28
N TRP G 87 -1.51 -20.54 -21.51
CA TRP G 87 -0.48 -20.53 -20.49
C TRP G 87 0.27 -19.20 -20.57
N ALA G 88 0.92 -18.84 -19.46
CA ALA G 88 1.58 -17.56 -19.33
C ALA G 88 2.75 -17.71 -18.38
N HIS G 89 3.73 -16.81 -18.48
CA HIS G 89 4.85 -16.89 -17.55
C HIS G 89 5.44 -15.51 -17.29
N SER G 90 5.96 -15.34 -16.06
CA SER G 90 6.59 -14.09 -15.66
C SER G 90 7.83 -14.38 -14.84
N ILE G 91 8.69 -13.36 -14.79
CA ILE G 91 9.93 -13.41 -14.02
C ILE G 91 9.69 -12.68 -12.70
N THR G 92 9.48 -13.45 -11.61
CA THR G 92 9.38 -12.82 -10.30
C THR G 92 10.68 -12.13 -9.91
N GLN G 93 11.81 -12.73 -10.23
CA GLN G 93 13.05 -12.08 -9.81
C GLN G 93 14.21 -12.72 -10.56
N GLN G 94 15.25 -11.92 -10.81
CA GLN G 94 16.52 -12.41 -11.30
C GLN G 94 17.62 -11.76 -10.48
N ASN G 95 18.61 -12.55 -10.07
CA ASN G 95 19.73 -12.02 -9.32
C ASN G 95 21.07 -12.51 -9.89
N VAL G 96 22.03 -11.59 -10.02
CA VAL G 96 23.40 -11.98 -10.35
C VAL G 96 24.09 -12.25 -9.02
N ASP G 97 24.38 -13.52 -8.76
CA ASP G 97 24.96 -13.93 -7.48
C ASP G 97 26.37 -13.38 -7.31
N PHE G 98 27.14 -13.33 -8.39
CA PHE G 98 28.55 -12.93 -8.36
C PHE G 98 29.03 -12.68 -9.78
N VAL G 99 29.92 -11.72 -9.94
CA VAL G 99 30.64 -11.50 -11.19
C VAL G 99 32.12 -11.54 -10.84
N ASP G 100 32.78 -12.63 -11.22
CA ASP G 100 34.17 -12.87 -10.86
C ASP G 100 35.06 -12.81 -12.09
N LEU G 101 36.15 -12.03 -11.98
CA LEU G 101 37.18 -11.92 -13.00
C LEU G 101 38.44 -12.57 -12.47
N ASN G 102 38.86 -13.66 -13.12
CA ASN G 102 40.07 -14.39 -12.72
C ASN G 102 40.91 -14.62 -13.97
N ASN G 103 42.07 -13.95 -14.00
CA ASN G 103 43.05 -14.12 -15.09
C ASN G 103 42.43 -13.79 -16.44
N GLY G 104 41.78 -12.62 -16.51
CA GLY G 104 41.15 -12.17 -17.75
C GLY G 104 39.94 -12.94 -18.20
N ALA G 105 39.40 -13.81 -17.35
CA ALA G 105 38.20 -14.57 -17.66
C ALA G 105 37.09 -14.25 -16.66
N PHE G 106 35.85 -14.23 -17.14
CA PHE G 106 34.73 -13.89 -16.30
C PHE G 106 33.95 -15.13 -15.91
N TYR G 107 33.56 -15.18 -14.64
CA TYR G 107 32.75 -16.26 -14.09
C TYR G 107 31.50 -15.62 -13.50
N VAL G 108 30.35 -16.03 -14.03
CA VAL G 108 29.07 -15.42 -13.68
C VAL G 108 28.05 -16.51 -13.37
N GLY G 109 27.36 -16.36 -12.25
CA GLY G 109 26.20 -17.18 -11.97
C GLY G 109 24.97 -16.31 -11.78
N VAL G 110 23.86 -16.69 -12.40
CA VAL G 110 22.64 -15.91 -12.33
C VAL G 110 21.47 -16.84 -12.08
N CYS G 111 20.62 -16.49 -11.12
CA CYS G 111 19.39 -17.18 -10.89
C CYS G 111 18.21 -16.31 -11.32
N ALA G 112 17.12 -16.97 -11.68
CA ALA G 112 15.88 -16.33 -12.04
C ALA G 112 14.74 -17.14 -11.46
N PHE G 113 13.71 -16.46 -10.98
CA PHE G 113 12.51 -17.12 -10.51
C PHE G 113 11.39 -16.85 -11.49
N VAL G 114 10.84 -17.91 -12.07
CA VAL G 114 9.91 -17.84 -13.18
C VAL G 114 8.62 -18.52 -12.77
N ARG G 115 7.50 -17.83 -12.97
CA ARG G 115 6.19 -18.32 -12.55
C ARG G 115 5.35 -18.58 -13.80
N VAL G 116 4.86 -19.81 -13.95
CA VAL G 116 3.99 -20.17 -15.06
C VAL G 116 2.56 -20.30 -14.56
N GLN G 117 1.62 -19.74 -15.32
CA GLN G 117 0.21 -19.79 -14.98
C GLN G 117 -0.63 -20.23 -16.17
N LEU G 118 -1.68 -20.99 -15.90
CA LEU G 118 -2.68 -21.38 -16.88
C LEU G 118 -3.90 -20.47 -16.80
N LYS G 119 -4.75 -20.58 -17.84
CA LYS G 119 -5.88 -19.68 -17.97
C LYS G 119 -6.87 -19.82 -16.82
N ASP G 120 -6.81 -20.90 -16.06
CA ASP G 120 -7.73 -21.04 -14.95
C ASP G 120 -7.15 -20.56 -13.62
N GLY G 121 -5.92 -20.05 -13.63
CA GLY G 121 -5.30 -19.57 -12.42
C GLY G 121 -4.29 -20.51 -11.80
N SER G 122 -4.24 -21.78 -12.22
CA SER G 122 -3.24 -22.72 -11.76
C SER G 122 -1.84 -22.19 -12.08
N TYR G 123 -0.87 -22.54 -11.23
CA TYR G 123 0.46 -21.95 -11.41
C TYR G 123 1.52 -22.83 -10.77
N HIS G 124 2.73 -22.69 -11.28
CA HIS G 124 3.88 -23.30 -10.66
C HIS G 124 5.01 -22.33 -10.89
N GLU G 125 5.91 -22.27 -9.92
CA GLU G 125 7.03 -21.38 -9.98
C GLU G 125 8.27 -22.19 -9.69
N ASP G 126 9.39 -21.80 -10.29
CA ASP G 126 10.61 -22.49 -9.97
C ASP G 126 11.78 -21.57 -10.20
N VAL G 127 12.95 -22.03 -9.79
CA VAL G 127 14.20 -21.31 -9.96
C VAL G 127 14.97 -21.94 -11.11
N GLY G 128 15.61 -21.08 -11.91
CA GLY G 128 16.52 -21.53 -12.94
C GLY G 128 17.84 -20.81 -12.77
N TYR G 129 18.88 -21.38 -13.38
CA TYR G 129 20.23 -20.86 -13.22
C TYR G 129 20.90 -20.68 -14.58
N GLY G 130 21.79 -19.71 -14.64
CA GLY G 130 22.51 -19.41 -15.86
C GLY G 130 23.99 -19.20 -15.54
N VAL G 131 24.85 -19.78 -16.40
CA VAL G 131 26.27 -19.89 -16.09
C VAL G 131 27.08 -19.41 -17.28
N SER G 132 28.11 -18.62 -16.99
CA SER G 132 29.14 -18.34 -17.97
C SER G 132 30.47 -18.30 -17.25
N GLU G 133 31.39 -19.15 -17.69
CA GLU G 133 32.74 -19.27 -17.16
C GLU G 133 33.72 -19.22 -18.31
N GLY G 134 34.77 -18.41 -18.17
CA GLY G 134 35.90 -18.43 -19.09
C GLY G 134 35.90 -17.39 -20.20
N LEU G 135 34.80 -16.68 -20.44
CA LEU G 135 34.82 -15.65 -21.48
C LEU G 135 35.56 -14.42 -20.96
N ALA G 136 36.16 -13.67 -21.89
CA ALA G 136 36.91 -12.48 -21.51
C ALA G 136 36.07 -11.21 -21.57
N SER G 137 34.93 -11.25 -22.26
CA SER G 137 33.99 -10.14 -22.33
C SER G 137 33.00 -10.21 -21.17
N LYS G 138 33.03 -9.21 -20.29
CA LYS G 138 32.05 -9.15 -19.22
C LYS G 138 30.64 -9.06 -19.75
N ALA G 139 30.43 -8.24 -20.79
CA ALA G 139 29.08 -8.08 -21.34
C ALA G 139 28.50 -9.39 -21.80
N LEU G 140 29.25 -10.11 -22.63
CA LEU G 140 28.72 -11.34 -23.22
C LEU G 140 28.55 -12.43 -22.18
N SER G 141 29.36 -12.40 -21.12
CA SER G 141 29.15 -13.35 -20.03
C SER G 141 27.81 -13.10 -19.34
N LEU G 142 27.58 -11.85 -18.91
CA LEU G 142 26.34 -11.50 -18.22
C LEU G 142 25.13 -11.74 -19.12
N GLU G 143 25.24 -11.41 -20.39
CA GLU G 143 24.14 -11.70 -21.31
C GLU G 143 23.80 -13.17 -21.29
N LYS G 144 24.82 -14.02 -21.38
CA LYS G 144 24.59 -15.47 -21.43
C LYS G 144 23.90 -15.95 -20.16
N ALA G 145 24.43 -15.54 -19.01
CA ALA G 145 23.90 -16.01 -17.73
C ALA G 145 22.46 -15.56 -17.51
N ARG G 146 22.17 -14.28 -17.76
CA ARG G 146 20.82 -13.76 -17.52
C ARG G 146 19.80 -14.48 -18.37
N LYS G 147 20.13 -14.74 -19.64
CA LYS G 147 19.18 -15.36 -20.55
C LYS G 147 19.02 -16.84 -20.24
N GLU G 148 20.11 -17.53 -19.86
CA GLU G 148 20.00 -18.95 -19.52
C GLU G 148 19.10 -19.15 -18.30
N ALA G 149 19.30 -18.33 -17.26
CA ALA G 149 18.51 -18.48 -16.04
C ALA G 149 17.01 -18.41 -16.32
N VAL G 150 16.58 -17.48 -17.18
CA VAL G 150 15.15 -17.35 -17.46
C VAL G 150 14.64 -18.61 -18.16
N THR G 151 15.31 -19.01 -19.25
CA THR G 151 14.89 -20.20 -19.95
C THR G 151 14.99 -21.42 -19.04
N ASP G 152 16.09 -21.51 -18.28
CA ASP G 152 16.22 -22.60 -17.32
C ASP G 152 15.04 -22.60 -16.35
N GLY G 153 14.68 -21.43 -15.82
CA GLY G 153 13.57 -21.35 -14.89
C GLY G 153 12.24 -21.64 -15.54
N LEU G 154 12.05 -21.16 -16.77
CA LEU G 154 10.80 -21.45 -17.47
C LEU G 154 10.61 -22.95 -17.67
N LYS G 155 11.68 -23.66 -18.09
CA LYS G 155 11.55 -25.10 -18.28
C LYS G 155 11.22 -25.80 -16.97
N ARG G 156 11.93 -25.45 -15.90
CA ARG G 156 11.69 -26.16 -14.65
C ARG G 156 10.27 -25.90 -14.13
N ALA G 157 9.74 -24.69 -14.34
CA ALA G 157 8.38 -24.45 -13.91
C ALA G 157 7.39 -25.27 -14.73
N LEU G 158 7.55 -25.30 -16.06
CA LEU G 158 6.60 -26.01 -16.90
C LEU G 158 6.60 -27.50 -16.61
N ARG G 159 7.79 -28.09 -16.36
CA ARG G 159 7.86 -29.52 -16.06
C ARG G 159 6.94 -29.95 -14.94
N SER G 160 6.43 -29.00 -14.14
CA SER G 160 5.57 -29.32 -13.02
C SER G 160 4.18 -29.73 -13.45
N PHE G 161 3.80 -29.45 -14.69
CA PHE G 161 2.47 -29.82 -15.14
C PHE G 161 2.37 -31.29 -15.55
N GLY G 162 3.50 -31.95 -15.80
CA GLY G 162 3.46 -33.38 -16.04
C GLY G 162 4.61 -33.84 -16.92
N ASN G 163 4.61 -35.15 -17.17
CA ASN G 163 5.68 -35.75 -17.96
C ASN G 163 5.78 -35.09 -19.33
N ALA G 164 4.63 -34.79 -19.95
CA ALA G 164 4.63 -34.31 -21.32
C ALA G 164 5.38 -32.99 -21.48
N LEU G 165 5.57 -32.23 -20.39
CA LEU G 165 6.26 -30.95 -20.46
C LEU G 165 7.67 -30.98 -19.89
N GLY G 166 8.22 -32.17 -19.68
CA GLY G 166 9.60 -32.31 -19.24
C GLY G 166 9.79 -33.01 -17.90
N ASN G 167 8.71 -33.45 -17.23
CA ASN G 167 8.88 -34.05 -15.92
C ASN G 167 9.56 -35.41 -15.95
N CYS G 168 9.44 -36.17 -17.05
CA CYS G 168 10.09 -37.47 -17.11
C CYS G 168 11.60 -37.38 -17.33
N ILE G 169 12.13 -36.22 -17.73
CA ILE G 169 13.54 -36.09 -18.10
C ILE G 169 14.46 -36.52 -16.97
N LEU G 170 13.99 -36.47 -15.73
CA LEU G 170 14.80 -36.84 -14.59
C LEU G 170 14.60 -38.29 -14.14
N ASP G 171 13.59 -38.99 -14.65
CA ASP G 171 13.34 -40.39 -14.29
C ASP G 171 14.42 -41.27 -14.89
N LYS G 172 15.25 -41.88 -14.03
CA LYS G 172 16.42 -42.60 -14.50
C LYS G 172 16.04 -43.83 -15.33
N ASP G 173 14.92 -44.48 -14.99
CA ASP G 173 14.48 -45.63 -15.78
C ASP G 173 14.14 -45.19 -17.19
N TYR G 174 13.43 -44.08 -17.30
CA TYR G 174 13.14 -43.48 -18.59
C TYR G 174 14.42 -43.11 -19.34
N LEU G 175 15.42 -42.57 -18.63
CA LEU G 175 16.60 -42.03 -19.28
C LEU G 175 17.46 -43.09 -19.95
N ARG G 176 17.81 -44.15 -19.24
CA ARG G 176 18.64 -45.16 -19.88
C ARG G 176 17.82 -45.96 -20.90
N SER G 177 16.51 -46.08 -20.67
CA SER G 177 15.61 -46.62 -21.69
C SER G 177 15.70 -45.81 -22.99
N LEU G 178 16.05 -44.53 -22.91
CA LEU G 178 16.18 -43.71 -24.12
C LEU G 178 17.32 -44.18 -25.02
N ASN G 179 18.44 -44.59 -24.43
CA ASN G 179 19.57 -45.06 -25.22
C ASN G 179 19.24 -46.35 -25.96
N LYS G 180 18.31 -47.16 -25.43
CA LYS G 180 17.96 -48.43 -26.05
C LYS G 180 17.21 -48.28 -27.37
N LEU G 181 16.83 -47.04 -27.75
CA LEU G 181 16.11 -46.66 -28.96
C LEU G 181 17.10 -46.30 -30.07
N PRO G 182 16.78 -46.63 -31.32
CA PRO G 182 17.66 -46.28 -32.45
C PRO G 182 17.96 -44.79 -32.49
N ARG G 183 19.24 -44.45 -32.27
CA ARG G 183 19.68 -43.06 -32.30
C ARG G 183 19.34 -42.39 -33.62
N GLN G 184 18.36 -41.48 -33.60
CA GLN G 184 17.86 -40.85 -34.81
C GLN G 184 18.66 -39.59 -35.13
N LEU G 185 18.94 -39.41 -36.42
CA LEU G 185 19.47 -38.14 -36.88
C LEU G 185 18.31 -37.17 -37.13
N PRO G 186 18.58 -35.87 -37.07
CA PRO G 186 17.48 -34.89 -37.06
C PRO G 186 16.65 -34.92 -38.34
N LEU G 187 15.33 -34.92 -38.15
CA LEU G 187 14.42 -34.91 -39.29
C LEU G 187 14.54 -33.59 -40.06
N GLU G 188 14.26 -33.67 -41.36
CA GLU G 188 14.29 -32.52 -42.27
C GLU G 188 13.05 -31.65 -42.16
N VAL G 189 13.29 -30.34 -42.09
CA VAL G 189 12.23 -29.33 -42.01
C VAL G 189 11.92 -28.81 -43.41
N ASP G 190 10.64 -28.77 -43.75
CA ASP G 190 10.13 -28.40 -45.08
C ASP G 190 9.75 -26.93 -45.10
N LEU G 191 10.60 -26.09 -45.69
CA LEU G 191 10.37 -24.64 -45.72
C LEU G 191 9.47 -24.19 -46.87
N THR G 192 8.68 -25.10 -47.46
CA THR G 192 7.82 -24.69 -48.56
C THR G 192 6.67 -23.82 -48.06
N LYS G 193 5.88 -24.35 -47.13
CA LYS G 193 4.68 -23.67 -46.63
C LYS G 193 5.00 -22.59 -45.60
N ALA G 194 6.27 -22.19 -45.49
CA ALA G 194 6.66 -21.19 -44.51
C ALA G 194 5.87 -19.91 -44.69
N LYS G 195 5.59 -19.24 -43.58
CA LYS G 195 4.93 -17.95 -43.61
C LYS G 195 5.87 -16.94 -44.29
N ARG G 196 5.42 -16.36 -45.40
CA ARG G 196 6.28 -15.52 -46.23
C ARG G 196 5.92 -14.04 -46.17
N GLN G 197 4.66 -13.70 -45.93
CA GLN G 197 4.25 -12.31 -45.75
C GLN G 197 3.74 -12.09 -44.33
N ASP G 198 3.67 -10.82 -43.94
CA ASP G 198 3.08 -10.49 -42.65
C ASP G 198 1.59 -10.76 -42.65
N LEU G 199 0.91 -10.45 -43.76
CA LEU G 199 -0.55 -10.44 -43.77
C LEU G 199 -1.09 -11.83 -43.43
N GLU G 200 -2.18 -11.86 -42.67
CA GLU G 200 -2.78 -13.14 -42.28
C GLU G 200 -4.28 -13.12 -42.48
N PRO G 201 -4.75 -13.46 -43.68
CA PRO G 201 -6.18 -13.28 -43.98
C PRO G 201 -7.13 -14.08 -43.10
N SER G 202 -6.79 -15.33 -42.78
CA SER G 202 -7.73 -16.17 -42.04
C SER G 202 -8.05 -15.59 -40.67
N VAL G 203 -7.02 -15.11 -39.96
CA VAL G 203 -7.26 -14.52 -38.65
C VAL G 203 -8.06 -13.23 -38.80
N GLU G 204 -7.72 -12.40 -39.79
CA GLU G 204 -8.37 -11.11 -39.94
C GLU G 204 -9.87 -11.25 -40.14
N ALA G 205 -10.29 -12.30 -40.85
CA ALA G 205 -11.73 -12.55 -40.99
C ALA G 205 -12.37 -12.78 -39.62
N ALA G 206 -11.82 -13.73 -38.87
CA ALA G 206 -12.33 -14.01 -37.54
C ALA G 206 -12.16 -12.81 -36.62
N ARG G 207 -11.07 -12.05 -36.78
CA ARG G 207 -10.84 -10.90 -35.92
C ARG G 207 -11.83 -9.78 -36.21
N TYR G 208 -12.20 -9.60 -37.48
CA TYR G 208 -13.21 -8.60 -37.80
C TYR G 208 -14.55 -8.94 -37.17
N ASN G 209 -14.97 -10.20 -37.24
CA ASN G 209 -16.28 -10.56 -36.72
C ASN G 209 -16.33 -10.65 -35.21
N SER G 210 -15.17 -10.67 -34.54
CA SER G 210 -15.14 -10.74 -33.09
C SER G 210 -15.68 -9.47 -32.43
N CYS G 211 -15.76 -8.36 -33.15
CA CYS G 211 -16.22 -7.10 -32.55
C CYS G 211 -17.74 -6.98 -32.55
N CYS H 28 -12.49 -4.08 -22.20
CA CYS H 28 -11.21 -3.44 -22.37
C CYS H 28 -10.01 -4.42 -22.45
N PHE H 29 -8.80 -3.88 -22.66
CA PHE H 29 -7.64 -4.71 -22.90
C PHE H 29 -7.35 -5.59 -21.68
N GLY H 30 -7.10 -6.88 -21.92
CA GLY H 30 -6.92 -7.80 -20.84
C GLY H 30 -8.22 -8.38 -20.31
N GLN H 31 -9.36 -7.94 -20.83
CA GLN H 31 -10.67 -8.41 -20.39
C GLN H 31 -11.50 -9.03 -21.50
N CYS H 32 -11.02 -9.04 -22.75
CA CYS H 32 -11.79 -9.59 -23.86
C CYS H 32 -11.35 -11.01 -24.14
N GLN H 33 -12.27 -11.94 -23.96
CA GLN H 33 -11.99 -13.35 -24.22
C GLN H 33 -12.18 -13.66 -25.70
N TYR H 34 -11.18 -14.31 -26.28
CA TYR H 34 -11.19 -14.68 -27.70
C TYR H 34 -12.44 -15.43 -28.10
N THR H 35 -12.94 -15.09 -29.29
CA THR H 35 -13.99 -15.86 -29.92
C THR H 35 -13.47 -17.24 -30.33
N ALA H 36 -14.41 -18.16 -30.58
CA ALA H 36 -14.04 -19.50 -30.98
C ALA H 36 -13.10 -19.51 -32.19
N GLU H 37 -13.50 -18.90 -33.30
CA GLU H 37 -12.67 -19.03 -34.49
C GLU H 37 -11.51 -18.06 -34.53
N GLU H 38 -11.56 -16.92 -33.82
CA GLU H 38 -10.36 -16.09 -33.78
C GLU H 38 -9.20 -16.84 -33.13
N TYR H 39 -9.50 -17.55 -32.04
CA TYR H 39 -8.51 -18.42 -31.42
C TYR H 39 -7.98 -19.43 -32.44
N GLN H 40 -8.89 -20.19 -33.03
CA GLN H 40 -8.51 -21.29 -33.90
C GLN H 40 -7.63 -20.81 -35.05
N ALA H 41 -7.96 -19.65 -35.62
CA ALA H 41 -7.15 -19.11 -36.72
C ALA H 41 -5.77 -18.71 -36.23
N ILE H 42 -5.70 -18.03 -35.08
CA ILE H 42 -4.42 -17.59 -34.56
C ILE H 42 -3.61 -18.79 -34.08
N GLN H 43 -4.29 -19.75 -33.45
CA GLN H 43 -3.60 -20.95 -33.01
C GLN H 43 -2.98 -21.70 -34.18
N LYS H 44 -3.66 -21.70 -35.34
CA LYS H 44 -3.09 -22.34 -36.52
C LYS H 44 -1.96 -21.50 -37.10
N ALA H 45 -2.14 -20.18 -37.11
CA ALA H 45 -1.22 -19.31 -37.81
C ALA H 45 0.15 -19.24 -37.14
N LEU H 46 0.17 -19.29 -35.80
CA LEU H 46 1.42 -19.09 -35.08
C LEU H 46 2.41 -20.25 -35.26
N ARG H 47 1.92 -21.45 -35.61
CA ARG H 47 2.84 -22.57 -35.82
C ARG H 47 3.73 -22.35 -37.03
N GLN H 48 3.25 -21.59 -38.01
CA GLN H 48 3.97 -21.45 -39.27
C GLN H 48 5.40 -21.01 -39.01
N ARG H 49 6.34 -21.61 -39.73
CA ARG H 49 7.73 -21.20 -39.65
C ARG H 49 7.96 -19.99 -40.58
N LEU H 50 9.03 -19.27 -40.31
CA LEU H 50 9.28 -18.03 -41.05
C LEU H 50 10.16 -18.28 -42.27
N GLY H 51 9.83 -17.59 -43.36
CA GLY H 51 10.61 -17.65 -44.57
C GLY H 51 11.90 -16.84 -44.47
N PRO H 52 12.75 -16.98 -45.48
CA PRO H 52 14.05 -16.30 -45.46
C PRO H 52 13.98 -14.77 -45.62
N GLU H 53 12.84 -14.22 -46.05
CA GLU H 53 12.71 -12.76 -46.14
C GLU H 53 12.91 -12.09 -44.78
N TYR H 54 12.62 -12.81 -43.70
CA TYR H 54 12.61 -12.24 -42.36
C TYR H 54 13.96 -12.25 -41.67
N ILE H 55 14.90 -13.04 -42.15
CA ILE H 55 16.08 -13.37 -41.37
C ILE H 55 17.28 -12.58 -41.87
N SER H 56 18.02 -12.01 -40.93
CA SER H 56 19.28 -11.33 -41.17
C SER H 56 20.38 -12.12 -40.47
N SER H 57 21.63 -11.72 -40.69
CA SER H 57 22.74 -12.41 -40.04
C SER H 57 23.89 -11.44 -39.85
N ARG H 58 24.48 -11.46 -38.66
CA ARG H 58 25.67 -10.68 -38.35
C ARG H 58 26.76 -11.64 -37.89
N MET H 59 27.97 -11.44 -38.40
CA MET H 59 29.11 -12.31 -38.07
C MET H 59 29.46 -12.10 -36.61
N ALA H 60 29.22 -13.13 -35.78
CA ALA H 60 29.57 -13.02 -34.38
C ALA H 60 31.08 -12.83 -34.23
N GLY H 61 31.47 -12.17 -33.15
CA GLY H 61 32.87 -11.92 -32.91
C GLY H 61 33.68 -13.18 -32.70
N GLY H 62 34.51 -13.55 -33.67
CA GLY H 62 35.33 -14.73 -33.53
C GLY H 62 34.67 -16.05 -33.83
N GLY H 63 33.44 -16.07 -34.35
CA GLY H 63 32.73 -17.32 -34.56
C GLY H 63 31.79 -17.22 -35.74
N GLN H 64 31.10 -18.33 -35.99
CA GLN H 64 30.33 -18.52 -37.21
C GLN H 64 29.13 -17.58 -37.25
N LYS H 65 28.24 -17.82 -38.21
CA LYS H 65 27.07 -16.97 -38.37
C LYS H 65 26.07 -17.20 -37.24
N VAL H 66 25.50 -16.12 -36.73
CA VAL H 66 24.36 -16.17 -35.82
C VAL H 66 23.20 -15.47 -36.51
N CYS H 67 22.07 -16.18 -36.59
CA CYS H 67 20.87 -15.62 -37.21
C CYS H 67 19.94 -15.01 -36.19
N TYR H 68 19.23 -13.96 -36.61
CA TYR H 68 18.29 -13.25 -35.77
C TYR H 68 17.26 -12.60 -36.68
N ILE H 69 16.19 -12.09 -36.06
CA ILE H 69 15.16 -11.36 -36.78
C ILE H 69 15.17 -9.92 -36.28
N GLU H 70 15.09 -8.98 -37.22
CA GLU H 70 15.16 -7.56 -36.90
C GLU H 70 13.88 -7.09 -36.21
N GLY H 71 14.04 -6.10 -35.32
CA GLY H 71 12.94 -5.67 -34.48
C GLY H 71 11.68 -5.31 -35.25
N HIS H 72 11.85 -4.48 -36.30
CA HIS H 72 10.67 -3.96 -37.00
C HIS H 72 9.85 -5.06 -37.66
N ARG H 73 10.47 -6.17 -38.05
CA ARG H 73 9.66 -7.23 -38.64
C ARG H 73 8.87 -7.97 -37.57
N VAL H 74 9.48 -8.19 -36.41
CA VAL H 74 8.75 -8.83 -35.31
C VAL H 74 7.55 -7.98 -34.90
N ILE H 75 7.74 -6.66 -34.84
CA ILE H 75 6.64 -5.76 -34.50
C ILE H 75 5.50 -5.93 -35.50
N ASN H 76 5.83 -5.93 -36.79
CA ASN H 76 4.81 -6.08 -37.83
C ASN H 76 4.20 -7.46 -37.79
N LEU H 77 5.02 -8.48 -37.53
CA LEU H 77 4.46 -9.81 -37.31
C LEU H 77 3.44 -9.77 -36.19
N ALA H 78 3.81 -9.18 -35.06
CA ALA H 78 2.91 -9.16 -33.91
C ALA H 78 1.65 -8.35 -34.24
N ASN H 79 1.84 -7.19 -34.86
CA ASN H 79 0.70 -6.37 -35.24
C ASN H 79 -0.23 -7.12 -36.18
N GLU H 80 0.34 -7.89 -37.11
CA GLU H 80 -0.51 -8.64 -38.02
C GLU H 80 -1.09 -9.88 -37.35
N MET H 81 -0.32 -10.57 -36.50
CA MET H 81 -0.86 -11.76 -35.83
C MET H 81 -2.05 -11.41 -34.93
N PHE H 82 -1.93 -10.32 -34.14
CA PHE H 82 -2.93 -10.05 -33.11
C PHE H 82 -3.75 -8.79 -33.34
N GLY H 83 -3.37 -7.96 -34.31
CA GLY H 83 -3.94 -6.63 -34.44
C GLY H 83 -3.13 -5.60 -33.69
N TYR H 84 -3.18 -4.36 -34.20
CA TYR H 84 -2.42 -3.26 -33.60
C TYR H 84 -2.82 -3.06 -32.14
N ASN H 85 -4.06 -3.41 -31.80
CA ASN H 85 -4.61 -3.30 -30.45
C ASN H 85 -4.78 -4.66 -29.78
N GLY H 86 -4.11 -5.68 -30.30
CA GLY H 86 -4.29 -7.04 -29.80
C GLY H 86 -3.19 -7.52 -28.88
N TRP H 87 -2.07 -6.81 -28.89
CA TRP H 87 -0.93 -7.14 -28.07
C TRP H 87 -0.39 -5.84 -27.49
N ALA H 88 0.36 -5.98 -26.40
CA ALA H 88 0.88 -4.83 -25.68
C ALA H 88 2.17 -5.26 -25.00
N HIS H 89 3.05 -4.30 -24.73
CA HIS H 89 4.27 -4.66 -24.03
C HIS H 89 4.69 -3.50 -23.13
N SER H 90 5.32 -3.84 -22.01
CA SER H 90 5.85 -2.87 -21.07
C SER H 90 7.21 -3.33 -20.59
N ILE H 91 8.01 -2.37 -20.13
CA ILE H 91 9.35 -2.64 -19.63
C ILE H 91 9.20 -2.80 -18.13
N THR H 92 9.28 -4.05 -17.67
CA THR H 92 9.16 -4.32 -16.23
C THR H 92 10.25 -3.61 -15.45
N GLN H 93 11.47 -3.60 -15.98
CA GLN H 93 12.64 -3.03 -15.33
C GLN H 93 13.78 -3.01 -16.32
N GLN H 94 14.67 -2.05 -16.18
CA GLN H 94 15.91 -2.04 -16.93
C GLN H 94 17.05 -1.70 -15.98
N ASN H 95 18.20 -2.33 -16.21
CA ASN H 95 19.36 -2.12 -15.37
C ASN H 95 20.62 -2.08 -16.23
N VAL H 96 21.58 -1.26 -15.80
CA VAL H 96 22.87 -1.16 -16.46
C VAL H 96 23.86 -1.94 -15.60
N ASP H 97 24.32 -3.08 -16.13
CA ASP H 97 25.18 -3.94 -15.34
C ASP H 97 26.53 -3.28 -15.09
N PHE H 98 27.04 -2.52 -16.05
CA PHE H 98 28.36 -1.91 -15.89
C PHE H 98 28.59 -0.87 -16.98
N VAL H 99 29.32 0.17 -16.62
CA VAL H 99 29.92 1.09 -17.56
C VAL H 99 31.39 1.16 -17.20
N ASP H 100 32.23 0.51 -18.00
CA ASP H 100 33.66 0.38 -17.76
C ASP H 100 34.46 1.18 -18.79
N LEU H 101 35.46 1.91 -18.31
CA LEU H 101 36.34 2.70 -19.17
C LEU H 101 37.72 2.06 -19.19
N ASN H 102 38.14 1.59 -20.37
CA ASN H 102 39.46 0.99 -20.56
C ASN H 102 40.12 1.61 -21.78
N ASN H 103 41.16 2.42 -21.54
CA ASN H 103 41.99 3.06 -22.57
C ASN H 103 41.12 3.83 -23.58
N GLY H 104 40.24 4.68 -23.04
CA GLY H 104 39.40 5.48 -23.90
C GLY H 104 38.30 4.76 -24.64
N ALA H 105 37.99 3.52 -24.30
CA ALA H 105 36.89 2.80 -24.91
C ALA H 105 35.87 2.45 -23.83
N PHE H 106 34.59 2.52 -24.17
CA PHE H 106 33.53 2.28 -23.21
C PHE H 106 32.91 0.91 -23.42
N TYR H 107 32.68 0.22 -22.31
CA TYR H 107 32.04 -1.09 -22.31
C TYR H 107 30.82 -1.02 -21.41
N VAL H 108 29.66 -1.31 -22.00
CA VAL H 108 28.36 -1.18 -21.35
C VAL H 108 27.54 -2.43 -21.59
N GLY H 109 26.98 -2.99 -20.52
CA GLY H 109 26.00 -4.05 -20.61
C GLY H 109 24.72 -3.63 -19.90
N VAL H 110 23.58 -3.85 -20.56
CA VAL H 110 22.30 -3.42 -20.03
C VAL H 110 21.31 -4.56 -20.24
N CYS H 111 20.53 -4.88 -19.21
CA CYS H 111 19.44 -5.81 -19.37
C CYS H 111 18.12 -5.06 -19.23
N ALA H 112 17.09 -5.63 -19.84
CA ALA H 112 15.75 -5.11 -19.73
C ALA H 112 14.80 -6.29 -19.62
N PHE H 113 13.77 -6.14 -18.81
CA PHE H 113 12.73 -7.15 -18.66
C PHE H 113 11.46 -6.60 -19.29
N VAL H 114 10.93 -7.34 -20.25
CA VAL H 114 9.83 -6.91 -21.11
C VAL H 114 8.70 -7.90 -20.95
N ARG H 115 7.51 -7.39 -20.69
CA ARG H 115 6.31 -8.21 -20.51
C ARG H 115 5.33 -7.91 -21.64
N VAL H 116 4.96 -8.95 -22.39
CA VAL H 116 4.00 -8.84 -23.48
C VAL H 116 2.67 -9.42 -23.02
N GLN H 117 1.57 -8.73 -23.34
CA GLN H 117 0.24 -9.20 -22.94
C GLN H 117 -0.71 -9.22 -24.13
N LEU H 118 -1.62 -10.20 -24.14
CA LEU H 118 -2.71 -10.22 -25.12
C LEU H 118 -4.02 -9.71 -24.53
N LYS H 119 -4.98 -9.44 -25.44
CA LYS H 119 -6.24 -8.80 -25.11
C LYS H 119 -7.07 -9.60 -24.11
N ASP H 120 -6.79 -10.90 -23.95
CA ASP H 120 -7.52 -11.68 -22.98
C ASP H 120 -6.74 -11.82 -21.69
N GLY H 121 -5.57 -11.20 -21.58
CA GLY H 121 -4.78 -11.26 -20.36
C GLY H 121 -3.60 -12.21 -20.39
N SER H 122 -3.51 -13.07 -21.40
CA SER H 122 -2.36 -13.95 -21.53
C SER H 122 -1.09 -13.11 -21.62
N TYR H 123 0.03 -13.66 -21.17
CA TYR H 123 1.25 -12.87 -21.09
C TYR H 123 2.48 -13.77 -21.07
N HIS H 124 3.62 -13.20 -21.46
CA HIS H 124 4.90 -13.85 -21.34
C HIS H 124 5.92 -12.77 -21.06
N GLU H 125 6.92 -13.08 -20.24
CA GLU H 125 7.93 -12.10 -19.88
C GLU H 125 9.31 -12.67 -20.08
N ASP H 126 10.25 -11.83 -20.48
CA ASP H 126 11.59 -12.32 -20.71
C ASP H 126 12.58 -11.19 -20.55
N VAL H 127 13.85 -11.56 -20.59
CA VAL H 127 14.95 -10.61 -20.49
C VAL H 127 15.60 -10.41 -21.85
N GLY H 128 16.07 -9.18 -22.08
CA GLY H 128 16.88 -8.88 -23.24
C GLY H 128 18.15 -8.20 -22.77
N TYR H 129 19.16 -8.23 -23.65
CA TYR H 129 20.44 -7.66 -23.29
C TYR H 129 20.92 -6.73 -24.40
N GLY H 130 21.69 -5.73 -23.98
CA GLY H 130 22.24 -4.71 -24.86
C GLY H 130 23.70 -4.45 -24.52
N VAL H 131 24.53 -4.30 -25.56
CA VAL H 131 25.98 -4.24 -25.40
C VAL H 131 26.55 -3.10 -26.24
N SER H 132 27.51 -2.39 -25.66
CA SER H 132 28.34 -1.47 -26.42
C SER H 132 29.78 -1.65 -25.97
N GLU H 133 30.63 -2.04 -26.92
CA GLU H 133 32.05 -2.25 -26.71
C GLU H 133 32.80 -1.47 -27.78
N GLY H 134 33.77 -0.67 -27.36
CA GLY H 134 34.68 -0.03 -28.29
C GLY H 134 34.37 1.40 -28.69
N LEU H 135 33.19 1.93 -28.40
CA LEU H 135 32.94 3.32 -28.73
C LEU H 135 33.69 4.22 -27.74
N ALA H 136 34.02 5.42 -28.18
CA ALA H 136 34.74 6.38 -27.34
C ALA H 136 33.81 7.35 -26.62
N SER H 137 32.55 7.43 -27.06
CA SER H 137 31.51 8.22 -26.40
C SER H 137 30.77 7.42 -25.34
N LYS H 138 30.70 7.95 -24.11
CA LYS H 138 29.88 7.32 -23.08
C LYS H 138 28.39 7.29 -23.44
N ALA H 139 27.87 8.40 -23.97
CA ALA H 139 26.43 8.58 -24.18
C ALA H 139 25.83 7.57 -25.17
N LEU H 140 26.37 7.51 -26.38
CA LEU H 140 25.80 6.62 -27.40
C LEU H 140 26.03 5.16 -27.01
N SER H 141 27.05 4.90 -26.20
CA SER H 141 27.25 3.56 -25.64
C SER H 141 26.06 3.17 -24.78
N LEU H 142 25.71 4.03 -23.81
CA LEU H 142 24.53 3.77 -22.99
C LEU H 142 23.28 3.75 -23.84
N GLU H 143 23.19 4.69 -24.79
CA GLU H 143 22.04 4.71 -25.67
C GLU H 143 21.89 3.39 -26.40
N LYS H 144 22.99 2.91 -26.98
CA LYS H 144 22.94 1.66 -27.73
C LYS H 144 22.49 0.52 -26.84
N ALA H 145 23.13 0.38 -25.67
CA ALA H 145 22.87 -0.77 -24.81
C ALA H 145 21.43 -0.74 -24.29
N ARG H 146 20.97 0.41 -23.79
CA ARG H 146 19.62 0.47 -23.24
C ARG H 146 18.59 0.17 -24.31
N LYS H 147 18.78 0.73 -25.50
CA LYS H 147 17.76 0.57 -26.54
C LYS H 147 17.74 -0.84 -27.09
N GLU H 148 18.90 -1.43 -27.33
CA GLU H 148 18.91 -2.78 -27.88
C GLU H 148 18.39 -3.80 -26.87
N ALA H 149 18.80 -3.68 -25.61
CA ALA H 149 18.26 -4.53 -24.55
C ALA H 149 16.74 -4.57 -24.58
N VAL H 150 16.10 -3.42 -24.80
CA VAL H 150 14.64 -3.38 -24.78
C VAL H 150 14.05 -4.18 -25.93
N THR H 151 14.46 -3.85 -27.17
CA THR H 151 13.95 -4.57 -28.33
C THR H 151 14.39 -6.03 -28.27
N ASP H 152 15.65 -6.27 -27.88
CA ASP H 152 16.10 -7.64 -27.68
C ASP H 152 15.17 -8.33 -26.70
N GLY H 153 14.82 -7.63 -25.62
CA GLY H 153 13.88 -8.14 -24.66
C GLY H 153 12.49 -8.30 -25.23
N LEU H 154 12.09 -7.39 -26.13
CA LEU H 154 10.77 -7.55 -26.76
C LEU H 154 10.71 -8.83 -27.60
N LYS H 155 11.74 -9.09 -28.41
CA LYS H 155 11.65 -10.25 -29.31
C LYS H 155 11.49 -11.54 -28.53
N ARG H 156 12.32 -11.72 -27.49
CA ARG H 156 12.39 -12.99 -26.77
C ARG H 156 11.05 -13.33 -26.14
N ALA H 157 10.35 -12.32 -25.65
CA ALA H 157 9.04 -12.51 -25.05
C ALA H 157 8.01 -12.91 -26.08
N LEU H 158 8.02 -12.22 -27.22
CA LEU H 158 7.06 -12.52 -28.28
C LEU H 158 7.30 -13.92 -28.85
N ARG H 159 8.58 -14.31 -28.96
CA ARG H 159 8.96 -15.66 -29.39
C ARG H 159 8.21 -16.74 -28.63
N SER H 160 7.87 -16.48 -27.37
CA SER H 160 7.23 -17.47 -26.53
C SER H 160 5.83 -17.80 -26.99
N PHE H 161 5.24 -16.97 -27.86
CA PHE H 161 3.90 -17.22 -28.34
C PHE H 161 3.83 -18.28 -29.44
N GLY H 162 4.94 -18.55 -30.10
CA GLY H 162 4.97 -19.64 -31.07
C GLY H 162 6.01 -19.40 -32.14
N ASN H 163 6.08 -20.38 -33.05
CA ASN H 163 7.09 -20.37 -34.10
C ASN H 163 7.03 -19.11 -34.93
N ALA H 164 5.83 -18.68 -35.32
CA ALA H 164 5.69 -17.57 -36.25
C ALA H 164 6.23 -16.25 -35.71
N LEU H 165 6.42 -16.12 -34.39
CA LEU H 165 6.93 -14.87 -33.81
C LEU H 165 8.40 -14.93 -33.41
N GLY H 166 9.13 -15.94 -33.90
CA GLY H 166 10.56 -16.00 -33.69
C GLY H 166 11.04 -17.24 -32.97
N ASN H 167 10.14 -18.15 -32.60
CA ASN H 167 10.54 -19.36 -31.89
C ASN H 167 11.35 -20.33 -32.76
N CYS H 168 11.24 -20.22 -34.09
CA CYS H 168 12.00 -21.10 -34.99
C CYS H 168 13.48 -20.76 -35.07
N ILE H 169 13.86 -19.52 -34.76
CA ILE H 169 15.24 -19.10 -34.99
C ILE H 169 16.21 -19.95 -34.19
N LEU H 170 15.74 -20.62 -33.14
CA LEU H 170 16.59 -21.42 -32.28
C LEU H 170 16.63 -22.90 -32.69
N ASP H 171 15.72 -23.35 -33.55
CA ASP H 171 15.72 -24.74 -34.03
C ASP H 171 16.87 -24.91 -35.02
N LYS H 172 17.87 -25.73 -34.65
CA LYS H 172 19.05 -25.84 -35.50
C LYS H 172 18.78 -26.58 -36.79
N ASP H 173 17.77 -27.46 -36.83
CA ASP H 173 17.36 -28.05 -38.10
C ASP H 173 16.74 -27.01 -39.00
N TYR H 174 15.90 -26.15 -38.41
CA TYR H 174 15.31 -25.05 -39.18
C TYR H 174 16.39 -24.17 -39.78
N LEU H 175 17.47 -23.90 -39.03
CA LEU H 175 18.53 -23.05 -39.57
C LEU H 175 19.29 -23.75 -40.69
N ARG H 176 19.42 -25.08 -40.62
CA ARG H 176 20.10 -25.81 -41.69
C ARG H 176 19.32 -25.70 -42.99
N SER H 177 18.02 -26.03 -42.94
CA SER H 177 17.17 -25.92 -44.12
C SER H 177 17.18 -24.51 -44.72
N LEU H 178 17.42 -23.49 -43.89
CA LEU H 178 17.46 -22.12 -44.39
C LEU H 178 18.63 -21.88 -45.35
N ASN H 179 19.81 -22.40 -45.01
CA ASN H 179 20.96 -22.18 -45.88
C ASN H 179 20.81 -22.92 -47.21
N LYS H 180 20.08 -24.04 -47.21
CA LYS H 180 19.79 -24.83 -48.41
C LYS H 180 18.79 -24.15 -49.36
N LEU H 181 18.51 -22.85 -49.17
CA LEU H 181 17.55 -22.05 -49.90
C LEU H 181 18.24 -21.08 -50.84
N PRO H 182 17.61 -20.79 -51.99
CA PRO H 182 18.17 -19.78 -52.90
C PRO H 182 18.43 -18.46 -52.21
N ARG H 183 19.63 -17.90 -52.44
CA ARG H 183 20.01 -16.62 -51.86
C ARG H 183 19.16 -15.52 -52.49
N GLN H 184 18.10 -15.12 -51.79
CA GLN H 184 17.10 -14.21 -52.34
C GLN H 184 17.56 -12.76 -52.27
N LEU H 185 17.30 -12.02 -53.35
CA LEU H 185 17.60 -10.60 -53.39
C LEU H 185 16.71 -9.84 -52.42
N PRO H 186 17.14 -8.66 -51.97
CA PRO H 186 16.29 -7.84 -51.10
C PRO H 186 14.96 -7.50 -51.78
N LEU H 187 13.95 -7.22 -50.95
CA LEU H 187 12.71 -6.67 -51.46
C LEU H 187 12.98 -5.30 -52.09
N GLU H 188 12.00 -4.83 -52.84
CA GLU H 188 11.99 -3.44 -53.35
C GLU H 188 10.57 -2.95 -53.09
N VAL H 189 10.41 -2.05 -52.11
CA VAL H 189 9.08 -1.65 -51.67
C VAL H 189 8.56 -0.59 -52.61
N ASP H 190 7.29 -0.69 -52.99
CA ASP H 190 6.73 0.22 -53.97
C ASP H 190 6.12 1.42 -53.25
N LEU H 191 6.79 2.56 -53.35
CA LEU H 191 6.39 3.76 -52.63
C LEU H 191 5.28 4.54 -53.32
N THR H 192 4.55 3.93 -54.25
CA THR H 192 3.48 4.64 -54.95
C THR H 192 2.33 4.92 -54.00
N LYS H 193 1.78 3.88 -53.39
CA LYS H 193 0.66 4.01 -52.47
C LYS H 193 1.09 4.34 -51.04
N ALA H 194 2.29 4.91 -50.87
CA ALA H 194 2.75 5.30 -49.55
C ALA H 194 1.81 6.32 -48.93
N LYS H 195 1.71 6.30 -47.60
CA LYS H 195 0.90 7.29 -46.91
C LYS H 195 1.51 8.67 -47.14
N ARG H 196 0.65 9.63 -47.50
CA ARG H 196 1.08 10.94 -47.95
C ARG H 196 0.64 12.09 -47.05
N GLN H 197 -0.59 12.09 -46.54
CA GLN H 197 -1.06 13.12 -45.63
C GLN H 197 -1.47 12.50 -44.29
N ASP H 198 -1.41 13.31 -43.23
CA ASP H 198 -1.80 12.85 -41.91
C ASP H 198 -3.20 12.24 -41.92
N LEU H 199 -4.15 12.94 -42.54
CA LEU H 199 -5.57 12.61 -42.37
C LEU H 199 -5.89 11.24 -42.93
N GLU H 200 -6.83 10.56 -42.26
CA GLU H 200 -7.30 9.23 -42.61
C GLU H 200 -8.81 9.27 -42.69
N PRO H 201 -9.37 9.59 -43.85
CA PRO H 201 -10.83 9.80 -43.94
C PRO H 201 -11.64 8.56 -43.59
N SER H 202 -11.19 7.39 -44.05
CA SER H 202 -11.90 6.14 -43.77
C SER H 202 -11.94 5.84 -42.28
N VAL H 203 -10.80 6.05 -41.61
CA VAL H 203 -10.73 5.91 -40.15
C VAL H 203 -11.58 6.98 -39.48
N GLU H 204 -11.46 8.22 -39.96
CA GLU H 204 -12.18 9.33 -39.32
C GLU H 204 -13.69 9.12 -39.42
N ALA H 205 -14.15 8.60 -40.55
CA ALA H 205 -15.56 8.25 -40.69
C ALA H 205 -15.96 7.17 -39.70
N ALA H 206 -15.19 6.08 -39.65
CA ALA H 206 -15.50 4.99 -38.74
C ALA H 206 -15.43 5.44 -37.28
N ARG H 207 -14.48 6.31 -36.97
CA ARG H 207 -14.35 6.79 -35.59
C ARG H 207 -15.52 7.65 -35.20
N TYR H 208 -16.02 8.44 -36.16
CA TYR H 208 -17.13 9.34 -35.89
C TYR H 208 -18.37 8.59 -35.44
N ASN H 209 -18.69 7.47 -36.09
CA ASN H 209 -19.94 6.75 -35.84
C ASN H 209 -19.83 5.76 -34.67
N SER H 210 -18.85 5.93 -33.78
CA SER H 210 -18.64 5.04 -32.66
C SER H 210 -18.85 5.72 -31.31
N CYS H 211 -19.47 6.90 -31.29
CA CYS H 211 -19.63 7.65 -30.05
C CYS H 211 -21.09 7.71 -29.60
N CYS I 28 -15.02 5.61 -20.65
CA CYS I 28 -13.91 6.54 -20.46
C CYS I 28 -12.63 5.96 -21.07
N PHE I 29 -11.53 6.72 -21.01
CA PHE I 29 -10.28 6.27 -21.60
C PHE I 29 -9.77 5.03 -20.88
N GLY I 30 -9.36 4.03 -21.65
CA GLY I 30 -8.94 2.76 -21.12
C GLY I 30 -10.02 1.72 -21.00
N GLN I 31 -11.30 2.14 -21.03
CA GLN I 31 -12.40 1.19 -21.05
C GLN I 31 -13.25 1.32 -22.31
N CYS I 32 -12.73 1.97 -23.35
CA CYS I 32 -13.47 2.23 -24.58
C CYS I 32 -13.06 1.19 -25.61
N GLN I 33 -13.89 0.15 -25.79
CA GLN I 33 -13.59 -0.91 -26.74
C GLN I 33 -13.89 -0.47 -28.17
N TYR I 34 -12.97 -0.79 -29.09
CA TYR I 34 -13.11 -0.41 -30.50
C TYR I 34 -14.29 -1.14 -31.15
N THR I 35 -15.06 -0.41 -31.93
CA THR I 35 -16.06 -1.00 -32.81
C THR I 35 -15.39 -1.71 -33.98
N ALA I 36 -16.15 -2.62 -34.60
CA ALA I 36 -15.65 -3.34 -35.78
C ALA I 36 -15.19 -2.38 -36.88
N GLU I 37 -16.02 -1.38 -37.19
CA GLU I 37 -15.69 -0.46 -38.28
C GLU I 37 -14.46 0.37 -37.97
N GLU I 38 -14.37 0.91 -36.75
CA GLU I 38 -13.19 1.71 -36.41
C GLU I 38 -11.95 0.82 -36.33
N TYR I 39 -12.09 -0.36 -35.73
CA TYR I 39 -10.94 -1.27 -35.65
C TYR I 39 -10.39 -1.58 -37.04
N GLN I 40 -11.26 -2.04 -37.95
CA GLN I 40 -10.79 -2.47 -39.27
C GLN I 40 -10.10 -1.34 -40.02
N ALA I 41 -10.63 -0.13 -39.91
CA ALA I 41 -10.04 1.02 -40.60
C ALA I 41 -8.65 1.30 -40.08
N ILE I 42 -8.47 1.28 -38.75
CA ILE I 42 -7.19 1.64 -38.15
C ILE I 42 -6.14 0.59 -38.47
N GLN I 43 -6.53 -0.68 -38.46
CA GLN I 43 -5.60 -1.76 -38.79
C GLN I 43 -5.02 -1.56 -40.19
N LYS I 44 -5.90 -1.37 -41.18
CA LYS I 44 -5.42 -1.18 -42.56
C LYS I 44 -4.60 0.09 -42.67
N ALA I 45 -4.96 1.13 -41.92
CA ALA I 45 -4.27 2.41 -42.04
C ALA I 45 -2.83 2.33 -41.52
N LEU I 46 -2.59 1.52 -40.50
CA LEU I 46 -1.27 1.45 -39.88
C LEU I 46 -0.20 0.78 -40.75
N ARG I 47 -0.60 -0.06 -41.71
CA ARG I 47 0.38 -0.73 -42.59
C ARG I 47 1.10 0.27 -43.51
N GLN I 48 0.47 1.40 -43.86
CA GLN I 48 1.07 2.33 -44.82
C GLN I 48 2.45 2.79 -44.35
N ARG I 49 3.38 2.87 -45.27
CA ARG I 49 4.69 3.46 -45.02
C ARG I 49 4.64 4.96 -45.27
N LEU I 50 5.62 5.67 -44.72
CA LEU I 50 5.59 7.12 -44.80
C LEU I 50 6.37 7.59 -46.02
N GLY I 51 5.81 8.59 -46.72
CA GLY I 51 6.49 9.20 -47.84
C GLY I 51 7.61 10.11 -47.40
N PRO I 52 8.41 10.58 -48.37
CA PRO I 52 9.59 11.39 -48.02
C PRO I 52 9.25 12.73 -47.41
N GLU I 53 7.99 13.16 -47.49
CA GLU I 53 7.57 14.38 -46.83
C GLU I 53 7.77 14.28 -45.31
N TYR I 54 7.73 13.05 -44.78
CA TYR I 54 7.78 12.77 -43.35
C TYR I 54 9.19 12.58 -42.79
N ILE I 55 10.18 12.30 -43.64
CA ILE I 55 11.49 11.86 -43.17
C ILE I 55 12.50 13.00 -43.26
N SER I 56 13.30 13.14 -42.21
CA SER I 56 14.41 14.07 -42.14
C SER I 56 15.72 13.28 -42.06
N SER I 57 16.84 13.99 -42.13
CA SER I 57 18.13 13.33 -42.09
C SER I 57 19.17 14.26 -41.49
N ARG I 58 20.25 13.64 -40.99
CA ARG I 58 21.46 14.33 -40.57
C ARG I 58 22.57 13.30 -40.50
N MET I 59 23.73 13.62 -41.08
CA MET I 59 24.84 12.69 -41.09
C MET I 59 25.38 12.50 -39.68
N ALA I 60 25.46 11.24 -39.24
CA ALA I 60 26.00 10.94 -37.92
C ALA I 60 27.46 11.35 -37.84
N GLY I 61 27.91 11.67 -36.62
CA GLY I 61 29.28 12.09 -36.42
C GLY I 61 30.27 11.00 -36.77
N GLY I 62 30.94 11.16 -37.91
CA GLY I 62 31.89 10.17 -38.34
C GLY I 62 31.28 8.96 -39.02
N GLY I 63 29.97 8.95 -39.25
CA GLY I 63 29.32 7.78 -39.79
C GLY I 63 28.10 8.08 -40.62
N GLN I 64 27.27 7.07 -40.84
CA GLN I 64 26.24 7.13 -41.88
C GLN I 64 25.11 8.10 -41.51
N LYS I 65 24.58 8.76 -42.55
CA LYS I 65 23.43 9.65 -42.43
C LYS I 65 22.23 8.90 -41.87
N VAL I 66 21.84 9.24 -40.64
CA VAL I 66 20.74 8.57 -39.95
C VAL I 66 19.44 9.28 -40.30
N CYS I 67 18.45 8.51 -40.75
CA CYS I 67 17.14 9.06 -41.06
C CYS I 67 16.22 8.91 -39.85
N TYR I 68 15.33 9.89 -39.68
CA TYR I 68 14.43 9.91 -38.52
C TYR I 68 13.18 10.71 -38.87
N ILE I 69 12.21 10.66 -37.95
CA ILE I 69 10.98 11.43 -38.05
C ILE I 69 10.98 12.44 -36.90
N GLU I 70 10.60 13.67 -37.22
CA GLU I 70 10.54 14.72 -36.20
C GLU I 70 9.34 14.53 -35.29
N GLY I 71 9.49 14.96 -34.03
CA GLY I 71 8.47 14.68 -33.02
C GLY I 71 7.08 15.15 -33.43
N HIS I 72 6.96 16.41 -33.84
CA HIS I 72 5.66 16.99 -34.10
C HIS I 72 4.94 16.29 -35.24
N ARG I 73 5.68 15.64 -36.14
CA ARG I 73 5.03 14.88 -37.18
C ARG I 73 4.43 13.62 -36.61
N VAL I 74 5.13 12.98 -35.67
CA VAL I 74 4.60 11.75 -35.06
C VAL I 74 3.33 12.06 -34.29
N ILE I 75 3.34 13.14 -33.52
CA ILE I 75 2.17 13.53 -32.74
C ILE I 75 0.97 13.76 -33.66
N ASN I 76 1.18 14.46 -34.77
CA ASN I 76 0.06 14.68 -35.69
C ASN I 76 -0.41 13.37 -36.30
N LEU I 77 0.54 12.50 -36.65
CA LEU I 77 0.16 11.16 -37.11
C LEU I 77 -0.71 10.46 -36.08
N ALA I 78 -0.26 10.46 -34.81
CA ALA I 78 -1.04 9.76 -33.79
C ALA I 78 -2.39 10.45 -33.58
N ASN I 79 -2.37 11.78 -33.48
CA ASN I 79 -3.62 12.52 -33.28
C ASN I 79 -4.60 12.23 -34.41
N GLU I 80 -4.08 12.13 -35.64
CA GLU I 80 -4.96 11.76 -36.75
C GLU I 80 -5.28 10.27 -36.75
N MET I 81 -4.30 9.43 -36.41
CA MET I 81 -4.58 8.00 -36.44
C MET I 81 -5.66 7.61 -35.44
N PHE I 82 -5.57 8.09 -34.20
CA PHE I 82 -6.45 7.62 -33.13
C PHE I 82 -7.44 8.66 -32.66
N GLY I 83 -7.30 9.91 -33.07
CA GLY I 83 -8.07 10.97 -32.44
C GLY I 83 -7.33 11.60 -31.28
N TYR I 84 -7.65 12.87 -31.02
CA TYR I 84 -6.98 13.59 -29.94
C TYR I 84 -7.22 12.92 -28.59
N ASN I 85 -8.36 12.26 -28.41
CA ASN I 85 -8.68 11.59 -27.17
C ASN I 85 -8.57 10.06 -27.32
N GLY I 86 -7.83 9.61 -28.32
CA GLY I 86 -7.74 8.20 -28.65
C GLY I 86 -6.47 7.51 -28.20
N TRP I 87 -5.46 8.31 -27.87
CA TRP I 87 -4.19 7.80 -27.41
C TRP I 87 -3.69 8.68 -26.28
N ALA I 88 -2.73 8.17 -25.53
CA ALA I 88 -2.23 8.89 -24.36
C ALA I 88 -0.79 8.47 -24.15
N HIS I 89 -0.03 9.28 -23.42
CA HIS I 89 1.31 8.84 -23.05
C HIS I 89 1.73 9.42 -21.71
N SER I 90 2.60 8.70 -21.00
CA SER I 90 3.12 9.14 -19.72
C SER I 90 4.59 8.80 -19.60
N ILE I 91 5.28 9.48 -18.70
CA ILE I 91 6.69 9.24 -18.44
C ILE I 91 6.73 8.35 -17.20
N THR I 92 6.94 7.04 -17.42
CA THR I 92 7.05 6.12 -16.29
C THR I 92 8.27 6.44 -15.45
N GLN I 93 9.37 6.85 -16.07
CA GLN I 93 10.60 7.15 -15.36
C GLN I 93 11.56 7.86 -16.32
N GLN I 94 12.37 8.76 -15.77
CA GLN I 94 13.47 9.38 -16.48
C GLN I 94 14.67 9.37 -15.55
N ASN I 95 15.87 9.19 -16.10
CA ASN I 95 17.03 9.13 -15.25
C ASN I 95 18.23 9.80 -15.91
N VAL I 96 18.99 10.53 -15.09
CA VAL I 96 20.20 11.21 -15.54
C VAL I 96 21.39 10.31 -15.27
N ASP I 97 21.97 9.77 -16.34
CA ASP I 97 23.08 8.84 -16.20
C ASP I 97 24.36 9.50 -15.74
N PHE I 98 24.67 10.70 -16.25
CA PHE I 98 25.95 11.30 -15.96
C PHE I 98 25.98 12.78 -16.36
N VAL I 99 26.66 13.57 -15.55
CA VAL I 99 27.06 14.92 -15.89
C VAL I 99 28.54 15.04 -15.58
N ASP I 100 29.38 15.03 -16.62
CA ASP I 100 30.83 15.09 -16.45
C ASP I 100 31.36 16.42 -16.96
N LEU I 101 32.22 17.04 -16.16
CA LEU I 101 32.84 18.31 -16.47
C LEU I 101 34.32 18.08 -16.78
N ASN I 102 34.71 18.35 -18.02
CA ASN I 102 36.09 18.23 -18.45
C ASN I 102 36.44 19.51 -19.19
N ASN I 103 37.32 20.31 -18.58
CA ASN I 103 37.81 21.56 -19.17
C ASN I 103 36.63 22.51 -19.46
N GLY I 104 35.78 22.70 -18.46
CA GLY I 104 34.67 23.64 -18.59
C GLY I 104 33.57 23.25 -19.55
N ALA I 105 33.54 22.01 -20.04
CA ALA I 105 32.49 21.54 -20.95
C ALA I 105 31.74 20.38 -20.30
N PHE I 106 30.44 20.31 -20.58
CA PHE I 106 29.54 19.33 -19.97
C PHE I 106 29.16 18.23 -20.95
N TYR I 107 29.11 16.99 -20.44
CA TYR I 107 28.68 15.84 -21.22
C TYR I 107 27.58 15.13 -20.45
N VAL I 108 26.37 15.05 -21.03
CA VAL I 108 25.21 14.52 -20.31
C VAL I 108 24.44 13.54 -21.20
N GLY I 109 24.11 12.38 -20.64
CA GLY I 109 23.20 11.44 -21.27
C GLY I 109 22.03 11.17 -20.34
N VAL I 110 20.83 11.09 -20.91
CA VAL I 110 19.62 10.90 -20.14
C VAL I 110 18.76 9.88 -20.86
N CYS I 111 18.18 8.94 -20.11
CA CYS I 111 17.17 8.08 -20.70
C CYS I 111 15.83 8.43 -20.09
N ALA I 112 14.79 8.09 -20.84
CA ALA I 112 13.43 8.27 -20.39
C ALA I 112 12.64 7.05 -20.83
N PHE I 113 11.74 6.60 -19.98
CA PHE I 113 10.89 5.46 -20.30
C PHE I 113 9.48 5.99 -20.53
N VAL I 114 8.95 5.76 -21.72
CA VAL I 114 7.69 6.34 -22.16
C VAL I 114 6.72 5.24 -22.52
N ARG I 115 5.53 5.31 -21.96
CA ARG I 115 4.46 4.35 -22.18
C ARG I 115 3.31 5.03 -22.91
N VAL I 116 2.92 4.46 -24.06
CA VAL I 116 1.81 4.96 -24.86
C VAL I 116 0.63 4.01 -24.70
N GLN I 117 -0.56 4.57 -24.54
CA GLN I 117 -1.80 3.83 -24.35
C GLN I 117 -2.89 4.31 -25.29
N LEU I 118 -3.76 3.39 -25.72
CA LEU I 118 -4.97 3.68 -26.49
C LEU I 118 -6.23 3.57 -25.62
N LYS I 119 -7.34 4.03 -26.19
CA LYS I 119 -8.63 4.12 -25.49
C LYS I 119 -9.17 2.77 -25.02
N ASP I 120 -8.69 1.67 -25.59
CA ASP I 120 -9.17 0.36 -25.19
C ASP I 120 -8.26 -0.31 -24.18
N GLY I 121 -7.19 0.36 -23.75
CA GLY I 121 -6.27 -0.20 -22.82
C GLY I 121 -4.99 -0.70 -23.44
N SER I 122 -4.93 -0.80 -24.76
CA SER I 122 -3.71 -1.24 -25.42
C SER I 122 -2.56 -0.30 -25.06
N TYR I 123 -1.33 -0.83 -25.07
CA TYR I 123 -0.21 -0.03 -24.62
C TYR I 123 1.09 -0.61 -25.19
N HIS I 124 2.09 0.25 -25.32
CA HIS I 124 3.44 -0.15 -25.66
C HIS I 124 4.35 0.84 -24.97
N GLU I 125 5.48 0.35 -24.47
CA GLU I 125 6.42 1.17 -23.72
C GLU I 125 7.82 0.93 -24.27
N ASP I 126 8.62 1.98 -24.31
CA ASP I 126 9.96 1.87 -24.86
C ASP I 126 10.84 2.92 -24.20
N VAL I 127 12.14 2.85 -24.48
CA VAL I 127 13.11 3.78 -23.95
C VAL I 127 13.49 4.80 -25.01
N GLY I 128 13.77 6.02 -24.56
CA GLY I 128 14.37 7.04 -25.39
C GLY I 128 15.60 7.57 -24.67
N TYR I 129 16.47 8.20 -25.44
CA TYR I 129 17.72 8.71 -24.90
C TYR I 129 17.96 10.15 -25.34
N GLY I 130 18.73 10.89 -24.54
CA GLY I 130 19.04 12.27 -24.80
C GLY I 130 20.50 12.61 -24.52
N VAL I 131 21.13 13.45 -25.35
CA VAL I 131 22.57 13.72 -25.25
C VAL I 131 22.82 15.22 -25.38
N SER I 132 23.72 15.75 -24.53
CA SER I 132 24.29 17.08 -24.72
C SER I 132 25.76 17.07 -24.31
N GLU I 133 26.66 17.46 -25.21
CA GLU I 133 28.08 17.52 -24.92
C GLU I 133 28.72 18.84 -25.37
N GLY I 134 29.49 19.46 -24.48
CA GLY I 134 30.34 20.59 -24.80
C GLY I 134 29.86 21.98 -24.43
N LEU I 135 28.60 22.15 -24.01
CA LEU I 135 28.17 23.48 -23.61
C LEU I 135 28.80 23.85 -22.26
N ALA I 136 28.91 25.14 -22.02
CA ALA I 136 29.44 25.61 -20.74
C ALA I 136 28.34 25.81 -19.70
N SER I 137 27.08 25.86 -20.13
CA SER I 137 25.93 25.93 -19.23
C SER I 137 25.49 24.51 -18.87
N LYS I 138 25.61 24.17 -17.59
CA LYS I 138 25.11 22.88 -17.11
C LYS I 138 23.62 22.77 -17.38
N ALA I 139 22.90 23.87 -17.15
CA ALA I 139 21.46 23.89 -17.33
C ALA I 139 21.07 23.52 -18.76
N LEU I 140 21.66 24.19 -19.74
CA LEU I 140 21.24 23.95 -21.11
C LEU I 140 21.61 22.54 -21.54
N SER I 141 22.65 22.00 -20.91
CA SER I 141 23.00 20.60 -21.14
C SER I 141 21.86 19.69 -20.70
N LEU I 142 21.47 19.81 -19.43
CA LEU I 142 20.41 18.98 -18.87
C LEU I 142 19.08 19.22 -19.59
N GLU I 143 18.76 20.48 -19.90
CA GLU I 143 17.53 20.77 -20.62
C GLU I 143 17.51 20.04 -21.96
N LYS I 144 18.62 20.10 -22.70
CA LYS I 144 18.66 19.41 -23.99
C LYS I 144 18.45 17.93 -23.79
N ALA I 145 19.21 17.34 -22.87
CA ALA I 145 19.16 15.88 -22.69
C ALA I 145 17.81 15.42 -22.17
N ARG I 146 17.29 16.08 -21.12
CA ARG I 146 16.03 15.62 -20.51
C ARG I 146 14.91 15.68 -21.52
N LYS I 147 14.90 16.72 -22.36
CA LYS I 147 13.79 16.88 -23.29
C LYS I 147 13.87 15.84 -24.41
N GLU I 148 15.00 15.77 -25.13
CA GLU I 148 15.07 14.83 -26.26
C GLU I 148 14.82 13.40 -25.82
N ALA I 149 15.21 13.04 -24.59
CA ALA I 149 15.00 11.68 -24.11
C ALA I 149 13.52 11.29 -24.18
N VAL I 150 12.63 12.22 -23.83
CA VAL I 150 11.20 11.92 -23.77
C VAL I 150 10.60 11.72 -25.16
N THR I 151 10.78 12.70 -26.08
CA THR I 151 10.19 12.54 -27.42
C THR I 151 10.79 11.32 -28.11
N ASP I 152 12.10 11.11 -27.93
CA ASP I 152 12.73 9.90 -28.42
C ASP I 152 11.98 8.68 -27.92
N GLY I 153 11.67 8.66 -26.61
CA GLY I 153 10.93 7.54 -26.08
C GLY I 153 9.52 7.48 -26.62
N LEU I 154 8.89 8.65 -26.79
CA LEU I 154 7.55 8.68 -27.35
C LEU I 154 7.54 8.15 -28.78
N LYS I 155 8.50 8.60 -29.61
CA LYS I 155 8.51 8.11 -30.99
C LYS I 155 8.72 6.60 -30.99
N ARG I 156 9.70 6.12 -30.23
CA ARG I 156 9.98 4.70 -30.25
C ARG I 156 8.80 3.90 -29.70
N ALA I 157 8.09 4.45 -28.73
CA ALA I 157 6.94 3.72 -28.19
C ALA I 157 5.85 3.60 -29.23
N LEU I 158 5.56 4.70 -29.94
CA LEU I 158 4.50 4.72 -30.94
C LEU I 158 4.79 3.80 -32.11
N ARG I 159 6.07 3.63 -32.48
CA ARG I 159 6.43 2.76 -33.61
C ARG I 159 5.77 1.39 -33.49
N SER I 160 5.67 0.88 -32.26
CA SER I 160 5.13 -0.45 -32.00
C SER I 160 3.71 -0.63 -32.52
N PHE I 161 2.99 0.44 -32.81
CA PHE I 161 1.61 0.25 -33.27
C PHE I 161 1.50 -0.10 -34.76
N GLY I 162 2.53 0.16 -35.55
CA GLY I 162 2.52 -0.26 -36.94
C GLY I 162 3.40 0.64 -37.78
N ASN I 163 3.42 0.33 -39.08
CA ASN I 163 4.28 1.04 -40.04
C ASN I 163 4.02 2.55 -40.07
N ALA I 164 2.75 2.96 -40.02
CA ALA I 164 2.42 4.36 -40.24
C ALA I 164 2.98 5.32 -39.17
N LEU I 165 3.35 4.82 -37.98
CA LEU I 165 3.86 5.70 -36.91
C LEU I 165 5.38 5.64 -36.75
N GLY I 166 6.10 5.13 -37.75
CA GLY I 166 7.55 5.17 -37.73
C GLY I 166 8.23 3.82 -37.76
N ASN I 167 7.48 2.73 -37.81
CA ASN I 167 8.08 1.40 -37.78
C ASN I 167 8.89 1.12 -39.05
N CYS I 168 8.62 1.86 -40.14
CA CYS I 168 9.36 1.69 -41.39
C CYS I 168 10.76 2.28 -41.35
N ILE I 169 11.03 3.26 -40.48
CA ILE I 169 12.28 4.02 -40.58
C ILE I 169 13.51 3.13 -40.44
N LEU I 170 13.38 1.99 -39.77
CA LEU I 170 14.53 1.11 -39.55
C LEU I 170 14.62 -0.03 -40.57
N ASP I 171 13.61 -0.20 -41.43
CA ASP I 171 13.65 -1.20 -42.51
C ASP I 171 14.66 -0.74 -43.56
N LYS I 172 15.87 -1.32 -43.53
CA LYS I 172 16.91 -0.90 -44.45
C LYS I 172 16.46 -0.98 -45.90
N ASP I 173 15.60 -1.96 -46.22
CA ASP I 173 15.12 -2.12 -47.58
C ASP I 173 14.26 -0.92 -47.99
N TYR I 174 13.37 -0.50 -47.09
CA TYR I 174 12.55 0.69 -47.29
C TYR I 174 13.38 1.96 -47.43
N LEU I 175 14.50 2.07 -46.70
CA LEU I 175 15.24 3.33 -46.65
C LEU I 175 15.81 3.71 -48.02
N ARG I 176 16.69 2.88 -48.58
CA ARG I 176 17.28 3.31 -49.84
C ARG I 176 16.28 3.38 -50.97
N SER I 177 15.08 2.85 -50.78
CA SER I 177 13.98 3.16 -51.66
C SER I 177 13.65 4.66 -51.64
N LEU I 178 13.77 5.27 -50.46
CA LEU I 178 13.55 6.70 -50.33
C LEU I 178 14.66 7.48 -50.99
N ASN I 179 15.90 7.01 -50.87
CA ASN I 179 17.02 7.70 -51.50
C ASN I 179 16.94 7.69 -53.03
N LYS I 180 16.27 6.71 -53.60
CA LYS I 180 16.09 6.63 -55.05
C LYS I 180 14.89 7.44 -55.55
N LEU I 181 14.27 8.27 -54.66
CA LEU I 181 13.19 9.18 -55.02
C LEU I 181 13.73 10.59 -55.19
N PRO I 182 13.19 11.34 -56.15
CA PRO I 182 13.63 12.73 -56.36
C PRO I 182 13.56 13.56 -55.09
N ARG I 183 14.66 14.28 -54.81
CA ARG I 183 14.71 15.18 -53.66
C ARG I 183 13.62 16.24 -53.75
N GLN I 184 12.64 16.16 -52.86
CA GLN I 184 11.48 17.04 -52.91
C GLN I 184 11.73 18.32 -52.12
N LEU I 185 11.44 19.46 -52.74
CA LEU I 185 11.54 20.74 -52.05
C LEU I 185 10.39 20.87 -51.05
N PRO I 186 10.62 21.56 -49.92
CA PRO I 186 9.67 21.52 -48.82
C PRO I 186 8.29 22.04 -49.22
N LEU I 187 7.28 21.62 -48.46
CA LEU I 187 5.92 22.08 -48.65
C LEU I 187 5.83 23.56 -48.25
N GLU I 188 4.65 24.14 -48.43
CA GLU I 188 4.32 25.47 -47.93
C GLU I 188 2.93 25.45 -47.31
N VAL I 189 2.83 25.99 -46.10
CA VAL I 189 1.59 26.02 -45.33
C VAL I 189 0.87 27.34 -45.60
N ASP I 190 -0.44 27.22 -45.83
CA ASP I 190 -1.33 28.35 -46.12
C ASP I 190 -1.95 28.83 -44.81
N LEU I 191 -1.44 29.96 -44.31
CA LEU I 191 -1.85 30.55 -43.03
C LEU I 191 -3.10 31.42 -43.13
N THR I 192 -3.90 31.29 -44.19
CA THR I 192 -5.09 32.12 -44.36
C THR I 192 -6.15 31.77 -43.32
N LYS I 193 -6.75 30.56 -43.46
CA LYS I 193 -7.78 30.08 -42.55
C LYS I 193 -7.22 29.62 -41.20
N ALA I 194 -6.06 30.15 -40.83
CA ALA I 194 -5.43 29.87 -39.56
C ALA I 194 -6.27 30.40 -38.40
N LYS I 195 -6.16 29.73 -37.25
CA LYS I 195 -6.86 30.16 -36.05
C LYS I 195 -6.38 31.54 -35.62
N ARG I 196 -7.31 32.49 -35.48
CA ARG I 196 -6.94 33.86 -35.20
C ARG I 196 -7.38 34.36 -33.83
N GLN I 197 -8.36 33.71 -33.21
CA GLN I 197 -8.83 34.05 -31.88
C GLN I 197 -8.94 32.79 -31.02
N ASP I 198 -8.85 32.98 -29.70
CA ASP I 198 -9.04 31.86 -28.79
C ASP I 198 -10.40 31.20 -28.99
N LEU I 199 -11.44 31.99 -29.19
CA LEU I 199 -12.80 31.47 -29.19
C LEU I 199 -13.00 30.41 -30.27
N GLU I 200 -13.77 29.37 -29.95
CA GLU I 200 -14.14 28.31 -30.88
C GLU I 200 -15.64 28.00 -30.81
N PRO I 201 -16.46 28.77 -31.53
CA PRO I 201 -17.92 28.61 -31.39
C PRO I 201 -18.42 27.23 -31.76
N SER I 202 -17.79 26.60 -32.76
CA SER I 202 -18.26 25.30 -33.21
C SER I 202 -18.17 24.25 -32.11
N VAL I 203 -17.06 24.22 -31.37
CA VAL I 203 -16.94 23.26 -30.27
C VAL I 203 -17.86 23.64 -29.12
N GLU I 204 -17.92 24.94 -28.78
CA GLU I 204 -18.70 25.40 -27.65
C GLU I 204 -20.17 25.06 -27.84
N ALA I 205 -20.67 25.17 -29.08
CA ALA I 205 -22.03 24.76 -29.35
C ALA I 205 -22.21 23.29 -29.04
N ALA I 206 -21.33 22.46 -29.59
CA ALA I 206 -21.42 21.03 -29.38
C ALA I 206 -21.26 20.69 -27.90
N ARG I 207 -20.42 21.43 -27.19
CA ARG I 207 -20.22 21.10 -25.78
C ARG I 207 -21.44 21.43 -24.95
N TYR I 208 -22.18 22.49 -25.30
CA TYR I 208 -23.37 22.81 -24.53
C TYR I 208 -24.38 21.67 -24.59
N ASN I 209 -24.45 21.01 -25.75
CA ASN I 209 -25.32 19.84 -25.93
C ASN I 209 -24.80 18.60 -25.24
N SER I 210 -23.65 18.69 -24.56
CA SER I 210 -23.12 17.58 -23.77
C SER I 210 -23.67 17.59 -22.34
N CYS I 211 -23.64 18.74 -21.68
CA CYS I 211 -24.13 18.90 -20.30
C CYS I 211 -25.66 19.04 -20.25
N CYS J 28 -18.31 12.59 -13.71
CA CYS J 28 -17.37 13.56 -13.16
C CYS J 28 -16.04 13.47 -13.91
N PHE J 29 -15.07 14.31 -13.52
CA PHE J 29 -13.83 14.44 -14.28
C PHE J 29 -13.09 13.12 -14.32
N GLY J 30 -12.59 12.77 -15.51
CA GLY J 30 -11.98 11.49 -15.73
C GLY J 30 -12.96 10.43 -16.16
N GLN J 31 -14.23 10.75 -16.24
CA GLN J 31 -15.26 9.79 -16.59
C GLN J 31 -16.08 10.20 -17.80
N CYS J 32 -16.48 11.46 -17.90
CA CYS J 32 -17.38 11.90 -18.97
C CYS J 32 -16.83 11.58 -20.36
N GLN J 33 -17.54 10.69 -21.05
CA GLN J 33 -17.20 10.38 -22.43
C GLN J 33 -17.57 11.56 -23.33
N TYR J 34 -16.68 11.89 -24.26
CA TYR J 34 -17.03 12.86 -25.29
C TYR J 34 -18.21 12.34 -26.12
N THR J 35 -19.17 13.23 -26.36
CA THR J 35 -20.19 12.97 -27.37
C THR J 35 -19.59 13.06 -28.75
N ALA J 36 -20.25 12.41 -29.72
CA ALA J 36 -19.81 12.53 -31.11
C ALA J 36 -19.78 13.99 -31.55
N GLU J 37 -20.81 14.74 -31.17
CA GLU J 37 -20.88 16.17 -31.47
C GLU J 37 -19.62 16.89 -31.01
N GLU J 38 -19.35 16.83 -29.71
CA GLU J 38 -18.19 17.55 -29.16
C GLU J 38 -16.89 16.95 -29.65
N TYR J 39 -16.81 15.62 -29.73
CA TYR J 39 -15.60 14.99 -30.26
C TYR J 39 -15.29 15.52 -31.66
N GLN J 40 -16.28 15.51 -32.56
CA GLN J 40 -16.03 15.91 -33.93
C GLN J 40 -15.48 17.34 -34.00
N ALA J 41 -16.11 18.26 -33.26
CA ALA J 41 -15.69 19.65 -33.33
C ALA J 41 -14.27 19.83 -32.82
N ILE J 42 -13.95 19.20 -31.69
CA ILE J 42 -12.64 19.37 -31.08
C ILE J 42 -11.56 18.73 -31.94
N GLN J 43 -11.87 17.56 -32.51
CA GLN J 43 -10.93 16.89 -33.41
C GLN J 43 -10.50 17.82 -34.55
N LYS J 44 -11.48 18.44 -35.24
CA LYS J 44 -11.16 19.39 -36.31
C LYS J 44 -10.43 20.60 -35.74
N ALA J 45 -11.02 21.22 -34.71
CA ALA J 45 -10.48 22.47 -34.20
C ALA J 45 -9.00 22.36 -33.89
N LEU J 46 -8.57 21.20 -33.37
CA LEU J 46 -7.18 21.06 -32.95
C LEU J 46 -6.19 21.02 -34.12
N ARG J 47 -6.63 20.64 -35.33
CA ARG J 47 -5.73 20.61 -36.49
C ARG J 47 -5.25 22.00 -36.88
N GLN J 48 -6.06 23.04 -36.63
CA GLN J 48 -5.78 24.40 -37.10
C GLN J 48 -4.42 24.88 -36.63
N ARG J 49 -3.71 25.60 -37.48
CA ARG J 49 -2.45 26.20 -37.08
C ARG J 49 -2.68 27.55 -36.42
N LEU J 50 -1.66 28.01 -35.69
CA LEU J 50 -1.80 29.26 -34.96
C LEU J 50 -1.28 30.44 -35.78
N GLY J 51 -2.03 31.54 -35.76
CA GLY J 51 -1.65 32.77 -36.43
C GLY J 51 -0.55 33.52 -35.70
N PRO J 52 -0.04 34.59 -36.32
CA PRO J 52 1.06 35.36 -35.71
C PRO J 52 0.66 36.05 -34.42
N GLU J 53 -0.63 36.13 -34.12
CA GLU J 53 -1.07 36.67 -32.85
C GLU J 53 -0.46 35.93 -31.67
N TYR J 54 -0.14 34.65 -31.84
CA TYR J 54 0.25 33.79 -30.73
C TYR J 54 1.76 33.69 -30.49
N ILE J 55 2.61 34.10 -31.43
CA ILE J 55 4.03 33.76 -31.38
C ILE J 55 4.86 34.92 -30.88
N SER J 56 5.82 34.61 -30.02
CA SER J 56 6.81 35.51 -29.46
C SER J 56 8.19 35.10 -29.97
N SER J 57 9.19 35.90 -29.63
CA SER J 57 10.55 35.59 -30.05
C SER J 57 11.51 36.12 -29.01
N ARG J 58 12.43 35.27 -28.56
CA ARG J 58 13.56 35.70 -27.76
C ARG J 58 14.84 35.44 -28.56
N MET J 59 15.97 35.53 -27.88
CA MET J 59 17.26 35.33 -28.52
C MET J 59 17.93 34.15 -27.80
N ALA J 60 17.85 32.98 -28.43
CA ALA J 60 18.28 31.74 -27.81
C ALA J 60 19.78 31.74 -27.54
N GLY J 61 20.19 30.95 -26.55
CA GLY J 61 21.58 30.84 -26.22
C GLY J 61 22.41 30.23 -27.35
N GLY J 62 23.20 31.07 -28.04
CA GLY J 62 24.04 30.59 -29.11
C GLY J 62 23.39 30.42 -30.47
N GLY J 63 22.13 30.85 -30.66
CA GLY J 63 21.43 30.62 -31.91
C GLY J 63 20.44 31.72 -32.24
N GLN J 64 19.75 31.52 -33.37
CA GLN J 64 18.96 32.55 -34.01
C GLN J 64 17.63 32.75 -33.29
N LYS J 65 16.70 33.45 -33.96
CA LYS J 65 15.39 33.71 -33.39
C LYS J 65 14.67 32.41 -33.09
N VAL J 66 14.10 32.31 -31.88
CA VAL J 66 13.38 31.13 -31.43
C VAL J 66 11.93 31.54 -31.19
N CYS J 67 11.00 30.80 -31.79
CA CYS J 67 9.58 31.07 -31.63
C CYS J 67 8.99 30.21 -30.51
N TYR J 68 8.04 30.79 -29.78
CA TYR J 68 7.36 30.07 -28.70
C TYR J 68 6.02 30.76 -28.45
N ILE J 69 5.19 30.13 -27.62
CA ILE J 69 3.90 30.69 -27.24
C ILE J 69 3.93 30.97 -25.74
N GLU J 70 3.44 32.13 -25.35
CA GLU J 70 3.40 32.47 -23.94
C GLU J 70 2.32 31.67 -23.22
N GLY J 71 2.58 31.39 -21.94
CA GLY J 71 1.75 30.48 -21.17
C GLY J 71 0.29 30.82 -21.17
N HIS J 72 -0.05 32.10 -20.92
CA HIS J 72 -1.45 32.46 -20.77
C HIS J 72 -2.24 32.19 -22.05
N ARG J 73 -1.58 32.26 -23.20
CA ARG J 73 -2.27 31.93 -24.44
C ARG J 73 -2.58 30.43 -24.50
N VAL J 74 -1.62 29.60 -24.11
CA VAL J 74 -1.89 28.16 -24.07
C VAL J 74 -3.06 27.89 -23.14
N ILE J 75 -3.08 28.58 -22.01
CA ILE J 75 -4.16 28.39 -21.04
C ILE J 75 -5.50 28.73 -21.68
N ASN J 76 -5.59 29.91 -22.29
CA ASN J 76 -6.87 30.32 -22.88
C ASN J 76 -7.22 29.44 -24.07
N LEU J 77 -6.22 29.04 -24.87
CA LEU J 77 -6.51 28.06 -25.90
C LEU J 77 -7.16 26.83 -25.31
N ALA J 78 -6.53 26.25 -24.27
CA ALA J 78 -7.07 25.04 -23.68
C ALA J 78 -8.43 25.31 -23.08
N ASN J 79 -8.56 26.42 -22.36
CA ASN J 79 -9.83 26.73 -21.72
C ASN J 79 -10.92 26.89 -22.75
N GLU J 80 -10.60 27.48 -23.89
CA GLU J 80 -11.60 27.58 -24.94
C GLU J 80 -11.77 26.26 -25.67
N MET J 81 -10.68 25.54 -25.93
CA MET J 81 -10.80 24.29 -26.66
C MET J 81 -11.64 23.28 -25.90
N PHE J 82 -11.38 23.10 -24.60
CA PHE J 82 -11.98 22.00 -23.84
C PHE J 82 -12.98 22.46 -22.79
N GLY J 83 -13.06 23.74 -22.52
CA GLY J 83 -13.82 24.19 -21.37
C GLY J 83 -12.96 24.32 -20.14
N TYR J 84 -13.36 25.25 -19.26
CA TYR J 84 -12.61 25.52 -18.03
C TYR J 84 -12.53 24.26 -17.16
N ASN J 85 -13.52 23.38 -17.25
CA ASN J 85 -13.56 22.14 -16.50
C ASN J 85 -13.31 20.92 -17.41
N GLY J 86 -12.75 21.12 -18.59
CA GLY J 86 -12.62 20.03 -19.52
C GLY J 86 -11.23 19.45 -19.56
N TRP J 87 -10.27 20.18 -19.01
CA TRP J 87 -8.89 19.74 -18.99
C TRP J 87 -8.30 20.06 -17.63
N ALA J 88 -7.20 19.40 -17.30
CA ALA J 88 -6.62 19.53 -15.97
C ALA J 88 -5.13 19.24 -16.07
N HIS J 89 -4.39 19.68 -15.07
CA HIS J 89 -2.98 19.32 -15.03
C HIS J 89 -2.45 19.25 -13.60
N SER J 90 -1.45 18.40 -13.42
CA SER J 90 -0.77 18.19 -12.15
C SER J 90 0.72 18.10 -12.40
N ILE J 91 1.50 18.31 -11.35
CA ILE J 91 2.95 18.21 -11.42
C ILE J 91 3.33 16.86 -10.84
N THR J 92 3.68 15.92 -11.71
CA THR J 92 4.09 14.60 -11.22
C THR J 92 5.33 14.70 -10.36
N GLN J 93 6.27 15.56 -10.74
CA GLN J 93 7.51 15.68 -9.97
C GLN J 93 8.26 16.92 -10.46
N GLN J 94 8.98 17.55 -9.55
CA GLN J 94 9.89 18.64 -9.88
C GLN J 94 11.20 18.40 -9.15
N ASN J 95 12.30 18.43 -9.87
CA ASN J 95 13.59 18.18 -9.26
C ASN J 95 14.51 19.37 -9.51
N VAL J 96 15.24 19.75 -8.47
CA VAL J 96 16.24 20.80 -8.60
C VAL J 96 17.55 20.12 -9.00
N ASP J 97 17.96 20.29 -10.26
CA ASP J 97 19.19 19.64 -10.72
C ASP J 97 20.43 20.24 -10.07
N PHE J 98 20.47 21.55 -9.85
CA PHE J 98 21.67 22.14 -9.25
C PHE J 98 21.43 23.60 -8.89
N VAL J 99 22.14 24.05 -7.85
CA VAL J 99 22.32 25.47 -7.56
C VAL J 99 23.83 25.71 -7.42
N ASP J 100 24.41 26.40 -8.40
CA ASP J 100 25.85 26.64 -8.47
C ASP J 100 26.15 28.12 -8.25
N LEU J 101 27.17 28.41 -7.43
CA LEU J 101 27.61 29.77 -7.20
C LEU J 101 28.94 29.98 -7.92
N ASN J 102 28.90 30.72 -9.03
CA ASN J 102 30.11 31.04 -9.79
C ASN J 102 30.08 32.51 -10.15
N ASN J 103 31.06 33.26 -9.66
CA ASN J 103 31.23 34.69 -9.90
C ASN J 103 30.05 35.48 -9.33
N GLY J 104 29.68 35.14 -8.08
CA GLY J 104 28.65 35.81 -7.32
C GLY J 104 27.26 35.71 -7.92
N ALA J 105 27.13 34.92 -8.98
CA ALA J 105 25.88 34.73 -9.69
C ALA J 105 25.47 33.27 -9.59
N PHE J 106 24.17 33.03 -9.50
CA PHE J 106 23.66 31.70 -9.27
C PHE J 106 23.20 31.11 -10.58
N TYR J 107 23.51 29.83 -10.77
CA TYR J 107 23.09 29.09 -11.95
C TYR J 107 22.25 27.91 -11.48
N VAL J 108 21.01 27.86 -11.96
CA VAL J 108 20.01 26.91 -11.49
C VAL J 108 19.33 26.26 -12.68
N GLY J 109 19.23 24.94 -12.65
CA GLY J 109 18.42 24.20 -13.61
C GLY J 109 17.36 23.39 -12.88
N VAL J 110 16.14 23.42 -13.39
CA VAL J 110 15.04 22.74 -12.75
C VAL J 110 14.19 22.07 -13.82
N CYS J 111 13.83 20.81 -13.58
CA CYS J 111 12.87 20.12 -14.43
C CYS J 111 11.57 19.89 -13.68
N ALA J 112 10.52 19.75 -14.46
CA ALA J 112 9.19 19.44 -13.96
C ALA J 112 8.55 18.45 -14.92
N PHE J 113 7.80 17.52 -14.38
CA PHE J 113 7.02 16.60 -15.19
C PHE J 113 5.56 16.93 -14.98
N VAL J 114 4.87 17.30 -16.06
CA VAL J 114 3.53 17.85 -15.98
C VAL J 114 2.63 16.97 -16.81
N ARG J 115 1.56 16.50 -16.21
CA ARG J 115 0.61 15.60 -16.87
C ARG J 115 -0.70 16.35 -17.06
N VAL J 116 -1.15 16.42 -18.32
CA VAL J 116 -2.41 17.07 -18.64
C VAL J 116 -3.44 15.98 -18.89
N GLN J 117 -4.64 16.16 -18.36
CA GLN J 117 -5.70 15.18 -18.51
C GLN J 117 -6.99 15.88 -18.94
N LEU J 118 -7.75 15.20 -19.79
CA LEU J 118 -9.06 15.68 -20.21
C LEU J 118 -10.18 14.95 -19.48
N LYS J 119 -11.39 15.49 -19.64
CA LYS J 119 -12.55 15.04 -18.87
C LYS J 119 -12.87 13.58 -19.09
N ASP J 120 -12.38 12.97 -20.17
CA ASP J 120 -12.69 11.57 -20.41
C ASP J 120 -11.59 10.62 -19.97
N GLY J 121 -10.50 11.14 -19.40
CA GLY J 121 -9.41 10.35 -18.91
C GLY J 121 -8.20 10.30 -19.82
N SER J 122 -8.35 10.72 -21.08
CA SER J 122 -7.21 10.79 -21.98
C SER J 122 -6.18 11.77 -21.44
N TYR J 123 -4.90 11.53 -21.76
CA TYR J 123 -3.88 12.30 -21.05
C TYR J 123 -2.59 12.34 -21.84
N HIS J 124 -1.76 13.32 -21.53
CA HIS J 124 -0.40 13.41 -22.04
C HIS J 124 0.46 14.05 -20.96
N GLU J 125 1.68 13.56 -20.86
CA GLU J 125 2.66 14.03 -19.90
C GLU J 125 3.95 14.31 -20.62
N ASP J 126 4.67 15.33 -20.18
CA ASP J 126 5.95 15.69 -20.78
C ASP J 126 6.80 16.35 -19.73
N VAL J 127 8.05 16.60 -20.07
CA VAL J 127 8.97 17.28 -19.18
C VAL J 127 9.09 18.75 -19.60
N GLY J 128 9.24 19.63 -18.62
CA GLY J 128 9.55 21.02 -18.90
C GLY J 128 10.80 21.38 -18.14
N TYR J 129 11.52 22.42 -18.55
CA TYR J 129 12.76 22.77 -17.89
C TYR J 129 12.76 24.25 -17.57
N GLY J 130 13.47 24.59 -16.51
CA GLY J 130 13.53 25.97 -16.08
C GLY J 130 14.96 26.35 -15.75
N VAL J 131 15.37 27.55 -16.18
CA VAL J 131 16.77 27.94 -16.10
C VAL J 131 16.82 29.36 -15.56
N SER J 132 17.76 29.61 -14.65
CA SER J 132 18.12 30.96 -14.28
C SER J 132 19.63 31.02 -14.16
N GLU J 133 20.26 31.86 -14.99
CA GLU J 133 21.72 31.99 -14.99
C GLU J 133 22.09 33.45 -14.85
N GLY J 134 22.97 33.74 -13.90
CA GLY J 134 23.56 35.06 -13.77
C GLY J 134 22.93 36.00 -12.77
N LEU J 135 21.76 35.69 -12.23
CA LEU J 135 21.18 36.58 -11.23
C LEU J 135 21.97 36.42 -9.93
N ALA J 136 21.96 37.45 -9.10
CA ALA J 136 22.69 37.41 -7.84
C ALA J 136 21.83 36.95 -6.66
N SER J 137 20.52 36.91 -6.84
CA SER J 137 19.59 36.41 -5.83
C SER J 137 19.46 34.90 -5.98
N LYS J 138 19.88 34.15 -4.95
CA LYS J 138 19.60 32.71 -4.99
C LYS J 138 18.10 32.48 -4.99
N ALA J 139 17.38 33.29 -4.21
CA ALA J 139 15.93 33.14 -4.14
C ALA J 139 15.31 33.32 -5.51
N LEU J 140 15.60 34.46 -6.16
CA LEU J 140 14.96 34.73 -7.45
C LEU J 140 15.40 33.76 -8.52
N SER J 141 16.62 33.23 -8.40
CA SER J 141 17.06 32.19 -9.31
C SER J 141 16.19 30.94 -9.17
N LEU J 142 16.06 30.44 -7.94
CA LEU J 142 15.24 29.25 -7.70
C LEU J 142 13.80 29.51 -8.11
N GLU J 143 13.26 30.67 -7.77
CA GLU J 143 11.89 31.01 -8.15
C GLU J 143 11.68 30.97 -9.66
N LYS J 144 12.57 31.60 -10.42
CA LYS J 144 12.40 31.63 -11.87
C LYS J 144 12.45 30.23 -12.46
N ALA J 145 13.47 29.47 -12.09
CA ALA J 145 13.64 28.14 -12.67
C ALA J 145 12.48 27.21 -12.31
N ARG J 146 12.08 27.20 -11.02
CA ARG J 146 10.96 26.34 -10.62
C ARG J 146 9.69 26.72 -11.36
N LYS J 147 9.42 28.01 -11.48
CA LYS J 147 8.17 28.46 -12.09
C LYS J 147 8.21 28.25 -13.60
N GLU J 148 9.36 28.45 -14.23
CA GLU J 148 9.43 28.24 -15.68
C GLU J 148 9.44 26.77 -16.05
N ALA J 149 10.04 25.92 -15.22
CA ALA J 149 9.97 24.49 -15.48
C ALA J 149 8.52 24.02 -15.56
N VAL J 150 7.66 24.51 -14.66
CA VAL J 150 6.28 24.05 -14.64
C VAL J 150 5.55 24.50 -15.91
N THR J 151 5.59 25.81 -16.21
CA THR J 151 4.90 26.32 -17.40
C THR J 151 5.40 25.64 -18.66
N ASP J 152 6.72 25.47 -18.78
CA ASP J 152 7.27 24.77 -19.92
C ASP J 152 6.69 23.37 -20.06
N GLY J 153 6.59 22.64 -18.95
CA GLY J 153 6.04 21.29 -19.02
C GLY J 153 4.57 21.26 -19.39
N LEU J 154 3.80 22.22 -18.85
CA LEU J 154 2.40 22.32 -19.21
C LEU J 154 2.22 22.59 -20.70
N LYS J 155 3.04 23.48 -21.28
CA LYS J 155 2.90 23.76 -22.70
C LYS J 155 3.22 22.53 -23.52
N ARG J 156 4.36 21.89 -23.23
CA ARG J 156 4.78 20.73 -24.03
C ARG J 156 3.79 19.60 -23.90
N ALA J 157 3.19 19.45 -22.72
CA ALA J 157 2.18 18.42 -22.58
C ALA J 157 0.96 18.77 -23.42
N LEU J 158 0.57 20.04 -23.40
CA LEU J 158 -0.61 20.45 -24.16
C LEU J 158 -0.40 20.33 -25.66
N ARG J 159 0.82 20.66 -26.15
CA ARG J 159 1.18 20.46 -27.55
C ARG J 159 0.69 19.13 -28.11
N SER J 160 1.03 18.04 -27.42
CA SER J 160 0.68 16.69 -27.84
C SER J 160 -0.78 16.53 -28.24
N PHE J 161 -1.64 17.46 -27.85
CA PHE J 161 -3.04 17.29 -28.24
C PHE J 161 -3.32 17.72 -29.67
N GLY J 162 -2.46 18.54 -30.27
CA GLY J 162 -2.62 18.90 -31.66
C GLY J 162 -2.10 20.31 -31.96
N ASN J 163 -2.20 20.68 -33.23
CA ASN J 163 -1.65 21.96 -33.72
C ASN J 163 -2.25 23.16 -33.00
N ALA J 164 -3.56 23.15 -32.79
CA ALA J 164 -4.23 24.32 -32.24
C ALA J 164 -3.78 24.66 -30.82
N LEU J 165 -3.16 23.73 -30.10
CA LEU J 165 -2.67 24.00 -28.76
C LEU J 165 -1.16 24.15 -28.73
N GLY J 166 -0.52 24.27 -29.89
CA GLY J 166 0.91 24.51 -29.98
C GLY J 166 1.70 23.46 -30.73
N ASN J 167 1.11 22.38 -31.27
CA ASN J 167 1.96 21.41 -31.96
C ASN J 167 2.55 21.95 -33.26
N CYS J 168 1.95 22.99 -33.84
CA CYS J 168 2.48 23.56 -35.06
C CYS J 168 3.77 24.32 -34.85
N ILE J 169 4.08 24.73 -33.61
CA ILE J 169 5.17 25.66 -33.38
C ILE J 169 6.51 25.12 -33.85
N LEU J 170 6.67 23.80 -33.92
CA LEU J 170 7.95 23.21 -34.28
C LEU J 170 8.06 22.82 -35.76
N ASP J 171 6.98 22.92 -36.52
CA ASP J 171 7.00 22.61 -37.95
C ASP J 171 7.79 23.70 -38.66
N LYS J 172 9.07 23.45 -38.92
CA LYS J 172 9.96 24.49 -39.46
C LYS J 172 9.42 25.07 -40.76
N ASP J 173 8.50 24.36 -41.42
CA ASP J 173 7.85 24.89 -42.62
C ASP J 173 6.82 25.94 -42.25
N TYR J 174 6.04 25.66 -41.20
CA TYR J 174 5.10 26.63 -40.66
C TYR J 174 5.80 27.91 -40.23
N LEU J 175 7.00 27.78 -39.66
CA LEU J 175 7.72 28.95 -39.16
C LEU J 175 8.19 29.84 -40.30
N ARG J 176 8.67 29.25 -41.40
CA ARG J 176 9.15 30.05 -42.52
C ARG J 176 7.99 30.80 -43.18
N SER J 177 6.89 30.09 -43.42
CA SER J 177 5.68 30.73 -43.92
C SER J 177 5.18 31.81 -42.98
N LEU J 178 5.44 31.67 -41.68
CA LEU J 178 5.02 32.70 -40.73
C LEU J 178 5.76 34.01 -40.95
N ASN J 179 7.06 33.94 -41.25
CA ASN J 179 7.80 35.18 -41.50
C ASN J 179 7.37 35.89 -42.77
N LYS J 180 6.67 35.21 -43.69
CA LYS J 180 6.29 35.81 -44.95
C LYS J 180 5.00 36.65 -44.85
N LEU J 181 4.50 36.94 -43.61
CA LEU J 181 3.36 37.78 -43.31
C LEU J 181 3.81 39.13 -42.76
N PRO J 182 3.06 40.18 -43.10
CA PRO J 182 3.36 41.50 -42.55
C PRO J 182 3.41 41.47 -41.03
N ARG J 183 4.33 42.26 -40.46
CA ARG J 183 4.42 42.37 -39.01
C ARG J 183 3.10 42.86 -38.43
N GLN J 184 2.59 42.16 -37.44
CA GLN J 184 1.40 42.60 -36.73
C GLN J 184 1.76 43.63 -35.67
N LEU J 185 0.81 44.55 -35.40
CA LEU J 185 0.97 45.56 -34.36
C LEU J 185 0.24 45.13 -33.09
N PRO J 186 0.74 45.55 -31.91
CA PRO J 186 0.06 45.20 -30.64
C PRO J 186 -1.41 45.57 -30.64
N LEU J 187 -2.28 44.56 -30.64
CA LEU J 187 -3.72 44.78 -30.59
C LEU J 187 -4.12 45.29 -29.21
N GLU J 188 -4.56 46.54 -29.16
CA GLU J 188 -5.09 47.09 -27.91
C GLU J 188 -6.35 46.36 -27.47
N VAL J 189 -6.37 46.00 -26.20
CA VAL J 189 -7.48 45.27 -25.59
C VAL J 189 -8.43 46.29 -24.99
N ASP J 190 -9.72 46.09 -25.23
CA ASP J 190 -10.75 47.05 -24.81
C ASP J 190 -11.22 46.63 -23.42
N LEU J 191 -10.77 47.35 -22.40
CA LEU J 191 -11.07 47.02 -21.02
C LEU J 191 -12.43 47.53 -20.57
N THR J 192 -13.34 47.87 -21.48
CA THR J 192 -14.61 48.45 -21.04
C THR J 192 -15.46 47.41 -20.30
N LYS J 193 -15.76 46.28 -20.93
CA LYS J 193 -16.66 45.33 -20.29
C LYS J 193 -15.91 44.46 -19.27
N ALA J 194 -14.82 45.00 -18.72
CA ALA J 194 -14.09 44.36 -17.64
C ALA J 194 -15.02 43.98 -16.48
N LYS J 195 -14.66 42.90 -15.79
CA LYS J 195 -15.40 42.42 -14.63
C LYS J 195 -15.40 43.47 -13.52
N ARG J 196 -16.59 43.88 -13.07
CA ARG J 196 -16.63 45.03 -12.18
C ARG J 196 -16.60 44.59 -10.71
N GLN J 197 -17.54 43.76 -10.31
CA GLN J 197 -17.57 43.26 -8.94
C GLN J 197 -17.22 41.78 -8.93
N ASP J 198 -16.83 41.29 -7.74
CA ASP J 198 -16.73 39.84 -7.57
C ASP J 198 -18.00 39.15 -8.04
N LEU J 199 -19.17 39.73 -7.76
CA LEU J 199 -20.43 39.04 -7.98
C LEU J 199 -20.64 38.67 -9.45
N GLU J 200 -21.23 37.49 -9.65
CA GLU J 200 -21.54 36.97 -10.99
C GLU J 200 -22.99 36.50 -10.94
N PRO J 201 -23.95 37.40 -11.19
CA PRO J 201 -25.36 37.05 -10.98
C PRO J 201 -25.84 35.89 -11.84
N SER J 202 -25.46 35.81 -13.11
CA SER J 202 -25.92 34.70 -13.93
C SER J 202 -25.42 33.38 -13.36
N VAL J 203 -24.16 33.37 -12.90
CA VAL J 203 -23.61 32.16 -12.29
C VAL J 203 -24.40 31.79 -11.04
N GLU J 204 -24.67 32.78 -10.18
CA GLU J 204 -25.36 32.49 -8.93
C GLU J 204 -26.74 31.91 -9.17
N ALA J 205 -27.45 32.44 -10.17
CA ALA J 205 -28.74 31.89 -10.53
C ALA J 205 -28.58 30.44 -10.96
N ALA J 206 -27.65 30.20 -11.89
CA ALA J 206 -27.44 28.85 -12.39
C ALA J 206 -27.02 27.91 -11.27
N ARG J 207 -26.18 28.40 -10.36
CA ARG J 207 -25.69 27.54 -9.29
C ARG J 207 -26.80 27.21 -8.31
N TYR J 208 -27.69 28.17 -8.05
CA TYR J 208 -28.79 27.93 -7.14
C TYR J 208 -29.67 26.80 -7.66
N ASN J 209 -30.06 26.87 -8.93
CA ASN J 209 -30.99 25.90 -9.48
C ASN J 209 -30.33 24.56 -9.74
N SER J 210 -29.01 24.46 -9.61
CA SER J 210 -28.34 23.17 -9.72
C SER J 210 -28.53 22.30 -8.48
N CYS J 211 -28.97 22.87 -7.36
CA CYS J 211 -29.18 22.10 -6.14
C CYS J 211 -30.56 21.44 -6.13
N CYS K 28 -21.38 14.46 -4.12
CA CYS K 28 -20.53 15.20 -3.18
C CYS K 28 -19.28 15.78 -3.89
N PHE K 29 -18.42 16.47 -3.14
CA PHE K 29 -17.30 17.17 -3.76
C PHE K 29 -16.40 16.18 -4.48
N GLY K 30 -15.98 16.55 -5.70
CA GLY K 30 -15.24 15.69 -6.59
C GLY K 30 -16.10 14.86 -7.52
N GLN K 31 -17.37 14.70 -7.20
CA GLN K 31 -18.28 13.91 -8.00
C GLN K 31 -19.50 14.67 -8.51
N CYS K 32 -19.60 15.97 -8.25
CA CYS K 32 -20.77 16.76 -8.64
C CYS K 32 -20.52 17.29 -10.04
N GLN K 33 -21.29 16.80 -11.02
CA GLN K 33 -21.11 17.28 -12.39
C GLN K 33 -21.87 18.58 -12.61
N TYR K 34 -21.25 19.48 -13.38
CA TYR K 34 -21.87 20.78 -13.66
C TYR K 34 -23.12 20.62 -14.52
N THR K 35 -24.17 21.34 -14.17
CA THR K 35 -25.28 21.46 -15.11
C THR K 35 -24.85 22.33 -16.29
N ALA K 36 -25.52 22.12 -17.42
CA ALA K 36 -25.28 22.98 -18.58
C ALA K 36 -25.56 24.45 -18.23
N GLU K 37 -26.66 24.69 -17.50
CA GLU K 37 -27.00 26.05 -17.10
C GLU K 37 -25.92 26.66 -16.23
N GLU K 38 -25.21 25.86 -15.44
CA GLU K 38 -24.11 26.40 -14.64
C GLU K 38 -22.80 26.41 -15.39
N TYR K 39 -22.51 25.34 -16.15
CA TYR K 39 -21.28 25.29 -16.91
C TYR K 39 -21.11 26.53 -17.79
N GLN K 40 -22.14 26.88 -18.57
CA GLN K 40 -21.98 27.92 -19.58
C GLN K 40 -21.74 29.29 -18.94
N ALA K 41 -22.49 29.61 -17.88
CA ALA K 41 -22.31 30.90 -17.20
C ALA K 41 -20.86 31.09 -16.73
N ILE K 42 -20.27 30.05 -16.12
CA ILE K 42 -18.91 30.16 -15.62
C ILE K 42 -17.92 30.25 -16.77
N GLN K 43 -18.16 29.49 -17.85
CA GLN K 43 -17.29 29.53 -19.01
C GLN K 43 -17.15 30.95 -19.53
N LYS K 44 -18.28 31.62 -19.77
CA LYS K 44 -18.27 33.03 -20.16
C LYS K 44 -17.56 33.87 -19.11
N ALA K 45 -18.05 33.83 -17.88
CA ALA K 45 -17.53 34.70 -16.82
C ALA K 45 -16.01 34.59 -16.70
N LEU K 46 -15.45 33.38 -16.90
CA LEU K 46 -14.01 33.25 -16.76
C LEU K 46 -13.24 33.94 -17.88
N ARG K 47 -13.87 34.16 -19.03
CA ARG K 47 -13.18 34.91 -20.09
C ARG K 47 -12.91 36.35 -19.68
N GLN K 48 -13.77 36.94 -18.84
CA GLN K 48 -13.67 38.35 -18.53
C GLN K 48 -12.28 38.72 -18.02
N ARG K 49 -11.79 39.86 -18.47
CA ARG K 49 -10.57 40.42 -17.92
C ARG K 49 -10.91 41.22 -16.67
N LEU K 50 -9.92 41.45 -15.81
CA LEU K 50 -10.16 42.16 -14.57
C LEU K 50 -9.84 43.64 -14.73
N GLY K 51 -10.73 44.47 -14.18
CA GLY K 51 -10.55 45.91 -14.14
C GLY K 51 -9.53 46.31 -13.12
N PRO K 52 -9.21 47.61 -13.07
CA PRO K 52 -8.14 48.09 -12.17
C PRO K 52 -8.47 47.96 -10.69
N GLU K 53 -9.74 47.69 -10.33
CA GLU K 53 -10.07 47.44 -8.94
C GLU K 53 -9.29 46.25 -8.38
N TYR K 54 -8.92 45.30 -9.23
CA TYR K 54 -8.28 44.06 -8.79
C TYR K 54 -6.76 44.11 -8.77
N ILE K 55 -6.13 45.09 -9.42
CA ILE K 55 -4.70 45.04 -9.72
C ILE K 55 -3.92 45.94 -8.78
N SER K 56 -2.82 45.42 -8.25
CA SER K 56 -1.85 46.14 -7.45
C SER K 56 -0.50 46.13 -8.14
N SER K 57 0.47 46.85 -7.58
CA SER K 57 1.82 46.90 -8.11
C SER K 57 2.80 47.15 -6.97
N ARG K 58 4.07 46.81 -7.22
CA ARG K 58 5.15 47.13 -6.30
C ARG K 58 6.44 47.23 -7.11
N MET K 59 7.51 47.67 -6.44
CA MET K 59 8.81 47.84 -7.08
C MET K 59 9.57 46.52 -6.99
N ALA K 60 9.76 45.88 -8.14
CA ALA K 60 10.59 44.69 -8.19
C ALA K 60 12.04 45.06 -7.88
N GLY K 61 12.80 44.09 -7.37
CA GLY K 61 14.18 44.30 -7.03
C GLY K 61 15.06 44.66 -8.21
N GLY K 62 15.46 45.92 -8.31
CA GLY K 62 16.31 46.36 -9.39
C GLY K 62 15.61 46.65 -10.70
N GLY K 63 14.29 46.58 -10.76
CA GLY K 63 13.62 46.72 -12.04
C GLY K 63 12.22 47.33 -11.99
N GLN K 64 11.41 46.90 -12.96
CA GLN K 64 10.20 47.60 -13.38
C GLN K 64 9.04 47.38 -12.40
N LYS K 65 7.98 48.18 -12.57
CA LYS K 65 6.69 47.94 -11.93
C LYS K 65 6.12 46.59 -12.33
N VAL K 66 5.89 45.71 -11.35
CA VAL K 66 5.26 44.41 -11.56
C VAL K 66 3.87 44.46 -10.95
N CYS K 67 2.86 44.11 -11.75
CA CYS K 67 1.48 44.06 -11.31
C CYS K 67 1.11 42.67 -10.81
N TYR K 68 0.21 42.64 -9.83
CA TYR K 68 -0.22 41.40 -9.22
C TYR K 68 -1.60 41.59 -8.65
N ILE K 69 -2.23 40.49 -8.25
CA ILE K 69 -3.53 40.50 -7.58
C ILE K 69 -3.29 39.99 -6.18
N GLU K 70 -3.87 40.65 -5.20
CA GLU K 70 -3.66 40.22 -3.82
C GLU K 70 -4.45 38.95 -3.51
N GLY K 71 -3.87 38.16 -2.59
CA GLY K 71 -4.43 36.86 -2.27
C GLY K 71 -5.90 36.92 -1.91
N HIS K 72 -6.27 37.91 -1.08
CA HIS K 72 -7.65 37.96 -0.61
C HIS K 72 -8.63 38.21 -1.75
N ARG K 73 -8.18 38.86 -2.83
CA ARG K 73 -9.09 39.06 -3.94
C ARG K 73 -9.22 37.80 -4.77
N VAL K 74 -8.11 37.11 -5.02
CA VAL K 74 -8.20 35.85 -5.74
C VAL K 74 -9.14 34.91 -5.01
N ILE K 75 -9.04 34.87 -3.68
CA ILE K 75 -9.91 33.99 -2.90
C ILE K 75 -11.38 34.34 -3.14
N ASN K 76 -11.73 35.63 -3.02
CA ASN K 76 -13.10 36.06 -3.23
C ASN K 76 -13.57 35.88 -4.67
N LEU K 77 -12.68 36.12 -5.64
CA LEU K 77 -13.02 35.75 -7.01
C LEU K 77 -13.42 34.28 -7.10
N ALA K 78 -12.57 33.39 -6.56
CA ALA K 78 -12.86 31.96 -6.67
C ALA K 78 -14.16 31.65 -5.94
N ASN K 79 -14.35 32.24 -4.78
CA ASN K 79 -15.59 32.01 -4.05
C ASN K 79 -16.80 32.46 -4.85
N GLU K 80 -16.68 33.58 -5.58
CA GLU K 80 -17.81 34.04 -6.39
C GLU K 80 -17.94 33.24 -7.68
N MET K 81 -16.82 32.91 -8.34
CA MET K 81 -16.92 32.13 -9.57
C MET K 81 -17.52 30.76 -9.30
N PHE K 82 -17.04 30.08 -8.27
CA PHE K 82 -17.40 28.69 -8.08
C PHE K 82 -18.31 28.45 -6.89
N GLY K 83 -18.54 29.44 -6.06
CA GLY K 83 -19.22 29.07 -4.82
C GLY K 83 -18.23 28.70 -3.74
N TYR K 84 -18.64 28.95 -2.50
CA TYR K 84 -17.75 28.65 -1.38
C TYR K 84 -17.42 27.15 -1.35
N ASN K 85 -18.34 26.31 -1.81
CA ASN K 85 -18.13 24.86 -1.77
C ASN K 85 -17.87 24.28 -3.15
N GLY K 86 -17.49 25.12 -4.11
CA GLY K 86 -17.31 24.70 -5.48
C GLY K 86 -15.87 24.48 -5.86
N TRP K 87 -14.94 25.00 -5.06
CA TRP K 87 -13.51 24.85 -5.33
C TRP K 87 -12.79 24.54 -4.03
N ALA K 88 -11.57 24.04 -4.17
CA ALA K 88 -10.82 23.55 -3.03
C ALA K 88 -9.35 23.60 -3.38
N HIS K 89 -8.50 23.60 -2.36
CA HIS K 89 -7.09 23.54 -2.65
C HIS K 89 -6.38 22.82 -1.53
N SER K 90 -5.27 22.20 -1.89
CA SER K 90 -4.43 21.46 -0.98
C SER K 90 -2.98 21.76 -1.28
N ILE K 91 -2.12 21.49 -0.30
CA ILE K 91 -0.68 21.67 -0.46
C ILE K 91 -0.09 20.29 -0.73
N THR K 92 0.25 20.03 -1.99
CA THR K 92 0.88 18.76 -2.32
C THR K 92 2.23 18.64 -1.63
N GLN K 93 3.01 19.72 -1.59
CA GLN K 93 4.32 19.68 -0.96
C GLN K 93 4.84 21.10 -0.80
N GLN K 94 5.63 21.30 0.25
CA GLN K 94 6.37 22.53 0.48
C GLN K 94 7.79 22.14 0.82
N ASN K 95 8.76 22.83 0.23
CA ASN K 95 10.15 22.55 0.54
C ASN K 95 10.86 23.86 0.82
N VAL K 96 11.58 23.92 1.93
CA VAL K 96 12.48 25.04 2.23
C VAL K 96 13.74 24.85 1.41
N ASP K 97 13.94 25.70 0.39
CA ASP K 97 15.14 25.57 -0.45
C ASP K 97 16.41 25.96 0.30
N PHE K 98 16.35 26.98 1.16
CA PHE K 98 17.56 27.39 1.87
C PHE K 98 17.20 28.36 3.00
N VAL K 99 17.99 28.29 4.08
CA VAL K 99 18.02 29.29 5.14
C VAL K 99 19.47 29.70 5.32
N ASP K 100 19.81 30.90 4.86
CA ASP K 100 21.17 31.44 4.86
C ASP K 100 21.30 32.58 5.84
N LEU K 101 22.37 32.58 6.63
CA LEU K 101 22.67 33.65 7.58
C LEU K 101 23.86 34.45 7.09
N ASN K 102 23.63 35.72 6.73
CA ASN K 102 24.68 36.61 6.26
C ASN K 102 24.58 37.94 6.98
N ASN K 103 25.58 38.24 7.82
CA ASN K 103 25.70 39.53 8.49
C ASN K 103 24.47 39.82 9.37
N GLY K 104 24.12 38.83 10.20
CA GLY K 104 22.97 38.98 11.07
C GLY K 104 21.64 39.03 10.38
N ALA K 105 21.61 38.72 9.08
CA ALA K 105 20.39 38.67 8.29
C ALA K 105 20.19 37.28 7.68
N PHE K 106 18.93 36.88 7.58
CA PHE K 106 18.56 35.57 7.07
C PHE K 106 18.03 35.67 5.64
N TYR K 107 18.41 34.69 4.81
CA TYR K 107 17.90 34.56 3.46
C TYR K 107 17.19 33.22 3.33
N VAL K 108 15.90 33.26 3.01
CA VAL K 108 15.05 32.10 2.99
C VAL K 108 14.27 32.08 1.69
N GLY K 109 14.32 30.96 0.98
CA GLY K 109 13.47 30.71 -0.17
C GLY K 109 12.69 29.41 0.02
N VAL K 110 11.40 29.45 -0.29
CA VAL K 110 10.52 28.30 -0.08
C VAL K 110 9.59 28.16 -1.28
N CYS K 111 9.41 26.93 -1.73
CA CYS K 111 8.41 26.59 -2.74
C CYS K 111 7.25 25.80 -2.12
N ALA K 112 6.12 25.89 -2.76
CA ALA K 112 4.97 25.12 -2.36
C ALA K 112 4.29 24.64 -3.61
N PHE K 113 3.75 23.44 -3.58
CA PHE K 113 3.00 22.92 -4.71
C PHE K 113 1.55 22.88 -4.29
N VAL K 114 0.72 23.63 -5.00
CA VAL K 114 -0.66 23.88 -4.60
C VAL K 114 -1.55 23.34 -5.71
N ARG K 115 -2.49 22.50 -5.32
CA ARG K 115 -3.39 21.87 -6.27
C ARG K 115 -4.80 22.35 -5.99
N VAL K 116 -5.43 22.98 -6.97
CA VAL K 116 -6.80 23.45 -6.87
C VAL K 116 -7.68 22.49 -7.63
N GLN K 117 -8.83 22.15 -7.04
CA GLN K 117 -9.81 21.25 -7.64
C GLN K 117 -11.20 21.88 -7.57
N LEU K 118 -12.01 21.66 -8.61
CA LEU K 118 -13.41 22.08 -8.60
C LEU K 118 -14.30 20.91 -8.21
N LYS K 119 -15.56 21.22 -7.92
CA LYS K 119 -16.46 20.21 -7.38
C LYS K 119 -16.67 19.03 -8.31
N ASP K 120 -16.34 19.17 -9.59
CA ASP K 120 -16.54 18.05 -10.53
C ASP K 120 -15.28 17.23 -10.75
N GLY K 121 -14.18 17.55 -10.07
CA GLY K 121 -12.95 16.79 -10.17
C GLY K 121 -11.87 17.40 -11.04
N SER K 122 -12.20 18.38 -11.88
CA SER K 122 -11.17 19.06 -12.66
C SER K 122 -10.19 19.76 -11.73
N TYR K 123 -8.95 19.96 -12.18
CA TYR K 123 -7.94 20.41 -11.25
C TYR K 123 -6.79 21.09 -11.97
N HIS K 124 -6.06 21.92 -11.22
CA HIS K 124 -4.83 22.49 -11.71
C HIS K 124 -3.86 22.64 -10.56
N GLU K 125 -2.59 22.43 -10.87
CA GLU K 125 -1.55 22.51 -9.87
C GLU K 125 -0.44 23.36 -10.43
N ASP K 126 0.21 24.10 -9.54
CA ASP K 126 1.32 24.93 -9.92
C ASP K 126 2.22 25.09 -8.71
N VAL K 127 3.34 25.69 -8.93
CA VAL K 127 4.30 25.99 -7.89
C VAL K 127 4.19 27.47 -7.53
N GLY K 128 4.36 27.78 -6.26
CA GLY K 128 4.44 29.14 -5.77
C GLY K 128 5.76 29.28 -5.03
N TYR K 129 6.22 30.51 -4.84
CA TYR K 129 7.49 30.75 -4.16
C TYR K 129 7.34 31.84 -3.12
N GLY K 130 8.16 31.75 -2.07
CA GLY K 130 8.15 32.68 -0.95
C GLY K 130 9.55 33.06 -0.52
N VAL K 131 9.78 34.34 -0.20
CA VAL K 131 11.12 34.88 0.01
C VAL K 131 11.14 35.73 1.28
N SER K 132 12.21 35.64 2.05
CA SER K 132 12.46 36.58 3.13
C SER K 132 13.94 36.94 3.12
N GLU K 133 14.22 38.23 3.03
CA GLU K 133 15.57 38.76 2.97
C GLU K 133 15.75 39.85 4.02
N GLY K 134 16.82 39.73 4.81
CA GLY K 134 17.22 40.81 5.68
C GLY K 134 16.75 40.77 7.13
N LEU K 135 15.86 39.88 7.49
CA LEU K 135 15.44 39.85 8.89
C LEU K 135 16.47 39.18 9.78
N ALA K 136 16.46 39.58 11.05
CA ALA K 136 17.33 39.00 12.06
C ALA K 136 16.65 37.86 12.78
N SER K 137 15.33 37.76 12.68
CA SER K 137 14.56 36.64 13.21
C SER K 137 14.52 35.55 12.14
N LYS K 138 15.13 34.41 12.43
CA LYS K 138 14.97 33.26 11.54
C LYS K 138 13.51 32.82 11.53
N ALA K 139 12.88 32.84 12.70
CA ALA K 139 11.50 32.41 12.81
C ALA K 139 10.62 33.22 11.86
N LEU K 140 10.71 34.54 11.94
CA LEU K 140 9.84 35.38 11.14
C LEU K 140 10.21 35.30 9.66
N SER K 141 11.46 35.01 9.37
CA SER K 141 11.87 34.80 7.99
C SER K 141 11.16 33.59 7.38
N LEU K 142 11.23 32.44 8.07
CA LEU K 142 10.55 31.22 7.62
C LEU K 142 9.04 31.40 7.57
N GLU K 143 8.47 32.03 8.59
CA GLU K 143 7.02 32.27 8.58
C GLU K 143 6.60 33.02 7.33
N LYS K 144 7.35 34.07 6.98
CA LYS K 144 7.00 34.84 5.79
C LYS K 144 7.13 33.99 4.53
N ALA K 145 8.28 33.33 4.36
CA ALA K 145 8.51 32.58 3.13
C ALA K 145 7.51 31.43 2.97
N ARG K 146 7.28 30.66 4.04
CA ARG K 146 6.38 29.51 3.91
C ARG K 146 4.99 29.95 3.52
N LYS K 147 4.50 31.03 4.13
CA LYS K 147 3.13 31.47 3.87
C LYS K 147 3.02 32.07 2.49
N GLU K 148 3.99 32.89 2.10
CA GLU K 148 3.96 33.51 0.79
C GLU K 148 3.98 32.43 -0.29
N ALA K 149 4.82 31.40 -0.11
CA ALA K 149 4.88 30.33 -1.10
C ALA K 149 3.52 29.72 -1.32
N VAL K 150 2.77 29.45 -0.25
CA VAL K 150 1.46 28.84 -0.39
C VAL K 150 0.51 29.78 -1.12
N THR K 151 0.37 31.03 -0.64
CA THR K 151 -0.55 31.95 -1.32
C THR K 151 -0.16 32.16 -2.76
N ASP K 152 1.13 32.32 -3.04
CA ASP K 152 1.57 32.46 -4.42
C ASP K 152 1.14 31.25 -5.26
N GLY K 153 1.36 30.03 -4.74
CA GLY K 153 1.00 28.85 -5.50
C GLY K 153 -0.49 28.74 -5.72
N LEU K 154 -1.27 29.14 -4.71
CA LEU K 154 -2.71 29.12 -4.86
C LEU K 154 -3.14 30.01 -6.02
N LYS K 155 -2.56 31.21 -6.10
CA LYS K 155 -2.93 32.12 -7.17
C LYS K 155 -2.57 31.55 -8.54
N ARG K 156 -1.37 31.01 -8.66
CA ARG K 156 -0.96 30.48 -9.96
C ARG K 156 -1.88 29.34 -10.38
N ALA K 157 -2.33 28.53 -9.44
CA ALA K 157 -3.23 27.45 -9.81
C ALA K 157 -4.60 27.97 -10.23
N LEU K 158 -5.15 28.94 -9.50
CA LEU K 158 -6.49 29.40 -9.86
C LEU K 158 -6.49 30.07 -11.23
N ARG K 159 -5.44 30.82 -11.57
CA ARG K 159 -5.47 31.57 -12.84
C ARG K 159 -5.52 30.64 -14.07
N SER K 160 -5.02 29.40 -13.95
CA SER K 160 -5.17 28.44 -15.05
C SER K 160 -6.62 28.24 -15.47
N PHE K 161 -7.56 28.62 -14.63
CA PHE K 161 -8.96 28.50 -14.99
C PHE K 161 -9.46 29.64 -15.88
N GLY K 162 -8.72 30.73 -16.01
CA GLY K 162 -9.12 31.75 -16.96
C GLY K 162 -8.73 33.16 -16.55
N ASN K 163 -9.09 34.11 -17.43
CA ASN K 163 -8.73 35.50 -17.19
C ASN K 163 -9.29 36.00 -15.87
N ALA K 164 -10.55 35.66 -15.57
CA ALA K 164 -11.22 36.22 -14.41
C ALA K 164 -10.56 35.81 -13.09
N LEU K 165 -9.75 34.74 -13.06
CA LEU K 165 -9.08 34.35 -11.84
C LEU K 165 -7.62 34.71 -11.88
N GLY K 166 -7.23 35.58 -12.81
CA GLY K 166 -5.87 36.12 -12.85
C GLY K 166 -5.08 35.77 -14.10
N ASN K 167 -5.59 35.01 -15.06
CA ASN K 167 -4.78 34.69 -16.23
C ASN K 167 -4.50 35.90 -17.12
N CYS K 168 -5.31 36.97 -17.02
CA CYS K 168 -5.07 38.15 -17.84
C CYS K 168 -3.85 38.94 -17.40
N ILE K 169 -3.42 38.78 -16.14
CA ILE K 169 -2.37 39.62 -15.58
C ILE K 169 -1.07 39.55 -16.38
N LEU K 170 -0.85 38.46 -17.12
CA LEU K 170 0.41 38.31 -17.85
C LEU K 170 0.34 38.81 -19.28
N ASP K 171 -0.85 39.09 -19.80
CA ASP K 171 -0.98 39.59 -21.17
C ASP K 171 -0.50 41.04 -21.21
N LYS K 172 0.71 41.26 -21.73
CA LYS K 172 1.27 42.60 -21.64
C LYS K 172 0.58 43.61 -22.55
N ASP K 173 -0.33 43.17 -23.43
CA ASP K 173 -1.28 44.11 -24.03
C ASP K 173 -2.32 44.55 -23.00
N TYR K 174 -2.80 43.62 -22.18
CA TYR K 174 -3.72 43.98 -21.10
C TYR K 174 -3.07 44.99 -20.16
N LEU K 175 -1.79 44.79 -19.83
CA LEU K 175 -1.13 45.67 -18.87
C LEU K 175 -0.96 47.09 -19.44
N ARG K 176 -0.58 47.17 -20.72
CA ARG K 176 -0.49 48.49 -21.37
C ARG K 176 -1.86 49.15 -21.41
N SER K 177 -2.92 48.39 -21.67
CA SER K 177 -4.26 48.94 -21.63
C SER K 177 -4.67 49.34 -20.22
N LEU K 178 -4.13 48.66 -19.20
CA LEU K 178 -4.44 49.07 -17.83
C LEU K 178 -3.91 50.46 -17.54
N ASN K 179 -2.69 50.76 -17.99
CA ASN K 179 -2.13 52.09 -17.78
C ASN K 179 -2.89 53.16 -18.56
N LYS K 180 -3.92 52.78 -19.31
CA LYS K 180 -4.73 53.74 -20.05
C LYS K 180 -5.77 54.42 -19.16
N LEU K 181 -6.40 53.67 -18.25
CA LEU K 181 -7.41 54.28 -17.41
C LEU K 181 -6.77 55.18 -16.36
N PRO K 182 -7.36 56.33 -16.05
CA PRO K 182 -6.85 57.15 -14.96
C PRO K 182 -6.80 56.35 -13.66
N ARG K 183 -5.72 56.54 -12.91
CA ARG K 183 -5.51 55.79 -11.67
C ARG K 183 -6.72 55.93 -10.74
N GLN K 184 -7.19 54.79 -10.23
CA GLN K 184 -8.41 54.76 -9.44
C GLN K 184 -8.19 55.35 -8.04
N LEU K 185 -9.28 55.78 -7.46
CA LEU K 185 -9.26 56.06 -6.04
C LEU K 185 -9.53 54.74 -5.31
N PRO K 186 -8.93 54.55 -4.12
CA PRO K 186 -9.14 53.29 -3.42
C PRO K 186 -10.59 53.16 -2.99
N LEU K 187 -11.14 51.96 -3.16
CA LEU K 187 -12.51 51.73 -2.71
C LEU K 187 -12.58 51.87 -1.20
N GLU K 188 -13.73 52.34 -0.72
CA GLU K 188 -14.00 52.50 0.70
C GLU K 188 -14.91 51.39 1.16
N VAL K 189 -14.57 50.78 2.28
CA VAL K 189 -15.37 49.67 2.82
C VAL K 189 -16.39 50.24 3.79
N ASP K 190 -17.65 49.87 3.59
CA ASP K 190 -18.76 50.33 4.42
C ASP K 190 -19.03 49.24 5.45
N LEU K 191 -18.58 49.49 6.68
CA LEU K 191 -18.74 48.55 7.79
C LEU K 191 -20.06 48.71 8.54
N THR K 192 -21.04 49.39 7.93
CA THR K 192 -22.31 49.63 8.61
C THR K 192 -23.02 48.33 8.88
N LYS K 193 -23.00 47.42 7.92
CA LYS K 193 -23.63 46.11 8.04
C LYS K 193 -22.61 45.03 8.37
N ALA K 194 -21.57 45.35 9.12
CA ALA K 194 -20.56 44.35 9.46
C ALA K 194 -21.15 43.32 10.39
N LYS K 195 -20.74 42.07 10.22
CA LYS K 195 -21.18 41.02 11.12
C LYS K 195 -20.63 41.30 12.52
N ARG K 196 -21.50 41.19 13.53
CA ARG K 196 -21.14 41.53 14.90
C ARG K 196 -21.46 40.44 15.91
N GLN K 197 -22.10 39.35 15.49
CA GLN K 197 -22.38 38.20 16.34
C GLN K 197 -22.18 36.94 15.50
N ASP K 198 -21.80 35.84 16.17
CA ASP K 198 -21.53 34.59 15.48
C ASP K 198 -22.78 34.05 14.79
N LEU K 199 -23.92 34.22 15.43
CA LEU K 199 -25.16 33.61 14.97
C LEU K 199 -25.48 34.09 13.57
N GLU K 200 -26.02 33.18 12.75
CA GLU K 200 -26.47 33.50 11.40
C GLU K 200 -27.87 32.95 11.26
N PRO K 201 -28.90 33.72 11.64
CA PRO K 201 -30.26 33.15 11.64
C PRO K 201 -30.64 32.65 10.27
N SER K 202 -30.26 33.37 9.23
CA SER K 202 -30.59 32.94 7.88
C SER K 202 -30.00 31.58 7.57
N VAL K 203 -28.73 31.37 7.94
CA VAL K 203 -28.13 30.06 7.77
C VAL K 203 -28.80 29.03 8.67
N GLU K 204 -28.99 29.35 9.95
CA GLU K 204 -29.54 28.36 10.86
C GLU K 204 -30.96 27.98 10.43
N ALA K 205 -31.72 28.96 9.91
CA ALA K 205 -33.07 28.70 9.41
C ALA K 205 -33.06 27.69 8.26
N ALA K 206 -32.12 27.82 7.33
CA ALA K 206 -32.06 26.89 6.20
C ALA K 206 -31.88 25.46 6.68
N ARG K 207 -31.10 25.27 7.75
CA ARG K 207 -30.93 23.95 8.37
C ARG K 207 -32.15 23.52 9.18
N TYR K 208 -32.93 24.46 9.69
CA TYR K 208 -33.99 24.11 10.62
C TYR K 208 -35.02 23.17 10.03
N ASN K 209 -35.37 22.16 10.81
CA ASN K 209 -36.41 21.20 10.50
C ASN K 209 -37.42 21.24 11.63
N SER K 210 -38.68 21.50 11.30
CA SER K 210 -39.74 21.70 12.31
C SER K 210 -39.80 20.54 13.30
N CYS K 211 -39.56 19.31 12.83
CA CYS K 211 -39.73 18.10 13.63
C CYS K 211 -41.17 17.93 14.08
N ARG K 212 -42.14 18.43 13.32
CA ARG K 212 -43.49 18.28 13.83
C ARG K 212 -44.03 16.88 13.52
N PRO K 213 -44.63 16.20 14.50
CA PRO K 213 -45.02 14.81 14.28
C PRO K 213 -46.48 14.66 13.87
N ASN K 214 -46.90 13.43 13.64
CA ASN K 214 -48.29 13.09 13.43
C ASN K 214 -48.80 12.36 14.66
N MET K 215 -49.92 12.85 15.20
CA MET K 215 -50.49 12.24 16.39
C MET K 215 -51.98 12.48 16.37
#